data_7MVS
#
_entry.id   7MVS
#
_cell.length_a   93.017
_cell.length_b   93.017
_cell.length_c   406.663
_cell.angle_alpha   90.000
_cell.angle_beta   90.000
_cell.angle_gamma   120.000
#
_symmetry.space_group_name_H-M   'P 61'
#
loop_
_entity.id
_entity.type
_entity.pdbx_description
1 polymer 'DNA gyrase subunit B,DNA gyrase subunit A'
2 polymer "DNA (5'-D(P*AP*GP*CP*CP*GP*TP*AP*GP*GP*GP*CP*CP*CP*TP*AP*CP*GP*GP*CP*T)-3')"
3 non-polymer 'CHLORIDE ION'
4 non-polymer 'MANGANESE (II) ION'
5 non-polymer 'SULFATE ION'
6 non-polymer (1S)-2-[(2r,5S)-5-{[(2,3-dihydro-1,4-benzodioxin-6-yl)methyl]amino}-1,3-dioxan-2-yl]-1-(3-fluoro-6-methoxyquinolin-4-yl)ethan-1-ol
7 water water
#
loop_
_entity_poly.entity_id
_entity_poly.type
_entity_poly.pdbx_seq_one_letter_code
_entity_poly.pdbx_strand_id
1 'polypeptide(L)'
;GMDVASLPGKLADCSSKSPEECEIFLVEGDSAGGSTKSGRDSRTQAILPLRGKILNVEKARLDRILNNNEIRQMITAFGT
GIGGDFDLAKARYHKIVIMTDADVDGAHIRTLLLTFFYRFMRPLIEAGYVYIAQPPTGYKGLGEMNADQLWETTMNPEHR
ALLQVKLEDAIEADQTFEMLMGDVVENRRQFIEDNAVYANLDFAELPQSRINERNITSEMRESFLDYAMSVIVARALPDV
RDGLKPVHRRILYGLNEQGMTPDKSYKKSARIVGDVMGKYHPHGDSSIYEAMVRMAQDFSYRYPLVDGQGNFGSMDGDGA
AAMRFTEARMTKITLELLRDINKDTIDFIDNYDGNEREPSVLPARFPNLLANGASGIAVGMATNIPPHNLTELINGVLSL
SKNPDISIAELMEDIEGPDFPTAGLILGKSGIRRAYETGRGSIQMRSRAVIEERGGGRQRIVVTEIPFQVNKARMIEKIA
ELVRDKKIDGITDLRDETSLRTGVRVVIDVRKDANASVILNNLYKQTPLQTSFGVNMIALVNGRPKLINLKEALVHYLEH
QKTVVRRRTQYNLRKAKDRAHILEGLRIALDHIDEIISTIRESDTDKVAMESLQQRFKLSEKQAQAILDMRLRRLTGLER
DKIEAEYNELLNYISELETILADEEVLLQLVRDELTEIRDRFGDDRRTEIQLG
;
A,B
2 'polydeoxyribonucleotide' (DA)(DG)(DC)(DC)(DG)(DT)(DA)(DG)(DG)(DG)(DC)(DC)(DC)(DT)(DA)(DC)(DG)(DG)(DC)(DT) C,D
#
loop_
_chem_comp.id
_chem_comp.type
_chem_comp.name
_chem_comp.formula
CL non-polymer 'CHLORIDE ION' 'Cl -1'
DA DNA linking 2'-DEOXYADENOSINE-5'-MONOPHOSPHATE 'C10 H14 N5 O6 P'
DC DNA linking 2'-DEOXYCYTIDINE-5'-MONOPHOSPHATE 'C9 H14 N3 O7 P'
DG DNA linking 2'-DEOXYGUANOSINE-5'-MONOPHOSPHATE 'C10 H14 N5 O7 P'
DT DNA linking THYMIDINE-5'-MONOPHOSPHATE 'C10 H15 N2 O8 P'
MN non-polymer 'MANGANESE (II) ION' 'Mn 2'
SO4 non-polymer 'SULFATE ION' 'O4 S -2'
Y1W non-polymer (1S)-2-[(2r,5S)-5-{[(2,3-dihydro-1,4-benzodioxin-6-yl)methyl]amino}-1,3-dioxan-2-yl]-1-(3-fluoro-6-methoxyquinolin-4-yl)ethan-1-ol 'C25 H27 F N2 O6'
#
# COMPACT_ATOMS: atom_id res chain seq x y z
N GLY A 9 20.96 13.25 -19.04
CA GLY A 9 20.00 13.21 -17.95
C GLY A 9 18.69 12.50 -18.28
N LYS A 10 17.63 12.84 -17.54
CA LYS A 10 16.33 12.23 -17.77
C LYS A 10 15.76 12.55 -19.14
N LEU A 11 16.24 13.59 -19.80
CA LEU A 11 15.75 13.95 -21.12
C LEU A 11 15.87 12.77 -22.09
N ALA A 12 14.78 12.48 -22.77
CA ALA A 12 14.73 11.47 -23.83
C ALA A 12 14.54 12.20 -25.14
N ASP A 13 15.64 12.72 -25.70
CA ASP A 13 15.57 13.54 -26.89
C ASP A 13 15.08 12.71 -28.08
N CYS A 14 14.76 13.41 -29.17
CA CYS A 14 14.30 12.78 -30.39
C CYS A 14 15.43 12.70 -31.41
N SER A 15 15.17 11.98 -32.51
CA SER A 15 16.20 11.76 -33.52
C SER A 15 16.46 13.01 -34.34
N SER A 16 15.41 13.59 -34.92
CA SER A 16 15.57 14.78 -35.75
C SER A 16 16.23 15.91 -34.97
N LYS A 17 16.94 16.77 -35.69
CA LYS A 17 17.61 17.92 -35.10
C LYS A 17 17.17 19.22 -35.78
N SER A 18 15.93 19.25 -36.26
CA SER A 18 15.37 20.43 -36.91
C SER A 18 14.33 21.05 -35.99
N PRO A 19 14.67 22.07 -35.20
CA PRO A 19 13.72 22.58 -34.19
C PRO A 19 12.36 22.98 -34.75
N GLU A 20 12.28 23.36 -36.03
CA GLU A 20 11.00 23.82 -36.58
C GLU A 20 9.91 22.76 -36.44
N GLU A 21 10.27 21.48 -36.56
CA GLU A 21 9.32 20.38 -36.48
C GLU A 21 9.48 19.53 -35.23
N CYS A 22 10.43 19.87 -34.36
CA CYS A 22 10.60 19.17 -33.09
C CYS A 22 9.73 19.81 -32.02
N GLU A 23 9.45 19.04 -30.97
CA GLU A 23 8.62 19.50 -29.87
C GLU A 23 8.92 18.65 -28.64
N ILE A 24 9.07 19.30 -27.49
CA ILE A 24 9.42 18.63 -26.24
C ILE A 24 8.22 18.68 -25.31
N PHE A 25 7.92 17.56 -24.67
CA PHE A 25 6.82 17.46 -23.73
C PHE A 25 7.38 17.40 -22.31
N LEU A 26 6.77 18.17 -21.41
CA LEU A 26 7.15 18.23 -20.01
C LEU A 26 6.08 17.51 -19.19
N VAL A 27 6.49 16.49 -18.45
CA VAL A 27 5.58 15.71 -17.62
C VAL A 27 6.04 15.81 -16.18
N GLU A 28 5.16 15.39 -15.26
CA GLU A 28 5.42 15.58 -13.84
C GLU A 28 6.50 14.64 -13.32
N GLY A 29 6.60 13.44 -13.87
CA GLY A 29 7.57 12.49 -13.38
C GLY A 29 7.71 11.30 -14.32
N ASP A 30 8.43 10.29 -13.82
CA ASP A 30 8.72 9.12 -14.64
C ASP A 30 7.49 8.25 -14.86
N SER A 31 6.58 8.20 -13.89
CA SER A 31 5.36 7.41 -14.08
C SER A 31 4.62 7.86 -15.33
N ALA A 32 4.65 9.15 -15.63
CA ALA A 32 4.09 9.65 -16.87
C ALA A 32 5.08 9.57 -18.02
N GLY A 33 6.37 9.78 -17.73
CA GLY A 33 7.37 9.69 -18.77
C GLY A 33 7.40 8.34 -19.46
N GLY A 34 6.99 7.29 -18.76
CA GLY A 34 6.93 5.98 -19.36
C GLY A 34 5.89 5.93 -20.45
N SER A 35 4.64 6.24 -20.11
CA SER A 35 3.58 6.25 -21.12
C SER A 35 3.89 7.21 -22.25
N THR A 36 4.46 8.37 -21.92
CA THR A 36 4.77 9.37 -22.94
C THR A 36 5.86 8.88 -23.88
N LYS A 37 6.88 8.22 -23.34
N LYS A 37 6.89 8.22 -23.33
CA LYS A 37 7.98 7.73 -24.17
CA LYS A 37 7.98 7.74 -24.16
C LYS A 37 7.56 6.51 -24.97
C LYS A 37 7.58 6.51 -24.97
N SER A 38 6.60 5.74 -24.47
CA SER A 38 6.14 4.57 -25.19
C SER A 38 5.15 4.92 -26.29
N GLY A 39 4.38 5.99 -26.12
CA GLY A 39 3.36 6.35 -27.09
C GLY A 39 3.77 7.46 -28.03
N ARG A 40 4.87 8.15 -27.71
CA ARG A 40 5.28 9.29 -28.52
C ARG A 40 5.67 8.87 -29.93
N ASP A 41 6.06 9.85 -30.74
CA ASP A 41 6.75 9.61 -32.01
C ASP A 41 8.18 10.06 -31.78
N SER A 42 9.09 9.08 -31.62
CA SER A 42 10.46 9.38 -31.21
C SER A 42 11.25 10.16 -32.26
N ARG A 43 10.67 10.45 -33.42
N ARG A 43 10.66 10.45 -33.41
CA ARG A 43 11.41 11.19 -34.43
CA ARG A 43 11.37 11.17 -34.46
C ARG A 43 11.36 12.69 -34.19
C ARG A 43 11.33 12.68 -34.26
N THR A 44 10.22 13.21 -33.74
CA THR A 44 10.04 14.65 -33.59
C THR A 44 9.47 15.06 -32.24
N GLN A 45 9.39 14.15 -31.27
CA GLN A 45 8.80 14.43 -29.97
C GLN A 45 9.77 14.01 -28.88
N ALA A 46 10.31 15.00 -28.16
CA ALA A 46 11.18 14.77 -27.01
C ALA A 46 10.36 14.82 -25.73
N ILE A 47 10.95 14.28 -24.66
CA ILE A 47 10.26 14.18 -23.37
C ILE A 47 11.23 14.54 -22.26
N LEU A 48 10.81 15.44 -21.38
CA LEU A 48 11.60 15.81 -20.20
C LEU A 48 10.75 15.59 -18.96
N PRO A 49 10.96 14.49 -18.23
CA PRO A 49 10.24 14.30 -16.96
C PRO A 49 10.87 15.13 -15.85
N LEU A 50 10.03 15.86 -15.11
CA LEU A 50 10.48 16.67 -13.99
C LEU A 50 10.43 15.83 -12.72
N ARG A 51 10.35 16.47 -11.55
CA ARG A 51 10.31 15.80 -10.26
C ARG A 51 9.26 16.46 -9.36
N GLY A 52 8.00 16.39 -9.79
CA GLY A 52 6.95 16.96 -8.98
C GLY A 52 6.96 18.47 -9.02
N LYS A 53 6.63 19.09 -7.89
CA LYS A 53 6.59 20.54 -7.82
C LYS A 53 7.98 21.11 -8.08
N ILE A 54 8.07 22.05 -9.03
CA ILE A 54 9.32 22.73 -9.31
C ILE A 54 9.39 23.99 -8.46
N LEU A 55 10.51 24.69 -8.53
CA LEU A 55 10.72 25.88 -7.70
C LEU A 55 9.86 27.03 -8.20
N ASN A 56 9.35 27.83 -7.26
CA ASN A 56 8.61 29.04 -7.58
C ASN A 56 9.62 30.17 -7.71
N VAL A 57 9.95 30.52 -8.96
CA VAL A 57 10.99 31.52 -9.20
C VAL A 57 10.54 32.90 -8.73
N GLU A 58 9.23 33.15 -8.72
CA GLU A 58 8.73 34.45 -8.29
C GLU A 58 9.05 34.72 -6.82
N LYS A 59 9.32 33.68 -6.04
CA LYS A 59 9.65 33.81 -4.63
C LYS A 59 11.11 33.54 -4.31
N ALA A 60 11.76 32.65 -5.05
CA ALA A 60 13.14 32.27 -4.75
C ALA A 60 14.13 33.24 -5.37
N ARG A 61 15.31 33.31 -4.78
CA ARG A 61 16.38 34.15 -5.27
C ARG A 61 17.19 33.41 -6.33
N LEU A 62 17.98 34.20 -7.09
CA LEU A 62 18.62 33.65 -8.28
C LEU A 62 19.59 32.51 -7.94
N ASP A 63 20.34 32.64 -6.84
CA ASP A 63 21.26 31.58 -6.47
C ASP A 63 20.53 30.25 -6.27
N ARG A 64 19.35 30.31 -5.66
CA ARG A 64 18.56 29.09 -5.44
C ARG A 64 18.02 28.55 -6.75
N ILE A 65 17.63 29.43 -7.67
CA ILE A 65 17.05 28.99 -8.95
C ILE A 65 18.12 28.32 -9.81
N LEU A 66 19.28 28.95 -9.93
CA LEU A 66 20.33 28.43 -10.81
C LEU A 66 21.00 27.17 -10.27
N ASN A 67 20.62 26.69 -9.09
CA ASN A 67 21.14 25.44 -8.57
C ASN A 67 20.05 24.37 -8.47
N ASN A 68 18.86 24.64 -8.99
CA ASN A 68 17.80 23.65 -9.00
C ASN A 68 17.99 22.69 -10.16
N ASN A 69 17.91 21.39 -9.89
N ASN A 69 17.89 21.39 -9.88
CA ASN A 69 18.18 20.38 -10.90
CA ASN A 69 18.18 20.38 -10.90
C ASN A 69 17.19 20.47 -12.06
C ASN A 69 17.20 20.48 -12.05
N GLU A 70 15.90 20.59 -11.75
CA GLU A 70 14.89 20.63 -12.81
C GLU A 70 15.03 21.89 -13.66
N ILE A 71 15.25 23.04 -13.02
CA ILE A 71 15.45 24.27 -13.79
C ILE A 71 16.61 24.10 -14.76
N ARG A 72 17.77 23.68 -14.23
CA ARG A 72 18.95 23.54 -15.07
C ARG A 72 18.71 22.54 -16.20
N GLN A 73 17.98 21.46 -15.92
CA GLN A 73 17.69 20.49 -16.97
C GLN A 73 16.80 21.09 -18.04
N MET A 74 15.85 21.94 -17.66
CA MET A 74 15.02 22.60 -18.67
C MET A 74 15.85 23.55 -19.51
N ILE A 75 16.70 24.35 -18.86
CA ILE A 75 17.56 25.27 -19.61
C ILE A 75 18.42 24.50 -20.61
N THR A 76 19.06 23.42 -20.15
CA THR A 76 19.86 22.59 -21.03
C THR A 76 19.03 22.08 -22.20
N ALA A 77 17.83 21.55 -21.91
CA ALA A 77 16.99 21.00 -22.97
C ALA A 77 16.61 22.06 -23.98
N PHE A 78 16.40 23.30 -23.55
CA PHE A 78 15.99 24.35 -24.49
C PHE A 78 17.19 24.97 -25.19
N GLY A 79 18.32 25.09 -24.48
CA GLY A 79 19.52 25.63 -25.09
C GLY A 79 19.41 27.06 -25.57
N THR A 80 18.53 27.85 -24.95
CA THR A 80 18.32 29.24 -25.34
C THR A 80 18.92 30.24 -24.38
N GLY A 81 19.33 29.81 -23.19
CA GLY A 81 19.79 30.74 -22.16
C GLY A 81 18.63 31.30 -21.37
N ILE A 82 18.95 32.26 -20.51
CA ILE A 82 17.98 32.87 -19.62
C ILE A 82 18.32 34.33 -19.44
N GLY A 83 17.33 35.12 -19.02
CA GLY A 83 17.54 36.54 -18.78
C GLY A 83 17.89 37.28 -20.06
N GLY A 84 18.90 38.15 -19.95
CA GLY A 84 19.36 38.90 -21.11
C GLY A 84 20.10 38.05 -22.13
N ASP A 85 20.65 36.92 -21.73
CA ASP A 85 21.35 36.02 -22.63
C ASP A 85 20.43 35.10 -23.41
N PHE A 86 19.13 35.36 -23.40
CA PHE A 86 18.19 34.52 -24.14
C PHE A 86 18.33 34.77 -25.63
N ASP A 87 18.32 33.69 -26.40
CA ASP A 87 18.43 33.76 -27.86
C ASP A 87 17.43 32.77 -28.46
N LEU A 88 16.39 33.30 -29.10
CA LEU A 88 15.35 32.43 -29.65
C LEU A 88 15.89 31.55 -30.77
N ALA A 89 16.93 31.99 -31.47
CA ALA A 89 17.45 31.21 -32.59
C ALA A 89 18.11 29.92 -32.12
N LYS A 90 18.60 29.87 -30.88
CA LYS A 90 19.24 28.68 -30.34
C LYS A 90 18.24 27.69 -29.73
N ALA A 91 16.95 27.85 -30.01
CA ALA A 91 15.95 26.96 -29.44
C ALA A 91 15.99 25.61 -30.15
N ARG A 92 16.13 24.54 -29.37
CA ARG A 92 16.16 23.19 -29.92
C ARG A 92 14.77 22.66 -30.25
N TYR A 93 13.72 23.34 -29.82
CA TYR A 93 12.35 22.96 -30.14
C TYR A 93 11.53 24.22 -30.39
N HIS A 94 10.52 24.10 -31.25
CA HIS A 94 9.60 25.19 -31.51
C HIS A 94 8.28 25.03 -30.77
N LYS A 95 8.09 23.93 -30.06
CA LYS A 95 6.91 23.74 -29.22
C LYS A 95 7.35 23.14 -27.90
N ILE A 96 7.15 23.88 -26.82
CA ILE A 96 7.39 23.38 -25.47
C ILE A 96 6.01 23.09 -24.88
N VAL A 97 5.65 21.81 -24.86
CA VAL A 97 4.30 21.39 -24.50
C VAL A 97 4.28 21.04 -23.00
N ILE A 98 3.51 21.80 -22.24
CA ILE A 98 3.28 21.47 -20.84
C ILE A 98 2.17 20.43 -20.76
N MET A 99 2.48 19.25 -20.22
CA MET A 99 1.54 18.14 -20.15
C MET A 99 1.58 17.53 -18.75
N THR A 100 1.22 18.32 -17.75
CA THR A 100 1.10 17.82 -16.40
C THR A 100 -0.15 16.95 -16.28
N ASP A 101 -0.30 16.31 -15.12
CA ASP A 101 -1.46 15.48 -14.87
C ASP A 101 -2.73 16.33 -14.84
N ALA A 102 -3.85 15.72 -15.24
CA ALA A 102 -5.14 16.41 -15.28
C ALA A 102 -5.75 16.42 -13.87
N ASP A 103 -5.10 17.16 -12.97
CA ASP A 103 -5.58 17.34 -11.61
C ASP A 103 -5.19 18.73 -11.13
N VAL A 104 -5.55 19.02 -9.88
CA VAL A 104 -5.29 20.34 -9.31
C VAL A 104 -3.78 20.55 -9.12
N ASP A 105 -3.06 19.50 -8.72
CA ASP A 105 -1.62 19.61 -8.56
C ASP A 105 -0.93 19.81 -9.90
N GLY A 106 -1.45 19.18 -10.96
CA GLY A 106 -0.94 19.46 -12.29
C GLY A 106 -1.18 20.89 -12.71
N ALA A 107 -2.30 21.47 -12.28
CA ALA A 107 -2.55 22.89 -12.53
C ALA A 107 -1.54 23.75 -11.78
N HIS A 108 -1.29 23.44 -10.51
CA HIS A 108 -0.28 24.17 -9.77
C HIS A 108 1.07 24.11 -10.49
N ILE A 109 1.51 22.89 -10.81
CA ILE A 109 2.76 22.74 -11.56
C ILE A 109 2.73 23.58 -12.83
N ARG A 110 1.59 23.60 -13.51
CA ARG A 110 1.49 24.38 -14.74
C ARG A 110 1.73 25.86 -14.46
N THR A 111 1.16 26.38 -13.37
CA THR A 111 1.38 27.79 -13.04
C THR A 111 2.84 28.05 -12.70
N LEU A 112 3.50 27.11 -12.02
CA LEU A 112 4.91 27.27 -11.71
C LEU A 112 5.75 27.32 -13.00
N LEU A 113 5.54 26.35 -13.89
CA LEU A 113 6.26 26.33 -15.15
C LEU A 113 6.05 27.63 -15.92
N LEU A 114 4.78 28.04 -16.07
CA LEU A 114 4.50 29.29 -16.76
C LEU A 114 5.22 30.46 -16.10
N THR A 115 5.27 30.47 -14.76
CA THR A 115 6.01 31.53 -14.07
C THR A 115 7.47 31.55 -14.49
N PHE A 116 8.12 30.38 -14.45
CA PHE A 116 9.52 30.30 -14.86
C PHE A 116 9.70 30.82 -16.27
N PHE A 117 8.92 30.29 -17.22
CA PHE A 117 9.06 30.73 -18.60
C PHE A 117 8.87 32.24 -18.72
N TYR A 118 7.95 32.80 -17.93
CA TYR A 118 7.65 34.22 -18.09
C TYR A 118 8.76 35.10 -17.52
N ARG A 119 9.42 34.64 -16.45
N ARG A 119 9.42 34.66 -16.44
CA ARG A 119 10.45 35.45 -15.80
CA ARG A 119 10.46 35.47 -15.83
C ARG A 119 11.86 35.18 -16.33
C ARG A 119 11.85 35.22 -16.38
N PHE A 120 12.06 34.11 -17.10
CA PHE A 120 13.38 33.80 -17.64
C PHE A 120 13.40 33.45 -19.13
N MET A 121 12.25 33.34 -19.78
CA MET A 121 12.22 33.00 -21.20
C MET A 121 11.01 33.64 -21.88
N ARG A 122 10.71 34.88 -21.51
CA ARG A 122 9.55 35.57 -22.06
C ARG A 122 9.50 35.56 -23.58
N PRO A 123 10.59 35.82 -24.30
CA PRO A 123 10.49 35.77 -25.78
C PRO A 123 9.99 34.44 -26.29
N LEU A 124 10.24 33.35 -25.55
CA LEU A 124 9.72 32.05 -25.95
C LEU A 124 8.20 32.05 -25.93
N ILE A 125 7.60 32.78 -24.98
CA ILE A 125 6.14 32.90 -24.95
C ILE A 125 5.66 33.90 -25.99
N GLU A 126 6.41 34.97 -26.22
CA GLU A 126 6.01 35.97 -27.21
C GLU A 126 6.02 35.37 -28.61
N ALA A 127 6.96 34.48 -28.89
CA ALA A 127 7.04 33.81 -30.19
C ALA A 127 6.03 32.68 -30.32
N GLY A 128 5.29 32.37 -29.26
CA GLY A 128 4.27 31.33 -29.34
C GLY A 128 4.82 29.92 -29.31
N TYR A 129 5.97 29.70 -28.69
CA TYR A 129 6.56 28.38 -28.63
C TYR A 129 6.06 27.55 -27.45
N VAL A 130 5.36 28.15 -26.51
CA VAL A 130 4.88 27.45 -25.32
C VAL A 130 3.44 27.02 -25.55
N TYR A 131 3.17 25.73 -25.37
CA TYR A 131 1.85 25.17 -25.56
C TYR A 131 1.45 24.40 -24.31
N ILE A 132 0.17 24.03 -24.25
CA ILE A 132 -0.40 23.30 -23.12
C ILE A 132 -1.17 22.12 -23.67
N ALA A 133 -0.80 20.91 -23.25
CA ALA A 133 -1.52 19.71 -23.63
C ALA A 133 -2.77 19.56 -22.77
N GLN A 134 -3.75 18.84 -23.31
CA GLN A 134 -5.05 18.66 -22.67
C GLN A 134 -5.37 17.17 -22.58
N PRO A 135 -4.70 16.44 -21.67
CA PRO A 135 -5.01 15.03 -21.51
C PRO A 135 -6.40 14.85 -20.94
N PRO A 136 -7.06 13.73 -21.24
CA PRO A 136 -8.42 13.52 -20.74
C PRO A 136 -8.47 13.43 -19.23
N THR A 137 -9.64 13.73 -18.68
CA THR A 137 -9.87 13.65 -17.25
C THR A 137 -10.27 12.23 -16.86
N GLY A 138 -10.23 11.97 -15.56
CA GLY A 138 -10.56 10.67 -15.01
C GLY A 138 -9.38 9.82 -14.61
N TYR A 139 -8.16 10.29 -14.86
CA TYR A 139 -6.94 9.56 -14.50
C TYR A 139 -6.20 10.31 -13.41
N LYS A 140 -5.73 9.58 -12.39
CA LYS A 140 -4.90 10.19 -11.36
C LYS A 140 -3.65 10.81 -11.96
N GLY A 141 -3.15 10.23 -13.04
CA GLY A 141 -2.01 10.77 -13.74
C GLY A 141 -1.87 10.09 -15.08
N LEU A 142 -0.93 10.59 -15.88
CA LEU A 142 -0.67 9.97 -17.17
C LEU A 142 -0.12 8.56 -17.02
N GLY A 143 0.52 8.26 -15.88
CA GLY A 143 0.98 6.91 -15.61
C GLY A 143 -0.12 5.88 -15.49
N GLU A 144 -1.38 6.33 -15.39
CA GLU A 144 -2.52 5.43 -15.36
C GLU A 144 -3.09 5.16 -16.75
N MET A 145 -2.73 5.97 -17.74
CA MET A 145 -3.18 5.76 -19.11
C MET A 145 -2.25 4.80 -19.84
N ASN A 146 -2.79 4.11 -20.83
CA ASN A 146 -1.97 3.30 -21.72
C ASN A 146 -1.34 4.19 -22.79
N ALA A 147 -0.22 3.72 -23.33
CA ALA A 147 0.55 4.52 -24.29
C ALA A 147 -0.29 4.88 -25.51
N ASP A 148 -1.00 3.90 -26.07
CA ASP A 148 -1.81 4.16 -27.26
C ASP A 148 -2.88 5.20 -26.99
N GLN A 149 -3.51 5.14 -25.82
CA GLN A 149 -4.53 6.12 -25.47
C GLN A 149 -3.93 7.52 -25.41
N LEU A 150 -2.84 7.68 -24.64
CA LEU A 150 -2.20 8.98 -24.53
C LEU A 150 -1.79 9.52 -25.89
N TRP A 151 -1.26 8.66 -26.76
CA TRP A 151 -0.85 9.10 -28.09
C TRP A 151 -2.04 9.57 -28.91
N GLU A 152 -3.11 8.77 -28.92
CA GLU A 152 -4.25 9.09 -29.77
C GLU A 152 -5.01 10.32 -29.28
N THR A 153 -5.06 10.53 -27.97
CA THR A 153 -5.89 11.59 -27.41
C THR A 153 -5.15 12.89 -27.11
N THR A 154 -3.82 12.85 -27.02
CA THR A 154 -3.06 14.01 -26.56
C THR A 154 -1.85 14.34 -27.42
N MET A 155 -1.13 13.34 -27.91
CA MET A 155 0.13 13.59 -28.61
C MET A 155 0.02 13.51 -30.12
N ASN A 156 -0.87 12.68 -30.65
CA ASN A 156 -0.99 12.54 -32.09
C ASN A 156 -1.35 13.88 -32.72
N PRO A 157 -0.50 14.46 -33.57
CA PRO A 157 -0.83 15.77 -34.16
C PRO A 157 -2.12 15.78 -34.96
N GLU A 158 -2.56 14.64 -35.48
CA GLU A 158 -3.76 14.61 -36.31
C GLU A 158 -5.05 14.64 -35.52
N HIS A 159 -5.00 14.55 -34.19
CA HIS A 159 -6.20 14.62 -33.37
C HIS A 159 -6.05 15.42 -32.09
N ARG A 160 -4.83 15.71 -31.63
CA ARG A 160 -4.66 16.40 -30.37
C ARG A 160 -5.27 17.81 -30.44
N ALA A 161 -5.47 18.40 -29.27
CA ALA A 161 -6.03 19.75 -29.13
C ALA A 161 -5.11 20.55 -28.22
N LEU A 162 -4.15 21.25 -28.82
CA LEU A 162 -3.22 22.06 -28.05
C LEU A 162 -3.73 23.49 -27.89
N LEU A 163 -3.27 24.12 -26.81
CA LEU A 163 -3.53 25.52 -26.52
C LEU A 163 -2.20 26.27 -26.63
N GLN A 164 -2.16 27.28 -27.48
CA GLN A 164 -0.96 28.10 -27.63
C GLN A 164 -1.03 29.29 -26.68
N VAL A 165 -0.03 29.43 -25.83
CA VAL A 165 -0.01 30.52 -24.86
C VAL A 165 0.29 31.82 -25.59
N LYS A 166 -0.59 32.81 -25.43
CA LYS A 166 -0.42 34.13 -26.04
C LYS A 166 -0.32 35.18 -24.94
N LEU A 167 0.64 36.08 -25.09
CA LEU A 167 0.84 37.19 -24.15
C LEU A 167 0.31 38.47 -24.80
N GLU A 168 -0.80 38.97 -24.28
CA GLU A 168 -1.40 40.19 -24.81
C GLU A 168 -0.91 41.41 -24.04
N ASP A 169 -1.47 41.64 -22.85
CA ASP A 169 -1.10 42.78 -22.02
C ASP A 169 0.05 42.36 -21.10
N ALA A 170 1.22 42.96 -21.30
CA ALA A 170 2.39 42.60 -20.49
C ALA A 170 2.29 43.16 -19.08
N ILE A 171 1.64 44.31 -18.92
CA ILE A 171 1.51 44.90 -17.59
C ILE A 171 0.57 44.05 -16.74
N GLU A 172 -0.61 43.72 -17.28
CA GLU A 172 -1.54 42.86 -16.55
C GLU A 172 -0.93 41.50 -16.28
N ALA A 173 -0.07 41.02 -17.19
CA ALA A 173 0.62 39.75 -16.94
C ALA A 173 1.57 39.88 -15.75
N ASP A 174 2.41 40.93 -15.76
N ASP A 174 2.40 40.92 -15.74
CA ASP A 174 3.30 41.14 -14.63
CA ASP A 174 3.30 41.14 -14.63
C ASP A 174 2.53 41.20 -13.32
C ASP A 174 2.54 41.21 -13.31
N GLN A 175 1.52 42.07 -13.25
CA GLN A 175 0.72 42.19 -12.04
C GLN A 175 0.11 40.86 -11.66
N THR A 176 -0.28 40.06 -12.65
CA THR A 176 -0.92 38.77 -12.36
C THR A 176 0.07 37.81 -11.72
N PHE A 177 1.26 37.67 -12.33
CA PHE A 177 2.25 36.76 -11.78
C PHE A 177 2.72 37.20 -10.40
N GLU A 178 2.92 38.50 -10.22
CA GLU A 178 3.32 38.99 -8.92
C GLU A 178 2.21 38.79 -7.89
N MET A 179 0.96 38.83 -8.33
CA MET A 179 -0.17 38.69 -7.42
C MET A 179 -0.35 37.25 -6.98
N LEU A 180 -0.40 36.33 -7.94
CA LEU A 180 -0.70 34.93 -7.62
C LEU A 180 0.53 34.19 -7.11
N MET A 181 1.71 34.50 -7.66
CA MET A 181 2.92 33.78 -7.32
C MET A 181 3.87 34.54 -6.42
N GLY A 182 3.68 35.85 -6.27
CA GLY A 182 4.55 36.65 -5.43
C GLY A 182 4.56 36.22 -3.98
N ASP A 183 5.37 36.90 -3.16
CA ASP A 183 5.50 36.55 -1.77
C ASP A 183 4.59 37.36 -0.86
N VAL A 184 3.72 38.21 -1.41
CA VAL A 184 2.72 38.94 -0.63
C VAL A 184 1.46 38.09 -0.59
N VAL A 185 1.13 37.56 0.60
CA VAL A 185 0.00 36.65 0.72
C VAL A 185 -1.31 37.41 0.60
N GLU A 186 -1.39 38.61 1.19
CA GLU A 186 -2.66 39.31 1.26
C GLU A 186 -3.30 39.48 -0.11
N ASN A 187 -2.50 39.85 -1.11
CA ASN A 187 -3.05 40.03 -2.46
C ASN A 187 -3.65 38.73 -2.98
N ARG A 188 -3.00 37.61 -2.68
CA ARG A 188 -3.48 36.31 -3.13
C ARG A 188 -4.78 35.95 -2.42
N ARG A 189 -4.80 36.06 -1.09
CA ARG A 189 -6.02 35.82 -0.33
C ARG A 189 -7.16 36.66 -0.87
N GLN A 190 -6.89 37.93 -1.17
CA GLN A 190 -7.92 38.81 -1.73
C GLN A 190 -8.40 38.30 -3.08
N PHE A 191 -7.47 37.87 -3.94
CA PHE A 191 -7.87 37.31 -5.22
C PHE A 191 -8.81 36.13 -5.04
N ILE A 192 -8.47 35.22 -4.12
CA ILE A 192 -9.32 34.06 -3.86
C ILE A 192 -10.70 34.52 -3.38
N GLU A 193 -10.72 35.38 -2.36
CA GLU A 193 -11.98 35.86 -1.81
C GLU A 193 -12.86 36.46 -2.90
N ASP A 194 -12.25 37.19 -3.84
CA ASP A 194 -13.04 37.86 -4.87
C ASP A 194 -13.47 36.92 -5.99
N ASN A 195 -12.68 35.90 -6.29
CA ASN A 195 -12.97 35.02 -7.42
C ASN A 195 -13.36 33.60 -7.03
N ALA A 196 -13.17 33.20 -5.78
CA ALA A 196 -13.49 31.84 -5.38
C ALA A 196 -14.99 31.60 -5.47
N VAL A 197 -15.38 30.55 -6.19
CA VAL A 197 -16.79 30.19 -6.33
C VAL A 197 -17.05 28.91 -5.54
N TYR A 198 -17.21 29.03 -4.23
CA TYR A 198 -17.43 27.87 -3.39
C TYR A 198 -18.80 27.26 -3.64
N ALA A 199 -18.85 25.93 -3.74
CA ALA A 199 -20.10 25.23 -3.99
C ALA A 199 -20.88 25.05 -2.69
N ARG A 210 -6.95 21.87 -34.71
CA ARG A 210 -7.57 22.26 -33.44
C ARG A 210 -6.51 22.79 -32.47
N ILE A 211 -6.08 24.04 -32.69
CA ILE A 211 -5.05 24.66 -31.87
C ILE A 211 -5.60 25.97 -31.32
N ASN A 212 -6.34 25.93 -30.22
CA ASN A 212 -6.92 27.16 -29.70
C ASN A 212 -5.87 27.99 -28.97
N GLU A 213 -6.06 29.31 -29.00
CA GLU A 213 -5.18 30.20 -28.27
C GLU A 213 -5.66 30.36 -26.84
N ARG A 214 -4.71 30.63 -25.94
CA ARG A 214 -4.99 30.72 -24.51
C ARG A 214 -4.20 31.87 -23.92
N ASN A 215 -4.90 32.83 -23.32
CA ASN A 215 -4.24 33.98 -22.71
C ASN A 215 -3.56 33.54 -21.43
N ILE A 216 -2.28 33.89 -21.30
CA ILE A 216 -1.50 33.44 -20.14
C ILE A 216 -2.12 33.93 -18.84
N THR A 217 -2.69 35.13 -18.86
CA THR A 217 -3.32 35.65 -17.64
C THR A 217 -4.53 34.79 -17.24
N SER A 218 -5.40 34.50 -18.21
CA SER A 218 -6.55 33.65 -17.93
C SER A 218 -6.12 32.28 -17.42
N GLU A 219 -5.06 31.72 -17.99
CA GLU A 219 -4.58 30.41 -17.56
C GLU A 219 -4.05 30.46 -16.13
N MET A 220 -3.25 31.49 -15.81
CA MET A 220 -2.72 31.61 -14.45
C MET A 220 -3.83 31.78 -13.43
N ARG A 221 -4.79 32.66 -13.73
N ARG A 221 -4.79 32.67 -13.72
CA ARG A 221 -5.88 32.92 -12.78
CA ARG A 221 -5.89 32.93 -12.79
C ARG A 221 -6.75 31.69 -12.60
C ARG A 221 -6.75 31.68 -12.61
N GLU A 222 -7.16 31.06 -13.71
CA GLU A 222 -8.05 29.90 -13.62
C GLU A 222 -7.37 28.72 -12.95
N SER A 223 -6.17 28.34 -13.43
CA SER A 223 -5.47 27.20 -12.84
C SER A 223 -5.15 27.46 -11.37
N PHE A 224 -4.49 28.58 -11.08
CA PHE A 224 -4.13 28.84 -9.70
C PHE A 224 -5.35 28.94 -8.80
N LEU A 225 -6.47 29.46 -9.30
CA LEU A 225 -7.69 29.50 -8.50
C LEU A 225 -8.21 28.08 -8.25
N ASP A 226 -8.12 27.20 -9.25
N ASP A 226 -8.12 27.20 -9.24
CA ASP A 226 -8.52 25.81 -9.06
CA ASP A 226 -8.51 25.81 -9.07
C ASP A 226 -7.71 25.16 -7.95
C ASP A 226 -7.71 25.15 -7.95
N TYR A 227 -6.38 25.21 -8.06
CA TYR A 227 -5.54 24.63 -7.02
C TYR A 227 -5.82 25.27 -5.66
N ALA A 228 -5.96 26.59 -5.62
CA ALA A 228 -6.18 27.27 -4.35
C ALA A 228 -7.45 26.78 -3.69
N MET A 229 -8.57 26.81 -4.42
CA MET A 229 -9.82 26.31 -3.89
C MET A 229 -9.67 24.87 -3.41
N SER A 230 -9.07 24.01 -4.23
CA SER A 230 -8.94 22.61 -3.84
C SER A 230 -8.15 22.46 -2.54
N VAL A 231 -7.11 23.27 -2.36
CA VAL A 231 -6.32 23.14 -1.14
C VAL A 231 -7.08 23.68 0.06
N ILE A 232 -7.88 24.72 -0.15
CA ILE A 232 -8.62 25.33 0.96
C ILE A 232 -9.73 24.39 1.43
N VAL A 233 -10.58 23.93 0.52
CA VAL A 233 -11.78 23.19 0.90
C VAL A 233 -11.58 21.69 0.92
N ALA A 234 -10.47 21.17 0.36
CA ALA A 234 -10.34 19.73 0.17
C ALA A 234 -8.93 19.24 0.47
N ARG A 235 -8.24 19.86 1.43
CA ARG A 235 -6.93 19.36 1.82
C ARG A 235 -6.47 19.87 3.19
N ALA A 236 -6.19 21.16 3.29
CA ALA A 236 -5.48 21.70 4.44
C ALA A 236 -6.38 22.12 5.59
N LEU A 237 -7.62 22.54 5.33
CA LEU A 237 -8.42 23.12 6.39
C LEU A 237 -9.51 22.18 6.87
N PRO A 238 -9.79 22.15 8.17
CA PRO A 238 -10.82 21.24 8.69
C PRO A 238 -12.22 21.83 8.63
N ASP A 239 -13.20 20.95 8.76
CA ASP A 239 -14.60 21.33 8.83
C ASP A 239 -14.96 21.58 10.29
N VAL A 240 -15.66 22.68 10.55
CA VAL A 240 -15.98 23.05 11.93
C VAL A 240 -16.83 22.00 12.62
N ARG A 241 -17.57 21.19 11.86
CA ARG A 241 -18.52 20.25 12.46
C ARG A 241 -17.81 19.06 13.10
N ASP A 242 -16.95 18.38 12.35
CA ASP A 242 -16.21 17.23 12.86
C ASP A 242 -14.73 17.51 13.07
N GLY A 243 -14.25 18.69 12.72
CA GLY A 243 -12.86 19.06 12.95
C GLY A 243 -11.85 18.19 12.24
N LEU A 244 -12.24 17.60 11.12
CA LEU A 244 -11.38 16.69 10.38
C LEU A 244 -11.07 17.25 9.00
N LYS A 245 -9.90 16.92 8.50
CA LYS A 245 -9.58 17.17 7.11
C LYS A 245 -9.97 15.98 6.26
N PRO A 246 -10.11 16.15 4.95
CA PRO A 246 -10.55 15.03 4.10
C PRO A 246 -9.74 13.75 4.29
N VAL A 247 -8.44 13.85 4.52
CA VAL A 247 -7.63 12.63 4.64
C VAL A 247 -7.94 11.91 5.93
N HIS A 248 -8.09 12.64 7.04
CA HIS A 248 -8.41 11.98 8.30
C HIS A 248 -9.81 11.37 8.27
N ARG A 249 -10.78 12.12 7.72
CA ARG A 249 -12.13 11.59 7.61
C ARG A 249 -12.15 10.33 6.75
N ARG A 250 -11.50 10.38 5.58
CA ARG A 250 -11.46 9.21 4.71
C ARG A 250 -10.74 8.04 5.35
N ILE A 251 -9.71 8.30 6.16
CA ILE A 251 -9.05 7.22 6.89
C ILE A 251 -10.01 6.58 7.87
N LEU A 252 -10.59 7.38 8.76
CA LEU A 252 -11.49 6.83 9.78
C LEU A 252 -12.63 6.05 9.14
N TYR A 253 -13.25 6.63 8.12
CA TYR A 253 -14.29 5.92 7.39
C TYR A 253 -13.74 4.61 6.84
N GLY A 254 -12.51 4.62 6.34
CA GLY A 254 -11.89 3.40 5.87
C GLY A 254 -11.77 2.35 6.96
N LEU A 255 -11.42 2.77 8.17
CA LEU A 255 -11.37 1.85 9.30
C LEU A 255 -12.75 1.39 9.71
N ASN A 256 -13.79 2.14 9.35
CA ASN A 256 -15.15 1.76 9.73
C ASN A 256 -15.77 0.78 8.74
N GLU A 257 -15.53 0.97 7.44
CA GLU A 257 -16.13 0.10 6.44
C GLU A 257 -15.65 -1.33 6.56
N GLN A 258 -14.48 -1.55 7.17
CA GLN A 258 -13.99 -2.89 7.45
C GLN A 258 -14.16 -3.27 8.92
N GLY A 259 -14.91 -2.48 9.68
CA GLY A 259 -15.19 -2.81 11.07
C GLY A 259 -13.96 -2.96 11.93
N MET A 260 -12.87 -2.25 11.59
CA MET A 260 -11.63 -2.35 12.35
C MET A 260 -11.79 -1.58 13.67
N THR A 261 -12.68 -2.09 14.50
CA THR A 261 -13.05 -1.46 15.77
C THR A 261 -12.11 -1.93 16.87
N PRO A 262 -12.11 -1.23 18.02
CA PRO A 262 -11.21 -1.63 19.11
C PRO A 262 -11.44 -3.06 19.60
N ASP A 263 -12.68 -3.53 19.58
CA ASP A 263 -12.96 -4.90 20.03
C ASP A 263 -12.21 -5.91 19.18
N LYS A 264 -12.15 -5.69 17.87
CA LYS A 264 -11.46 -6.61 16.97
C LYS A 264 -9.96 -6.38 17.02
N SER A 265 -9.21 -7.36 16.51
N SER A 265 -9.21 -7.37 16.52
CA SER A 265 -7.77 -7.28 16.52
CA SER A 265 -7.76 -7.28 16.53
C SER A 265 -7.29 -6.16 15.60
C SER A 265 -7.29 -6.16 15.60
N TYR A 266 -6.00 -5.82 15.72
CA TYR A 266 -5.42 -4.80 14.88
C TYR A 266 -5.46 -5.22 13.41
N LYS A 267 -5.23 -4.26 12.53
CA LYS A 267 -5.19 -4.49 11.10
C LYS A 267 -3.89 -3.94 10.52
N LYS A 268 -3.44 -4.55 9.42
CA LYS A 268 -2.18 -4.15 8.81
C LYS A 268 -2.30 -2.75 8.21
N SER A 269 -1.37 -1.87 8.59
CA SER A 269 -1.38 -0.51 8.05
C SER A 269 -1.33 -0.50 6.53
N ALA A 270 -0.64 -1.46 5.93
CA ALA A 270 -0.59 -1.53 4.47
C ALA A 270 -1.99 -1.69 3.88
N ARG A 271 -2.79 -2.60 4.46
CA ARG A 271 -4.16 -2.79 3.98
C ARG A 271 -4.99 -1.53 4.15
N ILE A 272 -4.81 -0.83 5.26
CA ILE A 272 -5.57 0.38 5.53
C ILE A 272 -5.25 1.45 4.49
N VAL A 273 -3.95 1.71 4.29
CA VAL A 273 -3.55 2.76 3.36
C VAL A 273 -3.94 2.40 1.93
N GLY A 274 -3.81 1.12 1.57
CA GLY A 274 -4.21 0.71 0.23
C GLY A 274 -5.71 0.85 0.01
N ASP A 275 -6.50 0.40 0.98
N ASP A 275 -6.50 0.40 0.98
CA ASP A 275 -7.95 0.51 0.88
CA ASP A 275 -7.96 0.52 0.86
C ASP A 275 -8.37 1.97 0.77
C ASP A 275 -8.38 1.98 0.77
N VAL A 276 -7.83 2.83 1.65
CA VAL A 276 -8.21 4.24 1.64
C VAL A 276 -7.79 4.88 0.32
N MET A 277 -6.60 4.54 -0.17
CA MET A 277 -6.09 5.19 -1.37
C MET A 277 -6.86 4.76 -2.61
N GLY A 278 -7.27 3.49 -2.68
CA GLY A 278 -8.05 3.05 -3.81
C GLY A 278 -9.50 3.52 -3.75
N LYS A 279 -10.05 3.63 -2.54
CA LYS A 279 -11.46 3.94 -2.38
C LYS A 279 -11.74 5.44 -2.33
N TYR A 280 -11.02 6.19 -1.50
CA TYR A 280 -11.41 7.56 -1.17
C TYR A 280 -10.33 8.60 -1.47
N HIS A 281 -9.07 8.31 -1.18
CA HIS A 281 -8.00 9.32 -1.17
C HIS A 281 -7.01 9.09 -2.30
N PRO A 282 -7.21 9.68 -3.48
CA PRO A 282 -6.31 9.42 -4.62
C PRO A 282 -5.02 10.24 -4.58
N HIS A 283 -4.22 10.02 -3.54
CA HIS A 283 -2.97 10.75 -3.36
C HIS A 283 -1.90 9.79 -2.84
N GLY A 284 -0.71 10.34 -2.62
CA GLY A 284 0.41 9.49 -2.25
C GLY A 284 0.19 8.79 -0.93
N ASP A 285 0.83 7.63 -0.78
CA ASP A 285 0.70 6.85 0.44
C ASP A 285 1.35 7.54 1.63
N SER A 286 2.37 8.36 1.39
N SER A 286 2.36 8.36 1.40
CA SER A 286 3.05 9.03 2.48
CA SER A 286 3.05 9.02 2.50
C SER A 286 2.10 9.92 3.27
C SER A 286 2.11 9.94 3.27
N SER A 287 1.31 10.74 2.56
CA SER A 287 0.37 11.63 3.24
C SER A 287 -0.62 10.84 4.09
N ILE A 288 -1.23 9.81 3.51
CA ILE A 288 -2.19 8.99 4.25
C ILE A 288 -1.54 8.40 5.49
N TYR A 289 -0.44 7.67 5.31
CA TYR A 289 0.16 6.97 6.44
C TYR A 289 0.60 7.94 7.52
N GLU A 290 1.23 9.05 7.13
N GLU A 290 1.22 9.06 7.13
CA GLU A 290 1.64 10.04 8.11
CA GLU A 290 1.65 10.02 8.14
C GLU A 290 0.44 10.59 8.87
C GLU A 290 0.44 10.60 8.88
N ALA A 291 -0.67 10.81 8.18
CA ALA A 291 -1.89 11.28 8.83
C ALA A 291 -2.35 10.28 9.90
N MET A 292 -2.46 9.00 9.53
CA MET A 292 -2.84 7.99 10.51
C MET A 292 -1.87 7.97 11.69
N VAL A 293 -0.57 8.02 11.39
CA VAL A 293 0.45 7.96 12.45
C VAL A 293 0.25 9.11 13.43
N ARG A 294 0.06 10.33 12.92
N ARG A 294 0.09 10.33 12.91
CA ARG A 294 -0.16 11.47 13.80
CA ARG A 294 -0.16 11.48 13.79
C ARG A 294 -1.42 11.29 14.63
C ARG A 294 -1.41 11.24 14.64
N MET A 295 -2.49 10.74 14.02
CA MET A 295 -3.70 10.46 14.76
C MET A 295 -3.50 9.37 15.81
N ALA A 296 -2.42 8.59 15.71
CA ALA A 296 -2.14 7.56 16.69
C ALA A 296 -1.21 8.01 17.81
N GLN A 297 -0.59 9.18 17.68
CA GLN A 297 0.44 9.63 18.62
C GLN A 297 -0.19 10.38 19.78
N ASP A 298 0.11 9.93 21.00
CA ASP A 298 -0.48 10.54 22.20
C ASP A 298 0.16 11.87 22.54
N PHE A 299 1.35 12.16 22.00
CA PHE A 299 1.98 13.47 22.17
C PHE A 299 1.56 14.45 21.09
N SER A 300 0.74 14.03 20.14
CA SER A 300 0.26 14.89 19.05
C SER A 300 -1.22 15.17 19.13
N TYR A 301 -2.02 14.19 19.55
CA TYR A 301 -3.47 14.31 19.66
C TYR A 301 -3.87 14.29 21.13
N ARG A 302 -4.58 15.33 21.56
CA ARG A 302 -5.09 15.36 22.93
C ARG A 302 -6.01 14.18 23.20
N TYR A 303 -6.73 13.72 22.18
CA TYR A 303 -7.58 12.54 22.28
C TYR A 303 -7.31 11.71 21.04
N PRO A 304 -6.34 10.79 21.10
CA PRO A 304 -5.97 10.03 19.90
C PRO A 304 -7.16 9.28 19.32
N LEU A 305 -7.26 9.32 18.00
CA LEU A 305 -8.33 8.64 17.28
C LEU A 305 -7.90 7.30 16.71
N VAL A 306 -6.61 6.96 16.79
CA VAL A 306 -6.07 5.74 16.22
C VAL A 306 -5.27 5.01 17.30
N ASP A 307 -5.47 3.70 17.39
CA ASP A 307 -4.70 2.84 18.28
C ASP A 307 -3.67 2.11 17.43
N GLY A 308 -2.39 2.37 17.71
CA GLY A 308 -1.29 1.87 16.90
C GLY A 308 -0.56 0.73 17.57
N GLN A 309 -0.18 -0.26 16.77
CA GLN A 309 0.65 -1.37 17.21
C GLN A 309 1.97 -1.28 16.46
N GLY A 310 3.05 -1.01 17.20
CA GLY A 310 4.36 -0.88 16.60
C GLY A 310 5.02 0.46 16.90
N ASN A 311 5.94 0.86 16.04
CA ASN A 311 6.69 2.10 16.21
C ASN A 311 5.97 3.22 15.47
N PHE A 312 5.31 4.11 16.22
CA PHE A 312 4.58 5.24 15.66
C PHE A 312 5.25 6.57 15.99
N GLY A 313 6.57 6.56 16.18
CA GLY A 313 7.33 7.77 16.37
C GLY A 313 7.54 8.11 17.83
N SER A 314 8.24 9.22 18.03
CA SER A 314 8.55 9.73 19.36
C SER A 314 8.64 11.24 19.30
N MET A 315 8.84 11.86 20.47
CA MET A 315 8.96 13.32 20.55
C MET A 315 10.27 13.82 19.94
N ASP A 316 11.24 12.93 19.69
CA ASP A 316 12.52 13.33 19.14
C ASP A 316 12.53 13.37 17.62
N GLY A 317 11.37 13.55 16.99
CA GLY A 317 11.26 13.60 15.55
C GLY A 317 11.36 12.27 14.85
N ASP A 318 11.74 11.21 15.56
CA ASP A 318 11.83 9.89 14.96
C ASP A 318 10.50 9.50 14.33
N GLY A 319 10.49 9.32 13.02
CA GLY A 319 9.28 8.92 12.33
C GLY A 319 8.84 7.53 12.70
N ALA A 320 7.67 7.17 12.19
CA ALA A 320 7.12 5.84 12.42
C ALA A 320 7.81 4.81 11.53
N ALA A 321 7.76 3.56 11.96
CA ALA A 321 8.25 2.46 11.14
C ALA A 321 7.47 2.39 9.83
N ALA A 322 8.10 1.81 8.83
CA ALA A 322 7.43 1.60 7.56
C ALA A 322 6.09 0.92 7.79
N MET A 323 5.09 1.28 6.98
N MET A 323 5.10 1.29 6.97
CA MET A 323 3.74 0.79 7.21
CA MET A 323 3.74 0.79 7.17
C MET A 323 3.59 -0.69 6.92
C MET A 323 3.65 -0.73 7.10
N ARG A 324 4.66 -1.39 6.54
CA ARG A 324 4.61 -2.85 6.42
C ARG A 324 4.84 -3.55 7.75
N PHE A 325 5.28 -2.82 8.78
CA PHE A 325 5.50 -3.41 10.10
C PHE A 325 4.42 -3.06 11.10
N THR A 326 3.78 -1.90 10.97
CA THR A 326 2.85 -1.42 11.98
C THR A 326 1.42 -1.85 11.67
N GLU A 327 0.59 -1.85 12.71
CA GLU A 327 -0.84 -2.14 12.58
C GLU A 327 -1.63 -1.04 13.30
N ALA A 328 -2.94 -1.00 13.06
CA ALA A 328 -3.74 0.07 13.64
C ALA A 328 -5.21 -0.31 13.64
N ARG A 329 -5.93 0.24 14.63
CA ARG A 329 -7.38 0.11 14.70
C ARG A 329 -7.94 1.41 15.28
N MET A 330 -9.25 1.43 15.47
CA MET A 330 -9.87 2.61 16.06
C MET A 330 -9.62 2.65 17.56
N THR A 331 -9.72 3.84 18.11
CA THR A 331 -9.83 4.01 19.55
C THR A 331 -11.30 4.02 19.93
N LYS A 332 -11.56 3.76 21.21
CA LYS A 332 -12.94 3.73 21.67
C LYS A 332 -13.65 5.06 21.43
N ILE A 333 -12.90 6.17 21.46
CA ILE A 333 -13.53 7.47 21.29
C ILE A 333 -13.85 7.74 19.82
N THR A 334 -13.11 7.14 18.89
CA THR A 334 -13.44 7.29 17.48
C THR A 334 -14.84 6.76 17.18
N LEU A 335 -15.26 5.71 17.88
CA LEU A 335 -16.63 5.22 17.72
C LEU A 335 -17.64 6.34 17.93
N GLU A 336 -17.34 7.26 18.85
CA GLU A 336 -18.22 8.41 19.07
C GLU A 336 -18.16 9.38 17.90
N LEU A 337 -17.05 9.41 17.16
CA LEU A 337 -17.01 10.18 15.93
C LEU A 337 -17.85 9.54 14.84
N LEU A 338 -17.93 8.20 14.83
CA LEU A 338 -18.67 7.49 13.80
C LEU A 338 -20.07 7.08 14.24
N ARG A 339 -20.42 7.28 15.50
CA ARG A 339 -21.72 6.84 16.01
C ARG A 339 -22.86 7.43 15.18
N ASP A 340 -23.85 6.60 14.88
CA ASP A 340 -25.07 7.01 14.18
C ASP A 340 -24.81 7.41 12.74
N ILE A 341 -23.69 6.97 12.16
CA ILE A 341 -23.37 7.36 10.79
C ILE A 341 -24.32 6.68 9.80
N ASN A 342 -24.78 5.47 10.12
CA ASN A 342 -25.62 4.70 9.22
C ASN A 342 -27.10 4.96 9.45
N LYS A 343 -27.45 6.09 10.07
CA LYS A 343 -28.83 6.41 10.40
C LYS A 343 -29.25 7.71 9.72
N ASP A 344 -28.78 7.91 8.49
CA ASP A 344 -29.13 9.08 7.69
C ASP A 344 -28.87 10.39 8.45
N THR A 345 -27.79 10.40 9.24
CA THR A 345 -27.43 11.60 9.98
C THR A 345 -26.60 12.57 9.15
N ILE A 346 -25.80 12.06 8.20
CA ILE A 346 -24.90 12.88 7.41
C ILE A 346 -25.11 12.58 5.94
N ASP A 347 -24.82 13.58 5.10
CA ASP A 347 -25.00 13.44 3.67
C ASP A 347 -23.80 12.74 3.06
N PHE A 348 -24.04 11.63 2.35
CA PHE A 348 -23.00 10.95 1.61
C PHE A 348 -22.84 11.57 0.22
N ILE A 349 -21.69 11.30 -0.39
CA ILE A 349 -21.35 11.84 -1.70
C ILE A 349 -20.59 10.78 -2.49
N ASP A 350 -20.49 11.01 -3.80
CA ASP A 350 -19.68 10.16 -4.65
C ASP A 350 -18.19 10.42 -4.40
N ASN A 351 -17.38 9.40 -4.69
CA ASN A 351 -15.93 9.51 -4.55
C ASN A 351 -15.33 10.07 -5.84
N TYR A 352 -14.01 9.99 -5.97
CA TYR A 352 -13.34 10.63 -7.09
C TYR A 352 -13.60 9.90 -8.41
N ASP A 353 -13.76 8.59 -8.39
CA ASP A 353 -13.99 7.82 -9.60
C ASP A 353 -15.46 7.43 -9.80
N GLY A 354 -16.34 7.78 -8.87
CA GLY A 354 -17.75 7.48 -9.00
C GLY A 354 -18.11 6.03 -8.74
N ASN A 355 -17.22 5.26 -8.13
CA ASN A 355 -17.46 3.84 -7.85
C ASN A 355 -17.67 3.57 -6.36
N GLU A 356 -17.71 4.62 -5.54
CA GLU A 356 -17.89 4.45 -4.10
C GLU A 356 -18.66 5.63 -3.54
N ARG A 357 -19.10 5.50 -2.31
CA ARG A 357 -19.77 6.56 -1.57
C ARG A 357 -18.97 6.84 -0.31
N GLU A 358 -18.73 8.11 -0.04
CA GLU A 358 -17.98 8.52 1.13
C GLU A 358 -18.78 9.54 1.93
N PRO A 359 -18.53 9.63 3.24
CA PRO A 359 -19.21 10.65 4.04
C PRO A 359 -18.59 12.02 3.82
N SER A 360 -19.45 13.02 3.60
CA SER A 360 -18.98 14.40 3.52
C SER A 360 -18.60 14.96 4.88
N VAL A 361 -19.12 14.37 5.96
CA VAL A 361 -18.80 14.81 7.32
C VAL A 361 -19.24 13.71 8.26
N LEU A 362 -18.54 13.59 9.39
CA LEU A 362 -18.92 12.60 10.38
C LEU A 362 -19.92 13.18 11.39
N PRO A 363 -20.71 12.31 12.03
CA PRO A 363 -21.64 12.81 13.07
C PRO A 363 -20.94 13.59 14.17
N ALA A 364 -19.75 13.17 14.58
CA ALA A 364 -18.94 13.89 15.55
C ALA A 364 -19.72 14.16 16.84
N ARG A 365 -19.93 13.09 17.59
CA ARG A 365 -20.71 13.22 18.82
C ARG A 365 -19.98 13.96 19.93
N PHE A 366 -18.73 14.37 19.72
CA PHE A 366 -18.03 15.24 20.65
C PHE A 366 -17.27 16.29 19.84
N PRO A 367 -17.05 17.49 20.42
CA PRO A 367 -16.41 18.57 19.66
C PRO A 367 -14.96 18.28 19.35
N ASN A 368 -14.71 17.72 18.16
CA ASN A 368 -13.37 17.23 17.83
C ASN A 368 -12.42 18.37 17.48
N LEU A 369 -12.89 19.35 16.71
CA LEU A 369 -12.02 20.44 16.26
C LEU A 369 -11.27 21.06 17.43
N LEU A 370 -11.99 21.49 18.47
CA LEU A 370 -11.35 22.08 19.63
C LEU A 370 -10.70 21.03 20.52
N ALA A 371 -11.23 19.80 20.54
CA ALA A 371 -10.68 18.76 21.41
C ALA A 371 -9.25 18.41 21.02
N ASN A 372 -9.01 18.15 19.74
CA ASN A 372 -7.69 17.79 19.26
C ASN A 372 -6.97 18.93 18.55
N GLY A 373 -7.67 20.02 18.25
CA GLY A 373 -7.07 21.13 17.52
C GLY A 373 -6.83 20.75 16.07
N ALA A 374 -6.21 21.69 15.35
CA ALA A 374 -5.88 21.52 13.94
C ALA A 374 -4.65 22.34 13.62
N SER A 375 -4.09 22.09 12.43
N SER A 375 -4.09 22.08 12.43
CA SER A 375 -2.92 22.79 11.96
CA SER A 375 -2.91 22.80 11.96
C SER A 375 -2.72 22.54 10.47
C SER A 375 -2.73 22.55 10.47
N GLY A 376 -2.89 23.58 9.65
CA GLY A 376 -2.79 23.41 8.21
C GLY A 376 -2.27 24.62 7.47
N ILE A 377 -1.48 24.36 6.43
CA ILE A 377 -0.94 25.41 5.58
C ILE A 377 -1.62 25.28 4.23
N ALA A 378 -2.57 26.18 3.95
CA ALA A 378 -3.30 26.16 2.69
C ALA A 378 -2.68 27.14 1.70
N VAL A 379 -3.50 27.75 0.84
CA VAL A 379 -3.06 28.78 -0.10
C VAL A 379 -3.75 30.08 0.26
N GLY A 380 -2.97 31.15 0.42
CA GLY A 380 -3.52 32.43 0.80
C GLY A 380 -4.00 32.52 2.22
N MET A 381 -3.83 31.47 3.01
CA MET A 381 -4.28 31.47 4.41
C MET A 381 -3.80 30.17 5.04
N ALA A 382 -3.91 30.11 6.37
CA ALA A 382 -3.50 28.94 7.12
C ALA A 382 -4.36 28.85 8.37
N THR A 383 -4.14 27.80 9.15
CA THR A 383 -4.94 27.58 10.35
C THR A 383 -4.08 26.92 11.42
N ASN A 384 -4.34 27.30 12.67
CA ASN A 384 -3.62 26.73 13.81
C ASN A 384 -4.56 26.83 15.01
N ILE A 385 -5.14 25.70 15.41
CA ILE A 385 -6.09 25.63 16.51
C ILE A 385 -5.51 24.72 17.57
N PRO A 386 -5.41 25.14 18.83
CA PRO A 386 -4.82 24.26 19.84
C PRO A 386 -5.84 23.25 20.32
N PRO A 387 -5.41 22.15 20.92
CA PRO A 387 -6.35 21.21 21.53
C PRO A 387 -6.91 21.77 22.82
N HIS A 388 -7.94 21.09 23.35
CA HIS A 388 -8.60 21.52 24.57
C HIS A 388 -9.02 20.31 25.37
N ASN A 389 -9.51 20.57 26.57
CA ASN A 389 -10.00 19.52 27.45
C ASN A 389 -11.45 19.19 27.12
N LEU A 390 -11.73 17.90 26.95
CA LEU A 390 -13.05 17.46 26.52
C LEU A 390 -14.11 17.79 27.56
N THR A 391 -13.80 17.60 28.84
CA THR A 391 -14.75 17.94 29.89
C THR A 391 -15.14 19.41 29.82
N GLU A 392 -14.14 20.29 29.76
CA GLU A 392 -14.42 21.71 29.70
C GLU A 392 -15.20 22.07 28.44
N LEU A 393 -14.79 21.53 27.29
CA LEU A 393 -15.52 21.80 26.05
C LEU A 393 -16.99 21.42 26.17
N ILE A 394 -17.26 20.18 26.61
CA ILE A 394 -18.64 19.72 26.72
C ILE A 394 -19.41 20.61 27.69
N ASN A 395 -18.82 20.92 28.84
CA ASN A 395 -19.47 21.82 29.79
C ASN A 395 -19.82 23.15 29.14
N GLY A 396 -18.94 23.66 28.29
CA GLY A 396 -19.24 24.89 27.58
C GLY A 396 -20.38 24.75 26.60
N VAL A 397 -20.45 23.61 25.91
CA VAL A 397 -21.55 23.37 24.97
C VAL A 397 -22.87 23.29 25.71
N LEU A 398 -22.88 22.62 26.87
CA LEU A 398 -24.10 22.52 27.66
C LEU A 398 -24.52 23.88 28.17
N SER A 399 -23.56 24.68 28.64
CA SER A 399 -23.89 26.04 29.07
C SER A 399 -24.45 26.85 27.91
N LEU A 400 -23.89 26.68 26.72
CA LEU A 400 -24.36 27.42 25.55
C LEU A 400 -25.77 27.00 25.16
N SER A 401 -26.09 25.71 25.31
CA SER A 401 -27.41 25.24 24.95
C SER A 401 -28.49 25.84 25.84
N LYS A 402 -28.12 26.28 27.05
CA LYS A 402 -29.05 26.89 27.98
C LYS A 402 -29.06 28.41 27.90
N ASN A 403 -28.26 29.01 27.03
CA ASN A 403 -28.18 30.46 26.96
C ASN A 403 -27.50 30.92 25.67
N PRO A 404 -28.24 31.08 24.58
CA PRO A 404 -27.62 31.54 23.32
C PRO A 404 -26.88 32.86 23.45
N ASP A 405 -27.20 33.69 24.43
CA ASP A 405 -26.57 34.99 24.61
C ASP A 405 -25.36 34.93 25.52
N ILE A 406 -24.84 33.74 25.81
CA ILE A 406 -23.69 33.63 26.70
C ILE A 406 -22.50 34.34 26.07
N SER A 407 -21.65 34.92 26.93
CA SER A 407 -20.49 35.67 26.47
C SER A 407 -19.23 34.83 26.56
N ILE A 408 -18.13 35.39 26.06
CA ILE A 408 -16.87 34.66 26.02
C ILE A 408 -16.34 34.41 27.43
N ALA A 409 -16.47 35.39 28.32
CA ALA A 409 -15.97 35.21 29.68
C ALA A 409 -16.73 34.09 30.39
N GLU A 410 -18.05 34.04 30.22
CA GLU A 410 -18.83 32.96 30.82
C GLU A 410 -18.37 31.61 30.30
N LEU A 411 -18.20 31.48 28.97
CA LEU A 411 -17.66 30.25 28.41
C LEU A 411 -16.32 29.91 29.03
N MET A 412 -15.48 30.93 29.26
CA MET A 412 -14.17 30.69 29.85
C MET A 412 -14.27 30.28 31.31
N GLU A 413 -15.40 30.54 31.98
CA GLU A 413 -15.61 29.96 33.30
C GLU A 413 -15.52 28.43 33.23
N ASP A 414 -15.93 27.85 32.11
CA ASP A 414 -15.81 26.41 31.87
C ASP A 414 -14.53 26.06 31.13
N ILE A 415 -14.29 26.71 29.99
CA ILE A 415 -13.13 26.43 29.15
C ILE A 415 -12.01 27.39 29.58
N GLU A 416 -11.22 26.95 30.55
CA GLU A 416 -10.16 27.81 31.09
C GLU A 416 -9.19 28.23 29.99
N GLY A 417 -8.86 27.31 29.08
CA GLY A 417 -7.93 27.58 28.03
C GLY A 417 -7.49 26.31 27.34
N PRO A 418 -6.54 26.42 26.41
CA PRO A 418 -6.02 25.22 25.74
C PRO A 418 -5.48 24.21 26.74
N ASP A 419 -5.49 22.94 26.33
CA ASP A 419 -4.96 21.85 27.14
C ASP A 419 -4.19 20.92 26.20
N PHE A 420 -2.88 21.02 26.24
CA PHE A 420 -2.06 20.30 25.27
C PHE A 420 -1.77 18.88 25.77
N PRO A 421 -1.64 17.92 24.86
CA PRO A 421 -1.30 16.56 25.29
C PRO A 421 0.01 16.47 26.02
N THR A 422 0.95 17.37 25.72
CA THR A 422 2.25 17.37 26.37
C THR A 422 2.25 18.09 27.71
N ALA A 423 1.06 18.40 28.24
CA ALA A 423 0.93 19.11 29.52
C ALA A 423 1.64 20.46 29.36
N GLY A 424 2.56 20.83 30.22
CA GLY A 424 3.22 22.11 30.10
C GLY A 424 2.51 23.20 30.87
N LEU A 425 2.96 24.43 30.62
CA LEU A 425 2.41 25.61 31.28
C LEU A 425 2.02 26.65 30.24
N ILE A 426 1.03 27.46 30.59
CA ILE A 426 0.61 28.61 29.79
C ILE A 426 0.63 29.83 30.70
N LEU A 427 1.23 30.90 30.22
CA LEU A 427 1.41 32.12 31.00
C LEU A 427 0.29 33.10 30.67
N GLY A 428 -0.55 33.37 31.67
CA GLY A 428 -1.58 34.39 31.56
C GLY A 428 -2.74 34.02 30.66
N LYS A 429 -3.90 34.61 30.93
CA LYS A 429 -5.09 34.40 30.11
C LYS A 429 -5.29 35.49 29.08
N SER A 430 -4.39 36.48 29.02
N SER A 430 -4.39 36.48 29.02
CA SER A 430 -4.53 37.57 28.04
CA SER A 430 -4.53 37.57 28.04
C SER A 430 -4.58 37.00 26.63
C SER A 430 -4.58 37.02 26.63
N GLY A 431 -3.55 36.26 26.24
CA GLY A 431 -3.54 35.67 24.92
C GLY A 431 -4.69 34.70 24.72
N ILE A 432 -4.97 33.88 25.72
CA ILE A 432 -6.14 33.00 25.66
C ILE A 432 -7.38 33.84 25.39
N ARG A 433 -7.60 34.87 26.21
CA ARG A 433 -8.83 35.65 26.11
C ARG A 433 -8.97 36.29 24.73
N ARG A 434 -7.88 36.85 24.22
N ARG A 434 -7.87 36.86 24.21
CA ARG A 434 -7.93 37.48 22.89
CA ARG A 434 -7.92 37.48 22.90
C ARG A 434 -8.17 36.44 21.81
C ARG A 434 -8.16 36.45 21.80
N ALA A 435 -7.60 35.24 21.96
CA ALA A 435 -7.79 34.19 20.97
C ALA A 435 -9.24 33.71 20.94
N TYR A 436 -9.84 33.48 22.11
CA TYR A 436 -11.23 33.06 22.16
C TYR A 436 -12.18 34.18 21.74
N GLU A 437 -11.79 35.43 21.91
N GLU A 437 -11.79 35.43 21.93
CA GLU A 437 -12.67 36.54 21.58
CA GLU A 437 -12.65 36.55 21.57
C GLU A 437 -12.63 36.89 20.08
C GLU A 437 -12.63 36.81 20.07
N THR A 438 -11.44 36.87 19.48
CA THR A 438 -11.30 37.25 18.07
C THR A 438 -10.92 36.10 17.15
N GLY A 439 -10.46 34.97 17.68
CA GLY A 439 -10.00 33.87 16.87
C GLY A 439 -8.51 33.89 16.57
N ARG A 440 -7.83 35.00 16.86
N ARG A 440 -7.81 34.98 16.89
CA ARG A 440 -6.39 35.10 16.70
CA ARG A 440 -6.38 35.07 16.68
C ARG A 440 -5.77 35.51 18.03
C ARG A 440 -5.72 35.57 17.96
N GLY A 441 -4.63 34.92 18.37
CA GLY A 441 -3.97 35.30 19.60
C GLY A 441 -2.76 34.46 19.96
N SER A 442 -1.71 35.09 20.47
CA SER A 442 -0.50 34.37 20.85
C SER A 442 -0.65 33.83 22.26
N ILE A 443 -0.27 32.56 22.44
CA ILE A 443 -0.35 31.88 23.74
C ILE A 443 1.04 31.38 24.08
N GLN A 444 1.56 31.83 25.22
CA GLN A 444 2.93 31.50 25.63
C GLN A 444 2.93 30.17 26.36
N MET A 445 3.48 29.15 25.71
CA MET A 445 3.69 27.85 26.33
C MET A 445 5.09 27.80 26.93
N ARG A 446 5.17 27.24 28.13
CA ARG A 446 6.44 27.13 28.85
C ARG A 446 6.59 25.72 29.37
N SER A 447 7.80 25.18 29.26
CA SER A 447 8.07 23.86 29.81
C SER A 447 7.87 23.85 31.32
N ARG A 448 7.67 22.65 31.85
CA ARG A 448 7.60 22.45 33.30
C ARG A 448 9.01 22.13 33.76
N ALA A 449 9.67 23.11 34.35
CA ALA A 449 11.03 22.95 34.85
C ALA A 449 11.04 23.26 36.34
N VAL A 450 11.99 22.64 37.03
CA VAL A 450 12.20 22.85 38.46
C VAL A 450 13.70 22.90 38.70
N ILE A 451 14.07 23.36 39.89
CA ILE A 451 15.47 23.42 40.32
C ILE A 451 15.61 22.57 41.57
N GLU A 452 16.56 21.65 41.55
CA GLU A 452 16.77 20.74 42.67
C GLU A 452 18.26 20.50 42.86
N GLU A 453 18.60 20.02 44.06
CA GLU A 453 19.97 19.70 44.39
C GLU A 453 20.40 18.37 43.77
N ARG A 454 21.72 18.19 43.63
CA ARG A 454 22.25 16.95 43.10
C ARG A 454 23.50 16.48 43.85
N GLY A 455 23.76 17.02 45.03
CA GLY A 455 24.89 16.57 45.83
C GLY A 455 26.10 17.49 45.74
N GLY A 456 26.66 17.84 46.91
CA GLY A 456 27.84 18.68 46.95
C GLY A 456 27.57 20.14 46.69
N GLY A 457 26.44 20.67 47.16
CA GLY A 457 26.12 22.07 46.95
C GLY A 457 25.86 22.46 45.52
N ARG A 458 25.77 21.51 44.60
CA ARG A 458 25.49 21.78 43.19
C ARG A 458 24.04 21.51 42.87
N GLN A 459 23.55 22.15 41.81
CA GLN A 459 22.15 22.10 41.43
C GLN A 459 22.00 21.71 39.97
N ARG A 460 20.77 21.33 39.61
CA ARG A 460 20.42 20.99 38.24
C ARG A 460 18.99 21.46 37.97
N ILE A 461 18.67 21.57 36.69
CA ILE A 461 17.33 21.90 36.24
C ILE A 461 16.76 20.66 35.55
N VAL A 462 15.62 20.20 36.03
CA VAL A 462 14.96 19.03 35.47
C VAL A 462 13.73 19.50 34.73
N VAL A 463 13.66 19.18 33.44
CA VAL A 463 12.51 19.50 32.59
C VAL A 463 11.75 18.21 32.37
N THR A 464 10.47 18.21 32.73
CA THR A 464 9.61 17.04 32.63
C THR A 464 8.50 17.18 31.62
N GLU A 465 8.22 18.41 31.15
CA GLU A 465 7.18 18.62 30.16
C GLU A 465 7.64 19.73 29.23
N ILE A 466 7.54 19.48 27.92
CA ILE A 466 7.97 20.43 26.91
C ILE A 466 6.72 21.02 26.26
N PRO A 467 6.83 22.12 25.52
CA PRO A 467 5.64 22.71 24.89
C PRO A 467 5.13 21.84 23.76
N PHE A 468 3.92 22.16 23.31
CA PHE A 468 3.26 21.38 22.27
C PHE A 468 3.97 21.59 20.93
N GLN A 469 4.13 20.48 20.19
CA GLN A 469 4.72 20.49 18.86
C GLN A 469 6.21 20.87 18.88
N VAL A 470 6.89 20.61 19.99
CA VAL A 470 8.32 20.88 20.13
C VAL A 470 9.07 19.56 20.04
N ASN A 471 10.13 19.55 19.24
CA ASN A 471 10.98 18.36 19.11
C ASN A 471 12.01 18.36 20.24
N LYS A 472 11.92 17.34 21.10
CA LYS A 472 12.75 17.31 22.31
C LYS A 472 14.23 17.28 21.95
N ALA A 473 14.64 16.37 21.08
CA ALA A 473 16.05 16.26 20.71
C ALA A 473 16.54 17.56 20.09
N ARG A 474 15.73 18.18 19.24
CA ARG A 474 16.13 19.41 18.58
C ARG A 474 16.31 20.54 19.60
N MET A 475 15.39 20.63 20.56
CA MET A 475 15.54 21.59 21.64
C MET A 475 16.85 21.37 22.39
N ILE A 476 17.10 20.13 22.80
CA ILE A 476 18.33 19.82 23.53
C ILE A 476 19.55 20.21 22.71
N GLU A 477 19.49 19.96 21.40
CA GLU A 477 20.58 20.39 20.53
C GLU A 477 20.75 21.91 20.57
N LYS A 478 19.65 22.65 20.52
CA LYS A 478 19.73 24.11 20.59
C LYS A 478 20.44 24.54 21.88
N ILE A 479 20.04 23.96 23.01
CA ILE A 479 20.69 24.29 24.27
C ILE A 479 22.18 23.98 24.19
N ALA A 480 22.52 22.81 23.66
CA ALA A 480 23.93 22.45 23.52
C ALA A 480 24.67 23.49 22.69
N GLU A 481 24.02 24.04 21.66
CA GLU A 481 24.65 25.07 20.86
C GLU A 481 24.88 26.34 21.67
N LEU A 482 23.87 26.79 22.41
CA LEU A 482 24.06 27.98 23.23
C LEU A 482 25.19 27.81 24.22
N VAL A 483 25.34 26.61 24.78
CA VAL A 483 26.44 26.37 25.73
C VAL A 483 27.77 26.35 25.01
N ARG A 484 27.83 25.66 23.87
CA ARG A 484 29.08 25.56 23.11
C ARG A 484 29.51 26.91 22.57
N ASP A 485 28.58 27.68 22.02
CA ASP A 485 28.88 28.99 21.46
C ASP A 485 29.12 30.06 22.54
N LYS A 486 29.15 29.69 23.82
CA LYS A 486 29.40 30.63 24.91
C LYS A 486 28.36 31.76 24.95
N LYS A 487 27.16 31.48 24.44
CA LYS A 487 26.05 32.42 24.51
C LYS A 487 25.27 32.34 25.81
N ILE A 488 25.61 31.40 26.69
CA ILE A 488 24.96 31.28 27.99
C ILE A 488 25.95 30.68 28.97
N ASP A 489 26.01 31.24 30.17
CA ASP A 489 26.97 30.81 31.18
C ASP A 489 26.24 30.15 32.34
N GLY A 490 26.93 29.19 32.97
CA GLY A 490 26.42 28.50 34.13
C GLY A 490 26.08 27.04 33.91
N ILE A 491 25.98 26.59 32.67
CA ILE A 491 25.63 25.20 32.37
C ILE A 491 26.91 24.39 32.19
N THR A 492 27.00 23.26 32.90
CA THR A 492 28.17 22.39 32.82
C THR A 492 27.92 21.09 32.09
N ASP A 493 26.72 20.51 32.22
CA ASP A 493 26.41 19.25 31.57
C ASP A 493 24.96 19.25 31.14
N LEU A 494 24.66 18.45 30.12
N LEU A 494 24.67 18.46 30.10
CA LEU A 494 23.32 18.34 29.57
CA LEU A 494 23.32 18.33 29.54
C LEU A 494 23.04 16.88 29.22
C LEU A 494 23.06 16.87 29.25
N ARG A 495 21.91 16.36 29.70
CA ARG A 495 21.55 14.97 29.47
C ARG A 495 20.06 14.86 29.21
N ASP A 496 19.68 13.74 28.59
CA ASP A 496 18.29 13.41 28.31
C ASP A 496 18.03 12.03 28.93
N GLU A 497 17.58 12.02 30.17
CA GLU A 497 17.32 10.79 30.89
C GLU A 497 15.91 10.26 30.67
N THR A 498 15.25 10.66 29.59
CA THR A 498 13.91 10.18 29.29
C THR A 498 13.90 8.66 29.18
N SER A 499 12.78 8.06 29.56
CA SER A 499 12.58 6.62 29.48
C SER A 499 11.10 6.35 29.66
N LEU A 500 10.70 5.11 29.33
CA LEU A 500 9.30 4.73 29.51
C LEU A 500 8.91 4.69 30.98
N ARG A 501 9.84 4.33 31.85
N ARG A 501 9.84 4.31 31.86
CA ARG A 501 9.54 4.24 33.28
CA ARG A 501 9.54 4.24 33.28
C ARG A 501 9.52 5.61 33.96
C ARG A 501 9.47 5.62 33.93
N THR A 502 10.07 6.64 33.32
CA THR A 502 10.13 7.97 33.91
C THR A 502 9.40 9.04 33.10
N GLY A 503 9.36 8.93 31.79
CA GLY A 503 8.79 9.99 30.97
C GLY A 503 9.85 10.99 30.59
N VAL A 504 9.39 12.11 30.01
CA VAL A 504 10.32 13.17 29.62
C VAL A 504 11.11 13.62 30.85
N ARG A 505 12.44 13.64 30.71
CA ARG A 505 13.30 14.07 31.81
C ARG A 505 14.63 14.55 31.21
N VAL A 506 14.76 15.86 31.03
CA VAL A 506 15.98 16.47 30.54
C VAL A 506 16.67 17.13 31.72
N VAL A 507 17.93 16.79 31.93
CA VAL A 507 18.71 17.28 33.06
C VAL A 507 19.73 18.29 32.56
N ILE A 508 19.83 19.41 33.27
CA ILE A 508 20.70 20.51 32.91
C ILE A 508 21.53 20.84 34.16
N ASP A 509 22.73 20.31 34.24
CA ASP A 509 23.60 20.58 35.37
C ASP A 509 24.01 22.04 35.39
N VAL A 510 24.07 22.63 36.57
CA VAL A 510 24.45 24.03 36.75
C VAL A 510 25.81 24.08 37.43
N ARG A 511 26.64 25.03 37.00
N ARG A 511 26.64 25.03 37.00
CA ARG A 511 27.95 25.20 37.63
CA ARG A 511 27.94 25.21 37.63
C ARG A 511 27.77 25.61 39.09
C ARG A 511 27.77 25.61 39.08
N LYS A 512 28.64 25.08 39.94
CA LYS A 512 28.53 25.35 41.37
C LYS A 512 28.59 26.85 41.63
N ASP A 513 27.82 27.29 42.63
CA ASP A 513 27.73 28.69 43.05
C ASP A 513 27.06 29.57 42.00
N ALA A 514 26.43 28.99 40.98
CA ALA A 514 25.72 29.74 39.95
C ALA A 514 24.23 29.73 40.24
N ASN A 515 23.58 30.88 40.00
CA ASN A 515 22.14 30.99 40.19
C ASN A 515 21.40 30.24 39.09
N ALA A 516 20.64 29.21 39.49
CA ALA A 516 19.94 28.38 38.51
C ALA A 516 18.68 29.06 37.97
N SER A 517 18.05 29.92 38.76
CA SER A 517 16.85 30.62 38.28
C SER A 517 17.18 31.54 37.10
N VAL A 518 18.31 32.23 37.17
CA VAL A 518 18.73 33.08 36.06
C VAL A 518 18.95 32.24 34.81
N ILE A 519 19.70 31.14 34.95
CA ILE A 519 19.95 30.27 33.81
C ILE A 519 18.62 29.80 33.21
N LEU A 520 17.66 29.44 34.06
CA LEU A 520 16.38 28.95 33.57
C LEU A 520 15.63 30.04 32.81
N ASN A 521 15.56 31.25 33.36
CA ASN A 521 14.93 32.34 32.64
C ASN A 521 15.61 32.58 31.30
N ASN A 522 16.94 32.56 31.28
CA ASN A 522 17.66 32.74 30.02
C ASN A 522 17.29 31.67 29.02
N LEU A 523 17.21 30.41 29.47
CA LEU A 523 16.81 29.34 28.56
C LEU A 523 15.40 29.58 28.03
N TYR A 524 14.50 30.08 28.87
CA TYR A 524 13.18 30.42 28.38
C TYR A 524 13.24 31.52 27.32
N LYS A 525 14.20 32.44 27.44
CA LYS A 525 14.28 33.55 26.49
C LYS A 525 14.97 33.16 25.19
N GLN A 526 15.86 32.16 25.23
CA GLN A 526 16.76 31.86 24.13
C GLN A 526 16.56 30.49 23.50
N THR A 527 15.64 29.67 24.00
CA THR A 527 15.47 28.32 23.48
C THR A 527 13.99 27.98 23.33
N PRO A 528 13.66 26.88 22.65
CA PRO A 528 12.25 26.45 22.58
C PRO A 528 11.68 26.00 23.91
N LEU A 529 12.46 26.04 25.00
CA LEU A 529 11.92 25.73 26.32
C LEU A 529 10.66 26.56 26.60
N GLN A 530 10.56 27.75 26.03
CA GLN A 530 9.34 28.53 25.97
C GLN A 530 9.05 28.86 24.52
N THR A 531 7.84 28.56 24.07
CA THR A 531 7.47 28.71 22.67
C THR A 531 6.09 29.35 22.58
N SER A 532 5.87 30.09 21.51
CA SER A 532 4.60 30.75 21.27
C SER A 532 3.72 29.90 20.36
N PHE A 533 2.43 29.83 20.69
CA PHE A 533 1.42 29.19 19.86
C PHE A 533 0.55 30.31 19.27
N GLY A 534 0.63 30.49 17.96
CA GLY A 534 -0.13 31.51 17.29
C GLY A 534 -1.51 31.05 16.89
N VAL A 535 -2.47 31.16 17.81
CA VAL A 535 -3.84 30.77 17.52
C VAL A 535 -4.33 31.58 16.33
N ASN A 536 -4.90 30.89 15.34
CA ASN A 536 -5.45 31.49 14.13
C ASN A 536 -6.58 30.56 13.65
N MET A 537 -7.71 30.60 14.35
CA MET A 537 -8.76 29.60 14.19
C MET A 537 -9.58 29.88 12.93
N ILE A 538 -9.08 29.39 11.80
CA ILE A 538 -9.83 29.40 10.55
C ILE A 538 -10.34 27.99 10.29
N ALA A 539 -11.60 27.87 9.88
CA ALA A 539 -12.19 26.57 9.63
C ALA A 539 -13.25 26.71 8.53
N LEU A 540 -13.64 25.57 7.97
CA LEU A 540 -14.62 25.55 6.91
C LEU A 540 -16.03 25.59 7.51
N VAL A 541 -16.80 26.60 7.11
CA VAL A 541 -18.20 26.74 7.48
C VAL A 541 -18.99 26.82 6.18
N ASN A 542 -19.93 25.90 6.00
CA ASN A 542 -20.66 25.79 4.74
C ASN A 542 -19.68 25.66 3.58
N GLY A 543 -18.59 24.94 3.82
CA GLY A 543 -17.57 24.77 2.80
C GLY A 543 -16.86 26.04 2.41
N ARG A 544 -16.74 27.00 3.32
CA ARG A 544 -16.07 28.26 3.04
C ARG A 544 -15.09 28.56 4.17
N PRO A 545 -13.86 28.95 3.88
CA PRO A 545 -12.94 29.31 4.96
C PRO A 545 -13.43 30.52 5.72
N LYS A 546 -13.38 30.45 7.04
CA LYS A 546 -13.84 31.55 7.88
C LYS A 546 -13.05 31.57 9.18
N LEU A 547 -12.64 32.76 9.58
CA LEU A 547 -12.01 32.96 10.89
C LEU A 547 -13.10 33.07 11.94
N ILE A 548 -13.03 32.20 12.96
CA ILE A 548 -14.09 32.06 13.94
C ILE A 548 -13.51 32.22 15.33
N ASN A 549 -14.37 32.61 16.27
CA ASN A 549 -14.02 32.68 17.68
C ASN A 549 -14.52 31.41 18.38
N LEU A 550 -14.29 31.34 19.69
CA LEU A 550 -14.69 30.16 20.44
C LEU A 550 -16.20 29.95 20.36
N LYS A 551 -16.98 31.00 20.66
CA LYS A 551 -18.43 30.84 20.69
C LYS A 551 -18.96 30.40 19.33
N GLU A 552 -18.47 30.99 18.25
CA GLU A 552 -18.96 30.62 16.93
C GLU A 552 -18.70 29.14 16.66
N ALA A 553 -17.49 28.66 16.96
CA ALA A 553 -17.17 27.26 16.82
C ALA A 553 -18.16 26.39 17.60
N LEU A 554 -18.31 26.67 18.90
CA LEU A 554 -19.23 25.89 19.71
C LEU A 554 -20.65 25.93 19.14
N VAL A 555 -21.05 27.06 18.56
CA VAL A 555 -22.40 27.20 18.02
C VAL A 555 -22.57 26.28 16.82
N HIS A 556 -21.69 26.41 15.82
CA HIS A 556 -21.78 25.56 14.64
C HIS A 556 -21.77 24.08 15.03
N TYR A 557 -20.94 23.72 16.01
CA TYR A 557 -20.92 22.33 16.47
C TYR A 557 -22.27 21.92 17.05
N LEU A 558 -22.80 22.75 17.96
CA LEU A 558 -24.07 22.40 18.59
C LEU A 558 -25.18 22.27 17.56
N GLU A 559 -25.20 23.15 16.56
CA GLU A 559 -26.20 23.05 15.52
C GLU A 559 -26.01 21.78 14.71
N HIS A 560 -24.75 21.36 14.54
CA HIS A 560 -24.49 20.08 13.90
C HIS A 560 -25.05 18.94 14.73
N GLN A 561 -24.92 19.02 16.05
CA GLN A 561 -25.48 17.97 16.91
C GLN A 561 -26.99 17.93 16.80
N LYS A 562 -27.63 19.10 16.88
CA LYS A 562 -29.09 19.15 16.74
C LYS A 562 -29.51 18.50 15.43
N THR A 563 -28.89 18.90 14.31
CA THR A 563 -29.25 18.31 13.03
C THR A 563 -29.04 16.81 13.04
N VAL A 564 -27.92 16.36 13.62
CA VAL A 564 -27.62 14.92 13.66
C VAL A 564 -28.73 14.17 14.37
N VAL A 565 -29.00 14.56 15.62
CA VAL A 565 -30.00 13.84 16.42
C VAL A 565 -31.37 13.91 15.77
N ARG A 566 -31.70 15.05 15.16
CA ARG A 566 -32.98 15.16 14.46
C ARG A 566 -33.07 14.13 13.35
N ARG A 567 -32.10 14.14 12.42
CA ARG A 567 -32.14 13.20 11.30
C ARG A 567 -32.11 11.75 11.78
N ARG A 568 -31.41 11.47 12.88
CA ARG A 568 -31.42 10.13 13.45
C ARG A 568 -32.82 9.75 13.90
N THR A 569 -33.48 10.65 14.63
CA THR A 569 -34.83 10.38 15.11
C THR A 569 -35.78 10.15 13.94
N GLN A 570 -35.68 10.97 12.89
CA GLN A 570 -36.52 10.77 11.71
C GLN A 570 -36.27 9.41 11.09
N TYR A 571 -34.99 9.04 10.92
CA TYR A 571 -34.65 7.75 10.33
C TYR A 571 -35.25 6.60 11.14
N ASN A 572 -34.99 6.59 12.44
CA ASN A 572 -35.58 5.55 13.30
C ASN A 572 -37.10 5.56 13.25
N LEU A 573 -37.71 6.72 13.04
CA LEU A 573 -39.16 6.80 12.96
C LEU A 573 -39.68 6.11 11.69
N ARG A 574 -39.11 6.48 10.53
CA ARG A 574 -39.50 5.83 9.29
C ARG A 574 -39.27 4.32 9.36
N LYS A 575 -38.11 3.91 9.88
CA LYS A 575 -37.81 2.49 10.02
C LYS A 575 -38.86 1.81 10.89
N ALA A 576 -39.12 2.36 12.07
CA ALA A 576 -40.08 1.75 13.01
C ALA A 576 -41.47 1.67 12.41
N LYS A 577 -41.88 2.69 11.65
CA LYS A 577 -43.20 2.65 11.03
C LYS A 577 -43.26 1.56 9.96
N ASP A 578 -42.22 1.46 9.13
CA ASP A 578 -42.16 0.41 8.14
C ASP A 578 -42.25 -0.97 8.79
N ARG A 579 -41.46 -1.19 9.83
CA ARG A 579 -41.50 -2.48 10.52
C ARG A 579 -42.88 -2.74 11.11
N ALA A 580 -43.54 -1.70 11.62
CA ALA A 580 -44.89 -1.88 12.16
C ALA A 580 -45.86 -2.30 11.07
N HIS A 581 -45.78 -1.67 9.90
CA HIS A 581 -46.62 -2.07 8.77
C HIS A 581 -46.41 -3.54 8.42
N ILE A 582 -45.15 -3.94 8.27
CA ILE A 582 -44.85 -5.35 7.96
C ILE A 582 -45.45 -6.24 9.04
N LEU A 583 -45.26 -5.87 10.31
CA LEU A 583 -45.77 -6.71 11.39
C LEU A 583 -47.29 -6.82 11.36
N GLU A 584 -47.98 -5.76 10.92
CA GLU A 584 -49.42 -5.87 10.71
C GLU A 584 -49.72 -6.93 9.65
N GLY A 585 -49.03 -6.84 8.52
CA GLY A 585 -49.19 -7.87 7.49
C GLY A 585 -48.98 -9.27 8.03
N LEU A 586 -47.94 -9.45 8.87
CA LEU A 586 -47.64 -10.78 9.40
C LEU A 586 -48.71 -11.24 10.38
N ARG A 587 -49.25 -10.32 11.18
CA ARG A 587 -50.33 -10.70 12.10
C ARG A 587 -51.56 -11.16 11.32
N ILE A 588 -51.88 -10.48 10.21
CA ILE A 588 -52.94 -10.97 9.33
C ILE A 588 -52.60 -12.36 8.82
N ALA A 589 -51.39 -12.54 8.29
CA ALA A 589 -50.99 -13.83 7.74
C ALA A 589 -51.17 -14.95 8.75
N LEU A 590 -50.74 -14.73 10.00
CA LEU A 590 -50.88 -15.75 11.01
C LEU A 590 -52.34 -15.93 11.43
N ASP A 591 -53.13 -14.87 11.34
CA ASP A 591 -54.56 -15.00 11.63
C ASP A 591 -55.29 -15.80 10.56
N HIS A 592 -54.71 -15.93 9.36
CA HIS A 592 -55.35 -16.67 8.28
C HIS A 592 -54.34 -17.57 7.58
N ILE A 593 -53.52 -18.28 8.37
CA ILE A 593 -52.40 -19.01 7.80
C ILE A 593 -52.87 -20.02 6.75
N ASP A 594 -53.97 -20.71 7.04
CA ASP A 594 -54.45 -21.73 6.10
C ASP A 594 -54.81 -21.12 4.75
N GLU A 595 -55.67 -20.10 4.75
N GLU A 595 -55.66 -20.09 4.75
CA GLU A 595 -56.04 -19.45 3.50
CA GLU A 595 -56.04 -19.45 3.50
C GLU A 595 -54.84 -18.82 2.81
C GLU A 595 -54.84 -18.83 2.81
N ILE A 596 -53.82 -18.42 3.57
CA ILE A 596 -52.60 -17.90 2.97
C ILE A 596 -51.90 -19.00 2.18
N ILE A 597 -51.59 -20.12 2.86
CA ILE A 597 -50.92 -21.24 2.20
C ILE A 597 -51.69 -21.65 0.95
N SER A 598 -53.01 -21.81 1.07
CA SER A 598 -53.80 -22.21 -0.09
C SER A 598 -53.67 -21.17 -1.20
N THR A 599 -53.75 -19.88 -0.85
CA THR A 599 -53.66 -18.83 -1.86
C THR A 599 -52.34 -18.91 -2.61
N ILE A 600 -51.25 -19.20 -1.90
CA ILE A 600 -49.95 -19.29 -2.55
C ILE A 600 -49.90 -20.53 -3.44
N ARG A 601 -50.29 -21.69 -2.90
CA ARG A 601 -50.18 -22.94 -3.64
C ARG A 601 -50.92 -22.84 -4.98
N GLU A 602 -52.08 -22.19 -5.00
CA GLU A 602 -52.84 -22.09 -6.23
C GLU A 602 -52.25 -21.10 -7.23
N SER A 603 -51.22 -20.36 -6.84
CA SER A 603 -50.62 -19.36 -7.71
C SER A 603 -49.43 -19.94 -8.46
N ASP A 604 -49.40 -19.72 -9.77
CA ASP A 604 -48.30 -20.23 -10.59
C ASP A 604 -47.02 -19.45 -10.32
N THR A 605 -47.10 -18.12 -10.35
CA THR A 605 -45.94 -17.26 -10.18
C THR A 605 -46.05 -16.52 -8.85
N ASP A 606 -44.92 -15.93 -8.44
CA ASP A 606 -44.90 -15.15 -7.21
C ASP A 606 -45.63 -13.82 -7.37
N LYS A 607 -45.69 -13.29 -8.59
CA LYS A 607 -46.44 -12.07 -8.83
C LYS A 607 -47.95 -12.30 -8.67
N VAL A 608 -48.46 -13.40 -9.20
CA VAL A 608 -49.87 -13.74 -9.02
C VAL A 608 -50.18 -13.90 -7.53
N ALA A 609 -49.32 -14.59 -6.80
CA ALA A 609 -49.52 -14.73 -5.36
C ALA A 609 -49.54 -13.38 -4.68
N MET A 610 -48.62 -12.49 -5.07
CA MET A 610 -48.63 -11.12 -4.55
C MET A 610 -50.01 -10.49 -4.75
N GLU A 611 -50.48 -10.45 -6.00
CA GLU A 611 -51.75 -9.79 -6.29
C GLU A 611 -52.88 -10.39 -5.48
N SER A 612 -52.98 -11.72 -5.46
CA SER A 612 -54.08 -12.37 -4.76
C SER A 612 -54.05 -12.04 -3.27
N LEU A 613 -52.87 -12.14 -2.65
CA LEU A 613 -52.77 -11.81 -1.24
C LEU A 613 -53.19 -10.37 -0.98
N GLN A 614 -52.64 -9.44 -1.76
CA GLN A 614 -52.96 -8.03 -1.57
C GLN A 614 -54.46 -7.79 -1.65
N GLN A 615 -55.11 -8.34 -2.68
CA GLN A 615 -56.53 -8.06 -2.89
C GLN A 615 -57.40 -8.76 -1.86
N ARG A 616 -56.99 -9.93 -1.40
CA ARG A 616 -57.82 -10.72 -0.49
C ARG A 616 -57.62 -10.35 0.98
N PHE A 617 -56.52 -9.70 1.33
CA PHE A 617 -56.22 -9.37 2.72
C PHE A 617 -55.87 -7.89 2.91
N LYS A 618 -56.18 -7.04 1.94
CA LYS A 618 -55.91 -5.60 2.05
C LYS A 618 -54.47 -5.34 2.44
N LEU A 619 -53.56 -6.02 1.76
CA LEU A 619 -52.13 -5.92 2.05
C LEU A 619 -51.43 -5.09 0.98
N SER A 620 -50.42 -4.35 1.42
CA SER A 620 -49.58 -3.59 0.50
C SER A 620 -48.58 -4.52 -0.18
N GLU A 621 -47.89 -3.97 -1.18
N GLU A 621 -47.89 -3.98 -1.19
CA GLU A 621 -46.88 -4.75 -1.90
CA GLU A 621 -46.88 -4.76 -1.91
C GLU A 621 -45.82 -5.27 -0.95
C GLU A 621 -45.82 -5.27 -0.95
N LYS A 622 -45.28 -4.40 -0.10
CA LYS A 622 -44.24 -4.81 0.83
C LYS A 622 -44.75 -5.82 1.85
N GLN A 623 -46.04 -5.77 2.18
CA GLN A 623 -46.59 -6.72 3.16
C GLN A 623 -46.75 -8.11 2.56
N ALA A 624 -47.38 -8.20 1.39
CA ALA A 624 -47.45 -9.48 0.69
C ALA A 624 -46.06 -10.02 0.42
N GLN A 625 -45.12 -9.14 0.07
CA GLN A 625 -43.75 -9.57 -0.14
C GLN A 625 -43.15 -10.16 1.14
N ALA A 626 -43.38 -9.49 2.27
CA ALA A 626 -42.86 -9.97 3.55
C ALA A 626 -43.50 -11.30 3.94
N ILE A 627 -44.73 -11.54 3.52
CA ILE A 627 -45.37 -12.82 3.79
C ILE A 627 -44.77 -13.91 2.91
N LEU A 628 -44.59 -13.62 1.62
CA LEU A 628 -44.01 -14.60 0.71
C LEU A 628 -42.59 -14.97 1.09
N ASP A 629 -41.88 -14.08 1.77
CA ASP A 629 -40.51 -14.32 2.20
C ASP A 629 -40.44 -14.85 3.63
N MET A 630 -41.55 -15.30 4.18
CA MET A 630 -41.60 -15.78 5.55
C MET A 630 -41.19 -17.25 5.59
N ARG A 631 -40.31 -17.59 6.52
CA ARG A 631 -39.87 -18.96 6.67
C ARG A 631 -40.85 -19.73 7.53
N LEU A 632 -41.04 -21.01 7.20
CA LEU A 632 -42.02 -21.84 7.90
C LEU A 632 -41.76 -21.86 9.39
N ARG A 633 -40.50 -21.74 9.82
CA ARG A 633 -40.20 -21.74 11.24
C ARG A 633 -40.94 -20.65 12.00
N ARG A 634 -41.36 -19.58 11.30
CA ARG A 634 -42.09 -18.48 11.93
C ARG A 634 -43.54 -18.84 12.25
N LEU A 635 -44.01 -20.03 11.88
CA LEU A 635 -45.37 -20.45 12.15
C LEU A 635 -45.53 -21.14 13.50
N THR A 636 -44.45 -21.40 14.23
CA THR A 636 -44.60 -21.96 15.57
C THR A 636 -45.39 -20.99 16.45
N GLY A 637 -46.05 -21.55 17.46
CA GLY A 637 -46.95 -20.76 18.28
C GLY A 637 -46.30 -19.52 18.86
N LEU A 638 -45.18 -19.68 19.54
CA LEU A 638 -44.53 -18.58 20.25
C LEU A 638 -44.18 -17.42 19.32
N GLU A 639 -44.01 -17.68 18.03
CA GLU A 639 -43.64 -16.61 17.10
C GLU A 639 -44.72 -15.54 17.02
N ARG A 640 -45.99 -15.95 17.03
CA ARG A 640 -47.07 -14.97 17.04
C ARG A 640 -46.99 -14.07 18.27
N ASP A 641 -46.75 -14.66 19.44
CA ASP A 641 -46.59 -13.87 20.65
C ASP A 641 -45.44 -12.88 20.50
N LYS A 642 -44.28 -13.36 20.02
CA LYS A 642 -43.15 -12.47 19.81
C LYS A 642 -43.52 -11.32 18.88
N ILE A 643 -44.26 -11.60 17.81
CA ILE A 643 -44.68 -10.56 16.88
C ILE A 643 -45.54 -9.53 17.60
N GLU A 644 -46.53 -9.99 18.37
CA GLU A 644 -47.37 -9.06 19.11
C GLU A 644 -46.54 -8.16 20.01
N ALA A 645 -45.68 -8.75 20.83
CA ALA A 645 -44.85 -7.96 21.74
C ALA A 645 -44.02 -6.93 20.97
N GLU A 646 -43.29 -7.38 19.94
CA GLU A 646 -42.49 -6.46 19.15
C GLU A 646 -43.33 -5.33 18.58
N TYR A 647 -44.57 -5.62 18.18
CA TYR A 647 -45.42 -4.60 17.59
C TYR A 647 -45.84 -3.57 18.63
N ASN A 648 -46.24 -4.01 19.82
CA ASN A 648 -46.62 -3.06 20.87
C ASN A 648 -45.44 -2.19 21.25
N GLU A 649 -44.32 -2.82 21.63
CA GLU A 649 -43.10 -2.06 21.94
C GLU A 649 -42.76 -1.09 20.81
N LEU A 650 -43.01 -1.49 19.56
CA LEU A 650 -42.74 -0.61 18.43
C LEU A 650 -43.68 0.59 18.43
N LEU A 651 -44.94 0.38 18.81
CA LEU A 651 -45.87 1.51 18.91
C LEU A 651 -45.42 2.49 19.99
N ASN A 652 -45.02 1.98 21.16
CA ASN A 652 -44.52 2.86 22.21
C ASN A 652 -43.28 3.62 21.72
N TYR A 653 -42.36 2.91 21.08
CA TYR A 653 -41.16 3.56 20.54
C TYR A 653 -41.53 4.66 19.57
N ILE A 654 -42.46 4.38 18.65
CA ILE A 654 -42.92 5.40 17.71
C ILE A 654 -43.43 6.62 18.47
N SER A 655 -44.24 6.39 19.50
CA SER A 655 -44.76 7.50 20.29
C SER A 655 -43.62 8.34 20.85
N GLU A 656 -42.60 7.70 21.41
CA GLU A 656 -41.47 8.44 21.97
C GLU A 656 -40.76 9.25 20.89
N LEU A 657 -40.49 8.64 19.73
CA LEU A 657 -39.82 9.36 18.65
C LEU A 657 -40.62 10.59 18.23
N GLU A 658 -41.91 10.39 17.91
CA GLU A 658 -42.73 11.52 17.49
C GLU A 658 -42.78 12.59 18.56
N THR A 659 -42.78 12.19 19.83
CA THR A 659 -42.69 13.17 20.92
C THR A 659 -41.41 13.99 20.80
N ILE A 660 -40.28 13.31 20.56
CA ILE A 660 -39.01 14.03 20.43
C ILE A 660 -39.06 15.00 19.28
N LEU A 661 -39.59 14.58 18.13
CA LEU A 661 -39.66 15.47 16.97
C LEU A 661 -40.74 16.53 17.10
N ALA A 662 -41.61 16.44 18.10
CA ALA A 662 -42.68 17.41 18.26
C ALA A 662 -42.17 18.71 18.89
N ASP A 663 -41.40 18.60 19.96
CA ASP A 663 -40.92 19.75 20.71
C ASP A 663 -39.41 19.82 20.61
N GLU A 664 -38.89 21.01 20.26
CA GLU A 664 -37.45 21.17 20.13
C GLU A 664 -36.74 21.14 21.47
N GLU A 665 -37.43 21.47 22.57
CA GLU A 665 -36.78 21.50 23.87
C GLU A 665 -36.38 20.10 24.32
N VAL A 666 -37.24 19.11 24.10
N VAL A 666 -37.23 19.10 24.10
CA VAL A 666 -36.89 17.73 24.45
CA VAL A 666 -36.86 17.75 24.48
C VAL A 666 -35.74 17.25 23.58
C VAL A 666 -35.74 17.25 23.58
N LEU A 667 -35.73 17.65 22.31
CA LEU A 667 -34.63 17.30 21.42
C LEU A 667 -33.31 17.83 21.96
N LEU A 668 -33.26 19.13 22.22
CA LEU A 668 -32.06 19.73 22.78
C LEU A 668 -31.66 19.03 24.07
N GLN A 669 -32.63 18.72 24.93
CA GLN A 669 -32.31 18.04 26.18
C GLN A 669 -31.73 16.65 25.92
N LEU A 670 -32.14 16.00 24.83
CA LEU A 670 -31.56 14.72 24.48
C LEU A 670 -30.11 14.88 24.05
N VAL A 671 -29.82 15.92 23.25
CA VAL A 671 -28.44 16.25 22.94
C VAL A 671 -27.64 16.45 24.23
N ARG A 672 -28.22 17.18 25.19
CA ARG A 672 -27.56 17.37 26.47
C ARG A 672 -27.27 16.04 27.16
N ASP A 673 -28.24 15.13 27.12
CA ASP A 673 -28.06 13.84 27.79
C ASP A 673 -26.91 13.07 27.17
N GLU A 674 -26.87 12.99 25.85
CA GLU A 674 -25.83 12.22 25.17
C GLU A 674 -24.46 12.88 25.37
N LEU A 675 -24.39 14.20 25.26
CA LEU A 675 -23.14 14.90 25.51
C LEU A 675 -22.65 14.67 26.94
N THR A 676 -23.57 14.65 27.90
CA THR A 676 -23.19 14.37 29.28
C THR A 676 -22.66 12.96 29.43
N GLU A 677 -23.29 12.00 28.74
CA GLU A 677 -22.79 10.63 28.76
C GLU A 677 -21.37 10.56 28.23
N ILE A 678 -21.13 11.19 27.08
CA ILE A 678 -19.79 11.26 26.50
C ILE A 678 -18.81 11.86 27.49
N ARG A 679 -19.21 12.93 28.18
CA ARG A 679 -18.33 13.56 29.15
C ARG A 679 -17.99 12.59 30.27
N ASP A 680 -18.98 11.87 30.80
CA ASP A 680 -18.74 10.97 31.91
C ASP A 680 -17.89 9.77 31.50
N ARG A 681 -17.94 9.39 30.23
CA ARG A 681 -17.20 8.21 29.78
C ARG A 681 -15.78 8.55 29.34
N PHE A 682 -15.60 9.66 28.64
CA PHE A 682 -14.31 10.02 28.06
C PHE A 682 -13.67 11.26 28.67
N GLY A 683 -14.40 12.02 29.50
CA GLY A 683 -13.79 13.18 30.13
C GLY A 683 -12.57 12.79 30.94
N ASP A 684 -11.61 13.70 31.01
CA ASP A 684 -10.38 13.48 31.74
C ASP A 684 -9.92 14.79 32.37
N ASP A 685 -8.94 14.67 33.27
CA ASP A 685 -8.43 15.84 33.98
C ASP A 685 -7.60 16.71 33.03
N ARG A 686 -7.45 17.98 33.42
CA ARG A 686 -6.61 18.90 32.69
C ARG A 686 -5.13 18.53 32.87
N ARG A 687 -4.35 18.76 31.82
CA ARG A 687 -2.91 18.49 31.83
C ARG A 687 -2.06 19.75 31.89
N THR A 688 -2.41 20.78 31.12
CA THR A 688 -1.64 22.03 31.08
C THR A 688 -2.10 22.97 32.18
N GLU A 689 -1.16 23.44 32.99
CA GLU A 689 -1.45 24.40 34.04
C GLU A 689 -1.40 25.81 33.47
N ILE A 690 -2.33 26.66 33.92
CA ILE A 690 -2.42 28.04 33.48
C ILE A 690 -2.08 28.92 34.67
N GLN A 691 -0.93 29.58 34.60
CA GLN A 691 -0.46 30.45 35.67
C GLN A 691 -0.83 31.90 35.35
N LEU A 692 -1.16 32.66 36.39
CA LEU A 692 -1.52 34.06 36.25
C LEU A 692 -0.29 34.96 36.35
N LYS B 10 23.99 8.18 12.68
CA LYS B 10 22.79 7.41 12.99
C LYS B 10 22.89 6.74 14.36
N LEU B 11 24.12 6.55 14.83
CA LEU B 11 24.33 5.96 16.15
C LEU B 11 23.63 6.80 17.21
N ALA B 12 22.86 6.13 18.07
CA ALA B 12 22.21 6.76 19.21
C ALA B 12 22.95 6.30 20.46
N ASP B 13 24.07 6.95 20.74
CA ASP B 13 24.94 6.53 21.83
C ASP B 13 24.23 6.72 23.16
N CYS B 14 24.83 6.18 24.22
CA CYS B 14 24.27 6.26 25.57
C CYS B 14 24.98 7.36 26.37
N SER B 15 24.44 7.62 27.56
CA SER B 15 24.99 8.69 28.41
C SER B 15 26.32 8.26 29.03
N SER B 16 26.32 7.13 29.73
CA SER B 16 27.53 6.65 30.38
C SER B 16 28.64 6.43 29.36
N LYS B 17 29.88 6.57 29.81
CA LYS B 17 31.06 6.34 28.99
C LYS B 17 31.99 5.31 29.64
N SER B 18 31.42 4.35 30.38
CA SER B 18 32.17 3.30 31.04
C SER B 18 31.91 1.99 30.31
N PRO B 19 32.80 1.56 29.41
CA PRO B 19 32.50 0.37 28.58
C PRO B 19 32.12 -0.85 29.40
N GLU B 20 32.57 -0.93 30.65
CA GLU B 20 32.29 -2.11 31.46
C GLU B 20 30.80 -2.35 31.61
N GLU B 21 30.00 -1.29 31.68
CA GLU B 21 28.56 -1.38 31.83
C GLU B 21 27.80 -0.90 30.61
N CYS B 22 28.49 -0.48 29.55
CA CYS B 22 27.84 -0.06 28.32
C CYS B 22 27.64 -1.24 27.39
N GLU B 23 26.69 -1.09 26.46
CA GLU B 23 26.37 -2.15 25.51
C GLU B 23 25.64 -1.54 24.33
N ILE B 24 26.03 -1.93 23.12
CA ILE B 24 25.48 -1.39 21.88
C ILE B 24 24.67 -2.48 21.20
N PHE B 25 23.47 -2.12 20.73
CA PHE B 25 22.59 -3.03 20.02
C PHE B 25 22.61 -2.70 18.53
N LEU B 26 22.68 -3.74 17.70
CA LEU B 26 22.67 -3.58 16.25
C LEU B 26 21.31 -4.04 15.72
N VAL B 27 20.62 -3.15 15.01
CA VAL B 27 19.31 -3.44 14.44
C VAL B 27 19.39 -3.28 12.92
N GLU B 28 18.36 -3.77 12.24
CA GLU B 28 18.39 -3.79 10.78
C GLU B 28 18.17 -2.41 10.18
N GLY B 29 17.35 -1.58 10.81
CA GLY B 29 17.06 -0.28 10.24
C GLY B 29 16.35 0.62 11.22
N ASP B 30 15.84 1.73 10.70
CA ASP B 30 15.17 2.72 11.55
C ASP B 30 13.82 2.22 12.03
N SER B 31 13.12 1.38 11.26
CA SER B 31 11.85 0.83 11.71
C SER B 31 12.02 0.11 13.05
N ALA B 32 13.15 -0.56 13.24
CA ALA B 32 13.47 -1.18 14.51
C ALA B 32 14.18 -0.21 15.45
N GLY B 33 15.01 0.67 14.90
CA GLY B 33 15.70 1.64 15.74
C GLY B 33 14.76 2.54 16.50
N GLY B 34 13.55 2.74 15.99
CA GLY B 34 12.57 3.55 16.69
C GLY B 34 12.12 2.90 17.98
N SER B 35 11.59 1.68 17.87
CA SER B 35 11.16 0.95 19.06
C SER B 35 12.32 0.72 20.01
N THR B 36 13.50 0.43 19.47
CA THR B 36 14.65 0.17 20.33
C THR B 36 15.05 1.42 21.09
N LYS B 37 15.15 2.56 20.40
CA LYS B 37 15.48 3.82 21.05
C LYS B 37 14.41 4.23 22.05
N SER B 38 13.15 3.86 21.80
CA SER B 38 12.06 4.25 22.68
C SER B 38 11.99 3.39 23.93
N GLY B 39 12.39 2.12 23.83
CA GLY B 39 12.27 1.20 24.95
C GLY B 39 13.57 0.98 25.71
N ARG B 40 14.68 1.43 25.13
CA ARG B 40 16.00 1.16 25.71
C ARG B 40 16.16 1.82 27.08
N ASP B 41 17.34 1.63 27.66
CA ASP B 41 17.79 2.38 28.83
C ASP B 41 18.90 3.31 28.32
N SER B 42 18.56 4.58 28.16
CA SER B 42 19.46 5.54 27.51
C SER B 42 20.73 5.81 28.30
N ARG B 43 20.92 5.20 29.46
N ARG B 43 20.93 5.18 29.45
CA ARG B 43 22.13 5.42 30.24
CA ARG B 43 22.12 5.41 30.27
C ARG B 43 23.24 4.46 29.85
C ARG B 43 23.24 4.43 29.98
N THR B 44 22.91 3.20 29.53
CA THR B 44 23.92 2.19 29.26
C THR B 44 23.67 1.41 27.98
N GLN B 45 22.74 1.83 27.14
CA GLN B 45 22.39 1.08 25.94
C GLN B 45 22.43 1.99 24.73
N ALA B 46 23.39 1.77 23.84
CA ALA B 46 23.48 2.47 22.57
C ALA B 46 22.83 1.65 21.47
N ILE B 47 22.50 2.32 20.36
CA ILE B 47 21.79 1.69 19.26
C ILE B 47 22.43 2.15 17.95
N LEU B 48 22.75 1.20 17.09
CA LEU B 48 23.27 1.49 15.76
C LEU B 48 22.37 0.84 14.72
N PRO B 49 21.49 1.60 14.06
CA PRO B 49 20.69 1.01 12.98
C PRO B 49 21.51 0.88 11.71
N LEU B 50 21.46 -0.30 11.09
CA LEU B 50 22.17 -0.57 9.85
C LEU B 50 21.24 -0.27 8.67
N ARG B 51 21.50 -0.87 7.51
CA ARG B 51 20.70 -0.63 6.32
C ARG B 51 20.50 -1.97 5.57
N GLY B 52 19.81 -2.89 6.22
CA GLY B 52 19.52 -4.17 5.59
C GLY B 52 20.74 -5.06 5.49
N LYS B 53 20.80 -5.82 4.40
CA LYS B 53 21.91 -6.75 4.18
C LYS B 53 23.22 -5.98 4.10
N ILE B 54 24.20 -6.39 4.91
CA ILE B 54 25.52 -5.77 4.87
C ILE B 54 26.40 -6.52 3.89
N LEU B 55 27.62 -6.03 3.70
CA LEU B 55 28.53 -6.63 2.73
C LEU B 55 29.07 -7.96 3.26
N ASN B 56 29.22 -8.92 2.36
CA ASN B 56 29.85 -10.22 2.67
C ASN B 56 31.35 -10.08 2.45
N VAL B 57 32.10 -9.93 3.55
CA VAL B 57 33.54 -9.69 3.44
C VAL B 57 34.25 -10.92 2.89
N GLU B 58 33.70 -12.12 3.10
CA GLU B 58 34.34 -13.33 2.60
C GLU B 58 34.42 -13.37 1.07
N LYS B 59 33.57 -12.60 0.38
CA LYS B 59 33.54 -12.56 -1.08
C LYS B 59 34.09 -11.27 -1.67
N ALA B 60 33.93 -10.15 -0.99
CA ALA B 60 34.34 -8.85 -1.50
C ALA B 60 35.81 -8.58 -1.21
N ARG B 61 36.39 -7.69 -2.00
CA ARG B 61 37.80 -7.33 -1.82
C ARG B 61 37.94 -6.23 -0.76
N LEU B 62 39.16 -6.10 -0.25
CA LEU B 62 39.39 -5.25 0.92
C LEU B 62 39.07 -3.79 0.63
N ASP B 63 39.42 -3.31 -0.57
CA ASP B 63 39.16 -1.91 -0.91
C ASP B 63 37.68 -1.59 -0.78
N ARG B 64 36.81 -2.49 -1.23
CA ARG B 64 35.37 -2.26 -1.13
C ARG B 64 34.90 -2.31 0.32
N ILE B 65 35.52 -3.17 1.13
CA ILE B 65 35.11 -3.28 2.53
C ILE B 65 35.45 -1.99 3.28
N LEU B 66 36.67 -1.49 3.11
CA LEU B 66 37.11 -0.30 3.84
C LEU B 66 36.45 0.97 3.35
N ASN B 67 35.61 0.90 2.30
CA ASN B 67 34.86 2.05 1.82
C ASN B 67 33.36 1.88 2.00
N ASN B 68 32.92 0.81 2.67
CA ASN B 68 31.51 0.59 2.91
C ASN B 68 31.02 1.44 4.07
N ASN B 69 29.84 2.03 3.90
CA ASN B 69 29.31 2.95 4.91
C ASN B 69 29.02 2.22 6.22
N GLU B 70 28.24 1.13 6.16
CA GLU B 70 27.87 0.43 7.38
C GLU B 70 29.09 -0.11 8.11
N ILE B 71 30.05 -0.67 7.36
CA ILE B 71 31.27 -1.19 7.98
C ILE B 71 31.98 -0.08 8.73
N ARG B 72 32.26 1.04 8.05
CA ARG B 72 32.98 2.14 8.67
C ARG B 72 32.22 2.67 9.88
N GLN B 73 30.89 2.69 9.82
CA GLN B 73 30.10 3.15 10.96
C GLN B 73 30.25 2.19 12.14
N MET B 74 30.33 0.89 11.87
CA MET B 74 30.55 -0.08 12.94
C MET B 74 31.94 0.07 13.55
N ILE B 75 32.96 0.24 12.71
CA ILE B 75 34.32 0.46 13.21
C ILE B 75 34.35 1.69 14.10
N THR B 76 33.77 2.80 13.61
CA THR B 76 33.71 4.02 14.41
C THR B 76 33.00 3.76 15.73
N ALA B 77 31.86 3.09 15.69
CA ALA B 77 31.09 2.83 16.91
C ALA B 77 31.90 2.02 17.90
N PHE B 78 32.72 1.08 17.42
CA PHE B 78 33.50 0.27 18.32
C PHE B 78 34.80 0.96 18.73
N GLY B 79 35.41 1.70 17.81
CA GLY B 79 36.62 2.44 18.10
C GLY B 79 37.80 1.57 18.46
N THR B 80 37.82 0.32 17.98
CA THR B 80 38.89 -0.62 18.28
C THR B 80 39.83 -0.86 17.10
N GLY B 81 39.44 -0.45 15.89
CA GLY B 81 40.23 -0.78 14.73
C GLY B 81 39.90 -2.16 14.20
N ILE B 82 40.69 -2.59 13.21
CA ILE B 82 40.47 -3.87 12.53
C ILE B 82 41.82 -4.46 12.17
N GLY B 83 41.83 -5.78 11.96
CA GLY B 83 43.04 -6.47 11.56
C GLY B 83 44.10 -6.39 12.64
N GLY B 84 45.34 -6.13 12.21
CA GLY B 84 46.44 -6.01 13.14
C GLY B 84 46.39 -4.78 14.02
N ASP B 85 45.67 -3.74 13.59
CA ASP B 85 45.53 -2.52 14.36
C ASP B 85 44.44 -2.62 15.41
N PHE B 86 43.91 -3.82 15.66
CA PHE B 86 42.84 -3.99 16.64
C PHE B 86 43.41 -3.88 18.06
N ASP B 87 42.66 -3.18 18.92
CA ASP B 87 43.05 -3.00 20.31
C ASP B 87 41.80 -3.20 21.17
N LEU B 88 41.76 -4.27 21.95
CA LEU B 88 40.58 -4.55 22.76
C LEU B 88 40.38 -3.49 23.82
N ALA B 89 41.46 -2.85 24.27
CA ALA B 89 41.34 -1.82 25.30
C ALA B 89 40.61 -0.59 24.81
N LYS B 90 40.60 -0.34 23.51
CA LYS B 90 39.92 0.81 22.93
C LYS B 90 38.45 0.55 22.65
N ALA B 91 37.88 -0.50 23.22
CA ALA B 91 36.48 -0.83 22.99
C ALA B 91 35.58 0.11 23.77
N ARG B 92 34.64 0.75 23.08
CA ARG B 92 33.68 1.65 23.72
C ARG B 92 32.52 0.91 24.38
N TYR B 93 32.37 -0.39 24.12
CA TYR B 93 31.35 -1.20 24.76
C TYR B 93 31.91 -2.59 25.06
N HIS B 94 31.37 -3.21 26.11
CA HIS B 94 31.75 -4.57 26.49
C HIS B 94 30.76 -5.61 26.02
N LYS B 95 29.65 -5.19 25.42
CA LYS B 95 28.67 -6.13 24.87
C LYS B 95 28.19 -5.58 23.53
N ILE B 96 28.46 -6.32 22.46
CA ILE B 96 27.96 -5.99 21.13
C ILE B 96 26.81 -6.96 20.86
N VAL B 97 25.59 -6.47 21.00
CA VAL B 97 24.39 -7.30 20.93
C VAL B 97 23.86 -7.27 19.50
N ILE B 98 23.90 -8.41 18.82
CA ILE B 98 23.27 -8.53 17.51
C ILE B 98 21.79 -8.79 17.74
N MET B 99 20.94 -7.88 17.26
CA MET B 99 19.50 -7.93 17.47
C MET B 99 18.76 -7.67 16.16
N THR B 100 18.97 -8.56 15.20
CA THR B 100 18.24 -8.50 13.94
C THR B 100 16.80 -8.96 14.16
N ASP B 101 15.99 -8.76 13.12
CA ASP B 101 14.59 -9.18 13.19
C ASP B 101 14.50 -10.69 13.29
N ALA B 102 13.43 -11.16 13.93
CA ALA B 102 13.20 -12.59 14.14
C ALA B 102 12.59 -13.20 12.87
N ASP B 103 13.39 -13.22 11.81
CA ASP B 103 12.99 -13.81 10.55
C ASP B 103 14.22 -14.42 9.88
N VAL B 104 14.01 -15.00 8.70
CA VAL B 104 15.11 -15.66 7.99
C VAL B 104 16.13 -14.65 7.50
N ASP B 105 15.67 -13.49 7.04
CA ASP B 105 16.58 -12.45 6.58
C ASP B 105 17.39 -11.89 7.75
N GLY B 106 16.78 -11.81 8.93
CA GLY B 106 17.55 -11.45 10.12
C GLY B 106 18.61 -12.46 10.45
N ALA B 107 18.33 -13.74 10.19
CA ALA B 107 19.35 -14.77 10.37
C ALA B 107 20.49 -14.58 9.38
N HIS B 108 20.16 -14.31 8.11
CA HIS B 108 21.20 -14.02 7.13
C HIS B 108 22.06 -12.85 7.58
N ILE B 109 21.42 -11.73 7.93
CA ILE B 109 22.15 -10.57 8.42
C ILE B 109 23.05 -10.96 9.58
N ARG B 110 22.55 -11.82 10.47
CA ARG B 110 23.36 -12.25 11.61
C ARG B 110 24.60 -12.98 11.14
N THR B 111 24.46 -13.87 10.15
CA THR B 111 25.61 -14.60 9.64
C THR B 111 26.62 -13.65 8.99
N LEU B 112 26.12 -12.63 8.29
CA LEU B 112 27.01 -11.65 7.68
C LEU B 112 27.79 -10.89 8.74
N LEU B 113 27.08 -10.36 9.74
CA LEU B 113 27.74 -9.64 10.83
C LEU B 113 28.79 -10.52 11.50
N LEU B 114 28.41 -11.74 11.87
CA LEU B 114 29.37 -12.65 12.48
C LEU B 114 30.58 -12.84 11.58
N THR B 115 30.37 -12.97 10.27
CA THR B 115 31.50 -13.10 9.35
C THR B 115 32.43 -11.89 9.46
N PHE B 116 31.87 -10.68 9.40
CA PHE B 116 32.68 -9.48 9.53
C PHE B 116 33.49 -9.50 10.82
N PHE B 117 32.82 -9.70 11.96
CA PHE B 117 33.51 -9.72 13.24
C PHE B 117 34.62 -10.77 13.25
N TYR B 118 34.38 -11.92 12.62
CA TYR B 118 35.35 -13.02 12.67
C TYR B 118 36.55 -12.75 11.79
N ARG B 119 36.36 -12.05 10.67
CA ARG B 119 37.45 -11.78 9.74
C ARG B 119 38.18 -10.46 10.04
N PHE B 120 37.60 -9.59 10.86
CA PHE B 120 38.22 -8.30 11.15
C PHE B 120 38.22 -7.90 12.61
N MET B 121 37.60 -8.66 13.49
CA MET B 121 37.58 -8.32 14.92
C MET B 121 37.50 -9.61 15.73
N ARG B 122 38.39 -10.55 15.45
N ARG B 122 38.39 -10.55 15.45
CA ARG B 122 38.37 -11.84 16.14
CA ARG B 122 38.35 -11.84 16.14
C ARG B 122 38.56 -11.70 17.64
C ARG B 122 38.56 -11.71 17.65
N PRO B 123 39.51 -10.92 18.14
CA PRO B 123 39.66 -10.79 19.60
C PRO B 123 38.39 -10.33 20.29
N LEU B 124 37.55 -9.57 19.58
CA LEU B 124 36.26 -9.17 20.14
C LEU B 124 35.38 -10.38 20.43
N ILE B 125 35.47 -11.41 19.59
CA ILE B 125 34.75 -12.66 19.84
C ILE B 125 35.44 -13.48 20.91
N GLU B 126 36.77 -13.63 20.80
N GLU B 126 36.76 -13.63 20.79
CA GLU B 126 37.51 -14.40 21.79
CA GLU B 126 37.52 -14.40 21.79
C GLU B 126 37.30 -13.84 23.19
C GLU B 126 37.28 -13.85 23.20
N ALA B 127 37.15 -12.52 23.32
CA ALA B 127 36.93 -11.89 24.62
C ALA B 127 35.50 -12.04 25.12
N GLY B 128 34.60 -12.62 24.31
CA GLY B 128 33.23 -12.81 24.73
C GLY B 128 32.39 -11.55 24.73
N TYR B 129 32.72 -10.60 23.86
CA TYR B 129 31.98 -9.34 23.79
C TYR B 129 30.80 -9.40 22.83
N VAL B 130 30.68 -10.44 22.01
CA VAL B 130 29.62 -10.54 21.01
C VAL B 130 28.48 -11.38 21.59
N TYR B 131 27.27 -10.81 21.56
CA TYR B 131 26.08 -11.48 22.07
C TYR B 131 25.01 -11.47 20.98
N ILE B 132 23.96 -12.25 21.22
CA ILE B 132 22.83 -12.38 20.30
C ILE B 132 21.56 -12.16 21.09
N ALA B 133 20.76 -11.18 20.69
CA ALA B 133 19.48 -10.96 21.32
C ALA B 133 18.46 -11.96 20.79
N GLN B 134 17.43 -12.20 21.60
CA GLN B 134 16.39 -13.20 21.30
C GLN B 134 15.02 -12.55 21.41
N PRO B 135 14.66 -11.70 20.45
CA PRO B 135 13.31 -11.13 20.46
C PRO B 135 12.26 -12.20 20.21
N PRO B 136 11.04 -12.01 20.70
CA PRO B 136 10.01 -13.05 20.52
C PRO B 136 9.67 -13.25 19.05
N THR B 137 9.15 -14.43 18.76
CA THR B 137 8.72 -14.77 17.41
C THR B 137 7.29 -14.27 17.17
N GLY B 138 6.92 -14.24 15.89
CA GLY B 138 5.60 -13.78 15.50
C GLY B 138 5.55 -12.37 14.95
N TYR B 139 6.66 -11.65 14.95
CA TYR B 139 6.73 -10.29 14.41
C TYR B 139 7.58 -10.26 13.16
N LYS B 140 7.09 -9.55 12.13
CA LYS B 140 7.89 -9.34 10.93
C LYS B 140 9.18 -8.60 11.24
N GLY B 141 9.16 -7.74 12.25
CA GLY B 141 10.34 -7.02 12.66
C GLY B 141 10.10 -6.36 14.00
N LEU B 142 11.17 -5.80 14.56
CA LEU B 142 11.05 -5.11 15.84
C LEU B 142 10.19 -3.86 15.72
N GLY B 143 10.11 -3.27 14.53
CA GLY B 143 9.24 -2.14 14.31
C GLY B 143 7.77 -2.44 14.49
N GLU B 144 7.41 -3.72 14.56
CA GLU B 144 6.03 -4.13 14.82
C GLU B 144 5.74 -4.30 16.30
N MET B 145 6.78 -4.41 17.13
CA MET B 145 6.61 -4.53 18.57
C MET B 145 6.50 -3.16 19.22
N ASN B 146 5.81 -3.12 20.35
CA ASN B 146 5.77 -1.91 21.16
C ASN B 146 7.05 -1.79 21.98
N ALA B 147 7.36 -0.56 22.36
CA ALA B 147 8.61 -0.30 23.07
C ALA B 147 8.68 -1.07 24.38
N ASP B 148 7.61 -1.02 25.17
CA ASP B 148 7.62 -1.71 26.47
C ASP B 148 7.80 -3.21 26.30
N GLN B 149 7.14 -3.81 25.31
CA GLN B 149 7.29 -5.24 25.06
C GLN B 149 8.73 -5.58 24.72
N LEU B 150 9.31 -4.86 23.75
CA LEU B 150 10.70 -5.11 23.36
C LEU B 150 11.63 -4.95 24.55
N TRP B 151 11.38 -3.96 25.41
CA TRP B 151 12.22 -3.77 26.58
C TRP B 151 12.12 -4.95 27.53
N GLU B 152 10.90 -5.37 27.86
CA GLU B 152 10.72 -6.42 28.87
C GLU B 152 11.20 -7.77 28.36
N THR B 153 11.06 -8.04 27.06
CA THR B 153 11.34 -9.36 26.51
C THR B 153 12.74 -9.49 25.93
N THR B 154 13.42 -8.39 25.60
CA THR B 154 14.68 -8.48 24.88
C THR B 154 15.80 -7.64 25.48
N MET B 155 15.51 -6.45 25.96
CA MET B 155 16.55 -5.53 26.38
C MET B 155 16.73 -5.44 27.89
N ASN B 156 15.68 -5.62 28.66
CA ASN B 156 15.76 -5.50 30.11
C ASN B 156 16.75 -6.52 30.65
N PRO B 157 17.85 -6.10 31.28
CA PRO B 157 18.82 -7.09 31.78
C PRO B 157 18.22 -8.06 32.80
N GLU B 158 17.16 -7.67 33.49
CA GLU B 158 16.55 -8.50 34.52
C GLU B 158 15.64 -9.58 33.96
N HIS B 159 15.36 -9.57 32.66
CA HIS B 159 14.51 -10.59 32.04
C HIS B 159 15.02 -11.10 30.70
N ARG B 160 15.91 -10.39 30.02
CA ARG B 160 16.35 -10.81 28.69
C ARG B 160 17.07 -12.16 28.76
N ALA B 161 17.17 -12.80 27.59
CA ALA B 161 17.86 -14.07 27.44
C ALA B 161 18.84 -13.94 26.29
N LEU B 162 20.08 -13.52 26.62
CA LEU B 162 21.11 -13.34 25.62
C LEU B 162 21.92 -14.62 25.44
N LEU B 163 22.50 -14.76 24.25
CA LEU B 163 23.41 -15.85 23.92
C LEU B 163 24.79 -15.23 23.71
N GLN B 164 25.78 -15.71 24.46
CA GLN B 164 27.15 -15.22 24.34
C GLN B 164 27.88 -16.06 23.30
N VAL B 165 28.42 -15.40 22.28
CA VAL B 165 29.12 -16.11 21.22
C VAL B 165 30.47 -16.58 21.76
N LYS B 166 30.72 -17.89 21.66
CA LYS B 166 31.96 -18.50 22.10
C LYS B 166 32.64 -19.15 20.90
N LEU B 167 33.95 -18.93 20.79
CA LEU B 167 34.76 -19.51 19.72
C LEU B 167 35.56 -20.67 20.30
N GLU B 168 35.20 -21.89 19.91
CA GLU B 168 35.89 -23.07 20.41
C GLU B 168 37.02 -23.50 19.47
N ASP B 169 36.67 -24.16 18.37
CA ASP B 169 37.65 -24.63 17.39
C ASP B 169 37.86 -23.57 16.33
N ALA B 170 39.09 -23.02 16.26
CA ALA B 170 39.38 -21.99 15.28
C ALA B 170 39.50 -22.55 13.87
N ILE B 171 39.99 -23.78 13.73
CA ILE B 171 40.11 -24.39 12.41
C ILE B 171 38.73 -24.71 11.86
N GLU B 172 37.90 -25.38 12.66
CA GLU B 172 36.54 -25.66 12.22
C GLU B 172 35.76 -24.37 11.97
N ALA B 173 36.06 -23.31 12.72
CA ALA B 173 35.43 -22.02 12.48
C ALA B 173 35.83 -21.46 11.12
N ASP B 174 37.14 -21.44 10.83
CA ASP B 174 37.60 -20.98 9.52
C ASP B 174 36.95 -21.78 8.40
N GLN B 175 36.95 -23.10 8.52
CA GLN B 175 36.35 -23.94 7.49
C GLN B 175 34.86 -23.66 7.34
N THR B 176 34.17 -23.40 8.46
CA THR B 176 32.75 -23.13 8.41
C THR B 176 32.45 -21.81 7.72
N PHE B 177 33.15 -20.74 8.10
CA PHE B 177 32.90 -19.45 7.47
C PHE B 177 33.26 -19.48 6.00
N GLU B 178 34.40 -20.10 5.65
CA GLU B 178 34.76 -20.20 4.24
C GLU B 178 33.78 -21.07 3.47
N MET B 179 33.18 -22.06 4.14
CA MET B 179 32.27 -22.97 3.47
C MET B 179 30.92 -22.31 3.21
N LEU B 180 30.33 -21.68 4.23
CA LEU B 180 28.99 -21.13 4.11
C LEU B 180 28.99 -19.77 3.43
N MET B 181 30.00 -18.94 3.70
CA MET B 181 30.02 -17.57 3.20
C MET B 181 31.02 -17.35 2.07
N GLY B 182 31.95 -18.27 1.86
CA GLY B 182 32.93 -18.13 0.80
C GLY B 182 32.30 -18.05 -0.58
N ASP B 183 33.13 -17.90 -1.61
CA ASP B 183 32.65 -17.78 -2.98
C ASP B 183 32.63 -19.12 -3.72
N VAL B 184 32.92 -20.23 -3.03
CA VAL B 184 32.82 -21.55 -3.61
C VAL B 184 31.41 -22.07 -3.34
N VAL B 185 30.61 -22.18 -4.40
CA VAL B 185 29.20 -22.53 -4.24
C VAL B 185 29.05 -24.01 -3.89
N GLU B 186 29.86 -24.86 -4.51
CA GLU B 186 29.66 -26.30 -4.38
C GLU B 186 29.66 -26.75 -2.92
N ASN B 187 30.61 -26.24 -2.13
CA ASN B 187 30.67 -26.64 -0.73
C ASN B 187 29.37 -26.27 -0.02
N ARG B 188 28.81 -25.11 -0.35
CA ARG B 188 27.58 -24.66 0.28
C ARG B 188 26.40 -25.53 -0.14
N ARG B 189 26.24 -25.75 -1.44
CA ARG B 189 25.20 -26.65 -1.93
C ARG B 189 25.28 -28.01 -1.25
N GLN B 190 26.50 -28.54 -1.12
CA GLN B 190 26.66 -29.84 -0.46
C GLN B 190 26.23 -29.78 0.99
N PHE B 191 26.61 -28.71 1.70
CA PHE B 191 26.17 -28.55 3.08
C PHE B 191 24.65 -28.56 3.18
N ILE B 192 23.97 -27.82 2.29
CA ILE B 192 22.51 -27.79 2.30
C ILE B 192 21.95 -29.18 2.06
N GLU B 193 22.43 -29.84 1.00
CA GLU B 193 21.96 -31.20 0.68
C GLU B 193 22.13 -32.13 1.88
N ASP B 194 23.21 -31.97 2.64
CA ASP B 194 23.49 -32.87 3.75
C ASP B 194 22.65 -32.54 4.99
N ASN B 195 22.33 -31.27 5.21
CA ASN B 195 21.67 -30.83 6.44
C ASN B 195 20.25 -30.33 6.22
N ALA B 196 19.81 -30.13 4.99
CA ALA B 196 18.47 -29.61 4.74
C ALA B 196 17.42 -30.61 5.22
N VAL B 197 16.50 -30.13 6.05
CA VAL B 197 15.42 -30.96 6.58
C VAL B 197 14.11 -30.52 5.94
N TYR B 198 13.86 -30.97 4.72
CA TYR B 198 12.67 -30.56 3.99
C TYR B 198 11.42 -31.14 4.64
N ALA B 199 10.37 -30.31 4.75
CA ALA B 199 9.13 -30.71 5.39
C ALA B 199 8.29 -31.52 4.40
N ASN B 200 8.62 -32.80 4.31
CA ASN B 200 7.84 -33.74 3.51
C ASN B 200 7.65 -33.24 2.08
N SER B 209 21.83 -12.34 33.81
CA SER B 209 20.63 -13.14 34.07
C SER B 209 20.30 -14.04 32.88
N ARG B 210 20.62 -15.32 33.01
CA ARG B 210 20.37 -16.29 31.93
C ARG B 210 21.21 -15.96 30.71
N ILE B 211 22.49 -16.31 30.74
CA ILE B 211 23.40 -16.01 29.64
C ILE B 211 24.02 -17.31 29.14
N ASN B 212 23.31 -18.01 28.27
CA ASN B 212 23.80 -19.28 27.73
C ASN B 212 24.92 -19.04 26.73
N GLU B 213 25.82 -20.01 26.64
CA GLU B 213 26.89 -19.95 25.65
C GLU B 213 26.40 -20.52 24.33
N ARG B 214 27.00 -20.02 23.25
CA ARG B 214 26.57 -20.38 21.89
C ARG B 214 27.82 -20.54 21.03
N ASN B 215 28.01 -21.72 20.46
CA ASN B 215 29.15 -21.94 19.60
C ASN B 215 28.95 -21.24 18.26
N ILE B 216 29.94 -20.44 17.85
CA ILE B 216 29.79 -19.63 16.65
C ILE B 216 29.57 -20.52 15.43
N THR B 217 30.18 -21.69 15.40
CA THR B 217 29.98 -22.61 14.28
C THR B 217 28.53 -23.08 14.23
N SER B 218 28.00 -23.53 15.37
CA SER B 218 26.61 -23.98 15.40
C SER B 218 25.66 -22.86 14.97
N GLU B 219 25.93 -21.63 15.42
CA GLU B 219 25.07 -20.51 15.07
C GLU B 219 25.13 -20.22 13.57
N MET B 220 26.34 -20.21 13.00
CA MET B 220 26.48 -19.97 11.57
C MET B 220 25.75 -21.04 10.76
N ARG B 221 25.98 -22.31 11.11
CA ARG B 221 25.38 -23.40 10.33
C ARG B 221 23.87 -23.38 10.45
N GLU B 222 23.34 -23.19 11.66
CA GLU B 222 21.89 -23.21 11.86
C GLU B 222 21.22 -22.01 11.21
N SER B 223 21.72 -20.80 11.47
CA SER B 223 21.14 -19.61 10.86
C SER B 223 21.20 -19.68 9.35
N PHE B 224 22.40 -19.91 8.80
CA PHE B 224 22.55 -19.94 7.35
C PHE B 224 21.72 -21.05 6.74
N LEU B 225 21.57 -22.18 7.44
CA LEU B 225 20.71 -23.24 6.94
C LEU B 225 19.26 -22.78 6.92
N ASP B 226 18.84 -22.00 7.93
N ASP B 226 18.83 -22.02 7.93
CA ASP B 226 17.47 -21.49 7.95
CA ASP B 226 17.48 -21.48 7.95
C ASP B 226 17.23 -20.58 6.75
C ASP B 226 17.23 -20.58 6.75
N TYR B 227 18.07 -19.56 6.57
CA TYR B 227 17.92 -18.66 5.44
C TYR B 227 17.96 -19.42 4.12
N ALA B 228 18.92 -20.34 3.98
CA ALA B 228 19.07 -21.08 2.73
C ALA B 228 17.82 -21.88 2.41
N MET B 229 17.35 -22.68 3.38
CA MET B 229 16.12 -23.44 3.18
C MET B 229 14.97 -22.52 2.80
N SER B 230 14.80 -21.43 3.55
CA SER B 230 13.68 -20.53 3.28
C SER B 230 13.75 -20.00 1.85
N VAL B 231 14.95 -19.66 1.38
CA VAL B 231 15.05 -19.11 0.04
C VAL B 231 14.81 -20.18 -1.01
N ILE B 232 15.22 -21.42 -0.73
CA ILE B 232 15.05 -22.49 -1.69
C ILE B 232 13.59 -22.86 -1.86
N VAL B 233 12.90 -23.13 -0.74
CA VAL B 233 11.55 -23.68 -0.80
C VAL B 233 10.45 -22.62 -0.74
N ALA B 234 10.78 -21.37 -0.41
CA ALA B 234 9.75 -20.37 -0.13
C ALA B 234 10.13 -18.99 -0.67
N ARG B 235 10.87 -18.92 -1.77
CA ARG B 235 11.19 -17.62 -2.36
C ARG B 235 11.64 -17.71 -3.82
N ALA B 236 12.83 -18.28 -4.04
CA ALA B 236 13.48 -18.14 -5.33
C ALA B 236 13.08 -19.19 -6.35
N LEU B 237 12.69 -20.40 -5.92
CA LEU B 237 12.47 -21.47 -6.89
C LEU B 237 10.98 -21.75 -7.09
N PRO B 238 10.55 -22.05 -8.32
CA PRO B 238 9.15 -22.36 -8.56
C PRO B 238 8.82 -23.82 -8.32
N ASP B 239 7.52 -24.09 -8.18
CA ASP B 239 7.02 -25.44 -8.02
C ASP B 239 6.70 -26.04 -9.38
N VAL B 240 7.13 -27.28 -9.61
CA VAL B 240 6.95 -27.92 -10.90
C VAL B 240 5.49 -28.04 -11.28
N ARG B 241 4.58 -28.04 -10.30
CA ARG B 241 3.17 -28.28 -10.58
C ARG B 241 2.52 -27.07 -11.25
N ASP B 242 2.66 -25.89 -10.64
CA ASP B 242 2.09 -24.67 -11.22
C ASP B 242 3.15 -23.71 -11.75
N GLY B 243 4.43 -24.03 -11.58
CA GLY B 243 5.49 -23.18 -12.10
C GLY B 243 5.50 -21.80 -11.52
N LEU B 244 5.01 -21.64 -10.29
CA LEU B 244 4.91 -20.34 -9.63
C LEU B 244 5.77 -20.33 -8.38
N LYS B 245 6.29 -19.16 -8.06
CA LYS B 245 6.92 -18.91 -6.77
C LYS B 245 5.88 -18.42 -5.78
N PRO B 246 6.18 -18.49 -4.49
CA PRO B 246 5.19 -18.03 -3.49
C PRO B 246 4.65 -16.64 -3.72
N VAL B 247 5.48 -15.71 -4.21
CA VAL B 247 5.01 -14.33 -4.39
C VAL B 247 4.02 -14.24 -5.53
N HIS B 248 4.30 -14.90 -6.65
CA HIS B 248 3.36 -14.87 -7.77
C HIS B 248 2.08 -15.60 -7.42
N ARG B 249 2.19 -16.75 -6.76
CA ARG B 249 1.01 -17.49 -6.35
C ARG B 249 0.16 -16.67 -5.41
N ARG B 250 0.78 -16.08 -4.39
CA ARG B 250 0.03 -15.24 -3.45
C ARG B 250 -0.58 -14.03 -4.14
N ILE B 251 0.09 -13.49 -5.15
CA ILE B 251 -0.47 -12.36 -5.90
C ILE B 251 -1.74 -12.80 -6.63
N LEU B 252 -1.64 -13.83 -7.45
CA LEU B 252 -2.80 -14.27 -8.24
C LEU B 252 -3.95 -14.67 -7.33
N TYR B 253 -3.68 -15.45 -6.29
CA TYR B 253 -4.74 -15.79 -5.34
C TYR B 253 -5.35 -14.53 -4.74
N GLY B 254 -4.51 -13.52 -4.46
CA GLY B 254 -5.04 -12.27 -3.97
C GLY B 254 -6.00 -11.63 -4.97
N LEU B 255 -5.66 -11.69 -6.26
CA LEU B 255 -6.58 -11.21 -7.29
C LEU B 255 -7.83 -12.06 -7.38
N ASN B 256 -7.79 -13.30 -6.90
CA ASN B 256 -8.95 -14.18 -6.97
C ASN B 256 -9.90 -13.97 -5.81
N GLU B 257 -9.38 -13.81 -4.59
CA GLU B 257 -10.22 -13.61 -3.41
C GLU B 257 -10.97 -12.29 -3.46
N GLN B 258 -10.50 -11.33 -4.27
CA GLN B 258 -11.17 -10.06 -4.44
C GLN B 258 -11.97 -10.00 -5.73
N GLY B 259 -12.16 -11.12 -6.41
CA GLY B 259 -12.95 -11.15 -7.63
C GLY B 259 -12.45 -10.25 -8.72
N MET B 260 -11.14 -9.98 -8.76
CA MET B 260 -10.56 -9.11 -9.78
C MET B 260 -10.43 -9.89 -11.10
N THR B 261 -11.61 -10.23 -11.65
CA THR B 261 -11.68 -11.04 -12.87
C THR B 261 -11.62 -10.15 -14.10
N PRO B 262 -11.32 -10.72 -15.27
CA PRO B 262 -11.24 -9.89 -16.48
C PRO B 262 -12.54 -9.19 -16.82
N ASP B 263 -13.67 -9.84 -16.58
CA ASP B 263 -14.96 -9.22 -16.89
C ASP B 263 -15.18 -7.97 -16.05
N LYS B 264 -14.82 -8.01 -14.77
CA LYS B 264 -14.97 -6.84 -13.91
C LYS B 264 -13.80 -5.87 -14.11
N SER B 265 -14.04 -4.62 -13.76
CA SER B 265 -13.09 -3.55 -14.02
C SER B 265 -11.72 -3.88 -13.40
N TYR B 266 -10.71 -3.13 -13.83
CA TYR B 266 -9.41 -3.22 -13.21
C TYR B 266 -9.51 -2.87 -11.73
N LYS B 267 -8.45 -3.19 -10.99
CA LYS B 267 -8.38 -2.88 -9.57
C LYS B 267 -7.09 -2.11 -9.29
N LYS B 268 -7.14 -1.29 -8.24
CA LYS B 268 -6.01 -0.43 -7.91
C LYS B 268 -4.84 -1.28 -7.45
N SER B 269 -3.69 -1.13 -8.10
CA SER B 269 -2.51 -1.92 -7.73
C SER B 269 -2.16 -1.73 -6.26
N ALA B 270 -2.38 -0.52 -5.73
CA ALA B 270 -2.10 -0.28 -4.32
C ALA B 270 -2.90 -1.22 -3.42
N ARG B 271 -4.20 -1.36 -3.71
CA ARG B 271 -5.03 -2.28 -2.93
C ARG B 271 -4.54 -3.71 -3.07
N ILE B 272 -4.13 -4.11 -4.28
CA ILE B 272 -3.69 -5.47 -4.50
C ILE B 272 -2.46 -5.77 -3.65
N VAL B 273 -1.45 -4.90 -3.74
CA VAL B 273 -0.21 -5.12 -3.00
C VAL B 273 -0.46 -5.05 -1.50
N GLY B 274 -1.32 -4.12 -1.06
CA GLY B 274 -1.60 -4.01 0.37
C GLY B 274 -2.32 -5.23 0.92
N ASP B 275 -3.32 -5.73 0.17
N ASP B 275 -3.32 -5.73 0.17
CA ASP B 275 -4.04 -6.92 0.58
CA ASP B 275 -4.04 -6.91 0.60
C ASP B 275 -3.14 -8.14 0.60
C ASP B 275 -3.13 -8.14 0.61
N VAL B 276 -2.34 -8.32 -0.46
CA VAL B 276 -1.43 -9.47 -0.53
C VAL B 276 -0.42 -9.40 0.60
N MET B 277 0.10 -8.20 0.87
CA MET B 277 1.15 -8.06 1.87
C MET B 277 0.60 -8.28 3.28
N GLY B 278 -0.61 -7.81 3.55
CA GLY B 278 -1.20 -8.05 4.86
C GLY B 278 -1.66 -9.47 5.06
N LYS B 279 -2.15 -10.12 4.00
CA LYS B 279 -2.74 -11.44 4.12
C LYS B 279 -1.72 -12.57 3.96
N TYR B 280 -0.91 -12.53 2.91
CA TYR B 280 -0.13 -13.69 2.52
C TYR B 280 1.37 -13.46 2.48
N HIS B 281 1.83 -12.32 1.99
CA HIS B 281 3.25 -12.09 1.68
C HIS B 281 3.85 -11.06 2.64
N PRO B 282 4.42 -11.48 3.77
CA PRO B 282 4.96 -10.51 4.73
C PRO B 282 6.34 -9.98 4.35
N HIS B 283 6.40 -9.28 3.21
CA HIS B 283 7.65 -8.73 2.72
C HIS B 283 7.39 -7.36 2.11
N GLY B 284 8.46 -6.73 1.61
CA GLY B 284 8.35 -5.38 1.11
C GLY B 284 7.44 -5.28 -0.09
N ASP B 285 6.85 -4.10 -0.26
CA ASP B 285 5.92 -3.87 -1.37
C ASP B 285 6.63 -3.92 -2.71
N SER B 286 7.90 -3.50 -2.76
CA SER B 286 8.61 -3.46 -4.03
C SER B 286 8.68 -4.84 -4.67
N SER B 287 8.91 -5.88 -3.86
CA SER B 287 8.98 -7.23 -4.41
C SER B 287 7.65 -7.63 -5.03
N ILE B 288 6.56 -7.48 -4.28
CA ILE B 288 5.24 -7.84 -4.79
C ILE B 288 4.93 -7.07 -6.07
N TYR B 289 4.98 -5.74 -5.99
CA TYR B 289 4.54 -4.92 -7.11
C TYR B 289 5.39 -5.20 -8.35
N GLU B 290 6.71 -5.32 -8.18
N GLU B 290 6.71 -5.34 -8.18
CA GLU B 290 7.57 -5.65 -9.31
CA GLU B 290 7.54 -5.64 -9.34
C GLU B 290 7.21 -7.01 -9.89
C GLU B 290 7.23 -7.02 -9.90
N ALA B 291 6.90 -7.98 -9.03
CA ALA B 291 6.50 -9.30 -9.51
C ALA B 291 5.26 -9.23 -10.38
N MET B 292 4.23 -8.54 -9.88
CA MET B 292 3.01 -8.36 -10.66
C MET B 292 3.30 -7.65 -11.98
N VAL B 293 4.16 -6.63 -11.95
CA VAL B 293 4.51 -5.91 -13.16
C VAL B 293 5.12 -6.85 -14.18
N ARG B 294 6.11 -7.64 -13.76
N ARG B 294 6.10 -7.65 -13.75
CA ARG B 294 6.70 -8.62 -14.66
CA ARG B 294 6.70 -8.62 -14.67
C ARG B 294 5.65 -9.55 -15.23
C ARG B 294 5.65 -9.56 -15.24
N MET B 295 4.71 -10.01 -14.39
CA MET B 295 3.64 -10.88 -14.85
C MET B 295 2.71 -10.19 -15.84
N ALA B 296 2.72 -8.86 -15.88
CA ALA B 296 1.86 -8.14 -16.80
C ALA B 296 2.54 -7.78 -18.12
N GLN B 297 3.86 -7.93 -18.20
CA GLN B 297 4.63 -7.48 -19.37
C GLN B 297 4.68 -8.58 -20.43
N ASP B 298 4.29 -8.23 -21.65
CA ASP B 298 4.24 -9.19 -22.75
C ASP B 298 5.61 -9.52 -23.31
N PHE B 299 6.61 -8.68 -23.06
CA PHE B 299 7.98 -8.98 -23.47
C PHE B 299 8.74 -9.79 -22.44
N SER B 300 8.12 -10.08 -21.29
CA SER B 300 8.72 -10.89 -20.24
C SER B 300 8.01 -12.21 -20.02
N TYR B 301 6.68 -12.24 -20.17
CA TYR B 301 5.89 -13.45 -20.00
C TYR B 301 5.36 -13.88 -21.36
N ARG B 302 5.67 -15.14 -21.73
CA ARG B 302 5.15 -15.67 -22.98
C ARG B 302 3.63 -15.71 -22.99
N TYR B 303 3.02 -15.91 -21.83
CA TYR B 303 1.57 -15.89 -21.67
C TYR B 303 1.29 -15.06 -20.43
N PRO B 304 1.13 -13.75 -20.57
CA PRO B 304 0.98 -12.88 -19.40
C PRO B 304 -0.17 -13.32 -18.51
N LEU B 305 0.07 -13.26 -17.21
CA LEU B 305 -0.93 -13.63 -16.21
C LEU B 305 -1.66 -12.43 -15.62
N VAL B 306 -1.21 -11.21 -15.91
CA VAL B 306 -1.80 -10.00 -15.36
C VAL B 306 -2.14 -9.04 -16.47
N ASP B 307 -3.33 -8.45 -16.40
CA ASP B 307 -3.77 -7.42 -17.32
C ASP B 307 -3.61 -6.08 -16.62
N GLY B 308 -2.72 -5.24 -17.14
CA GLY B 308 -2.33 -4.01 -16.49
C GLY B 308 -2.94 -2.80 -17.19
N GLN B 309 -3.35 -1.82 -16.39
CA GLN B 309 -3.85 -0.54 -16.86
C GLN B 309 -2.85 0.51 -16.40
N GLY B 310 -2.17 1.14 -17.36
CA GLY B 310 -1.19 2.15 -17.05
C GLY B 310 0.19 1.85 -17.63
N ASN B 311 1.22 2.44 -17.03
CA ASN B 311 2.60 2.28 -17.49
C ASN B 311 3.26 1.15 -16.73
N PHE B 312 3.47 0.01 -17.41
CA PHE B 312 4.10 -1.16 -16.81
C PHE B 312 5.49 -1.43 -17.39
N GLY B 313 6.17 -0.37 -17.83
CA GLY B 313 7.55 -0.50 -18.28
C GLY B 313 7.69 -0.71 -19.77
N SER B 314 8.94 -0.85 -20.18
CA SER B 314 9.27 -1.07 -21.59
C SER B 314 10.54 -1.92 -21.66
N MET B 315 10.94 -2.27 -22.89
CA MET B 315 12.15 -3.04 -23.10
C MET B 315 13.41 -2.26 -22.79
N ASP B 316 13.33 -0.93 -22.67
CA ASP B 316 14.48 -0.08 -22.41
C ASP B 316 14.80 0.04 -20.93
N GLY B 317 14.43 -0.95 -20.12
CA GLY B 317 14.69 -0.90 -18.70
C GLY B 317 13.79 0.01 -17.91
N ASP B 318 12.97 0.81 -18.58
CA ASP B 318 12.04 1.70 -17.90
C ASP B 318 11.17 0.92 -16.94
N GLY B 319 11.27 1.22 -15.66
CA GLY B 319 10.44 0.58 -14.67
C GLY B 319 8.98 0.97 -14.84
N ALA B 320 8.13 0.31 -14.06
CA ALA B 320 6.72 0.64 -14.09
C ALA B 320 6.44 1.89 -13.28
N ALA B 321 5.34 2.55 -13.61
CA ALA B 321 4.88 3.68 -12.81
C ALA B 321 4.62 3.23 -11.38
N ALA B 322 4.70 4.19 -10.46
CA ALA B 322 4.37 3.90 -9.07
C ALA B 322 3.01 3.22 -8.99
N MET B 323 2.88 2.29 -8.05
N MET B 323 2.87 2.30 -8.04
CA MET B 323 1.65 1.52 -7.93
CA MET B 323 1.64 1.52 -7.96
C MET B 323 0.43 2.41 -7.73
C MET B 323 0.45 2.33 -7.43
N ARG B 324 0.62 3.64 -7.20
CA ARG B 324 -0.53 4.49 -6.93
C ARG B 324 -1.20 4.98 -8.20
N PHE B 325 -0.59 4.77 -9.37
CA PHE B 325 -1.18 5.17 -10.64
C PHE B 325 -1.74 4.02 -11.45
N THR B 326 -1.18 2.82 -11.31
CA THR B 326 -1.53 1.70 -12.17
C THR B 326 -2.65 0.86 -11.54
N GLU B 327 -3.34 0.11 -12.40
CA GLU B 327 -4.35 -0.83 -11.97
C GLU B 327 -4.08 -2.18 -12.64
N ALA B 328 -4.77 -3.21 -12.18
CA ALA B 328 -4.50 -4.55 -12.71
C ALA B 328 -5.68 -5.47 -12.42
N ARG B 329 -5.85 -6.46 -13.29
CA ARG B 329 -6.81 -7.53 -13.10
C ARG B 329 -6.22 -8.80 -13.67
N MET B 330 -7.00 -9.87 -13.66
CA MET B 330 -6.55 -11.14 -14.21
C MET B 330 -6.60 -11.12 -15.73
N THR B 331 -5.80 -11.99 -16.33
CA THR B 331 -5.93 -12.36 -17.73
C THR B 331 -6.86 -13.56 -17.84
N LYS B 332 -7.38 -13.79 -19.05
CA LYS B 332 -8.28 -14.93 -19.26
C LYS B 332 -7.60 -16.25 -18.92
N ILE B 333 -6.29 -16.36 -19.15
CA ILE B 333 -5.58 -17.61 -18.91
C ILE B 333 -5.29 -17.81 -17.41
N THR B 334 -5.14 -16.72 -16.67
CA THR B 334 -5.00 -16.84 -15.22
C THR B 334 -6.22 -17.52 -14.63
N LEU B 335 -7.41 -17.24 -15.18
CA LEU B 335 -8.59 -17.98 -14.76
C LEU B 335 -8.36 -19.48 -14.89
N GLU B 336 -7.65 -19.88 -15.94
CA GLU B 336 -7.31 -21.30 -16.09
C GLU B 336 -6.28 -21.74 -15.07
N LEU B 337 -5.45 -20.82 -14.58
CA LEU B 337 -4.55 -21.19 -13.47
C LEU B 337 -5.32 -21.39 -12.18
N LEU B 338 -6.37 -20.60 -11.95
CA LEU B 338 -7.13 -20.66 -10.71
C LEU B 338 -8.40 -21.50 -10.83
N ARG B 339 -8.74 -21.95 -12.04
N ARG B 339 -8.75 -21.94 -12.04
CA ARG B 339 -9.99 -22.68 -12.23
CA ARG B 339 -9.97 -22.72 -12.26
C ARG B 339 -10.07 -23.89 -11.31
C ARG B 339 -10.06 -23.89 -11.30
N ASP B 340 -11.20 -24.02 -10.61
CA ASP B 340 -11.50 -25.13 -9.72
C ASP B 340 -10.70 -25.11 -8.43
N ILE B 341 -10.14 -23.96 -8.04
CA ILE B 341 -9.36 -23.90 -6.81
C ILE B 341 -10.26 -24.02 -5.58
N ASN B 342 -11.54 -23.67 -5.70
N ASN B 342 -11.55 -23.69 -5.73
CA ASN B 342 -12.47 -23.72 -4.59
CA ASN B 342 -12.51 -23.70 -4.64
C ASN B 342 -13.32 -24.99 -4.61
C ASN B 342 -13.32 -24.99 -4.59
N LYS B 343 -12.76 -26.09 -5.11
CA LYS B 343 -13.44 -27.38 -5.17
C LYS B 343 -12.56 -28.47 -4.60
N ASP B 344 -11.85 -28.17 -3.51
CA ASP B 344 -11.00 -29.14 -2.83
C ASP B 344 -10.05 -29.84 -3.80
N THR B 345 -9.58 -29.12 -4.81
CA THR B 345 -8.60 -29.69 -5.73
C THR B 345 -7.19 -29.59 -5.18
N ILE B 346 -6.90 -28.56 -4.37
CA ILE B 346 -5.57 -28.31 -3.85
C ILE B 346 -5.66 -28.09 -2.35
N ASP B 347 -4.58 -28.42 -1.64
CA ASP B 347 -4.53 -28.30 -0.20
C ASP B 347 -4.20 -26.88 0.22
N PHE B 348 -5.06 -26.30 1.05
CA PHE B 348 -4.78 -25.00 1.65
C PHE B 348 -3.96 -25.19 2.93
N ILE B 349 -3.32 -24.10 3.37
CA ILE B 349 -2.47 -24.10 4.55
C ILE B 349 -2.65 -22.78 5.29
N ASP B 350 -2.17 -22.74 6.52
CA ASP B 350 -2.18 -21.52 7.30
C ASP B 350 -1.15 -20.53 6.74
N ASN B 351 -1.42 -19.25 6.98
CA ASN B 351 -0.52 -18.18 6.54
C ASN B 351 0.52 -17.93 7.62
N TYR B 352 1.27 -16.82 7.48
CA TYR B 352 2.39 -16.56 8.37
C TYR B 352 1.96 -16.17 9.77
N ASP B 353 0.82 -15.49 9.90
CA ASP B 353 0.32 -15.05 11.20
C ASP B 353 -0.81 -15.93 11.73
N GLY B 354 -1.25 -16.92 10.95
CA GLY B 354 -2.31 -17.80 11.39
C GLY B 354 -3.70 -17.24 11.33
N ASN B 355 -3.91 -16.12 10.62
CA ASN B 355 -5.21 -15.49 10.50
C ASN B 355 -5.82 -15.65 9.11
N GLU B 356 -5.19 -16.40 8.22
CA GLU B 356 -5.71 -16.58 6.87
C GLU B 356 -5.35 -17.98 6.37
N ARG B 357 -5.98 -18.36 5.27
CA ARG B 357 -5.70 -19.63 4.58
C ARG B 357 -5.23 -19.30 3.18
N GLU B 358 -4.14 -19.93 2.75
CA GLU B 358 -3.60 -19.69 1.43
C GLU B 358 -3.42 -21.00 0.69
N PRO B 359 -3.47 -20.98 -0.65
CA PRO B 359 -3.25 -22.20 -1.42
C PRO B 359 -1.76 -22.55 -1.46
N SER B 360 -1.46 -23.83 -1.22
CA SER B 360 -0.09 -24.31 -1.34
C SER B 360 0.32 -24.46 -2.81
N VAL B 361 -0.65 -24.55 -3.71
CA VAL B 361 -0.37 -24.67 -5.14
C VAL B 361 -1.67 -24.38 -5.87
N LEU B 362 -1.56 -23.86 -7.09
CA LEU B 362 -2.75 -23.62 -7.89
C LEU B 362 -3.07 -24.84 -8.74
N PRO B 363 -4.33 -25.00 -9.16
CA PRO B 363 -4.67 -26.14 -10.03
C PRO B 363 -3.82 -26.19 -11.29
N ALA B 364 -3.51 -25.06 -11.88
CA ALA B 364 -2.64 -24.98 -13.06
C ALA B 364 -3.15 -25.90 -14.18
N ARG B 365 -4.27 -25.49 -14.76
CA ARG B 365 -4.90 -26.29 -15.80
C ARG B 365 -4.14 -26.27 -17.11
N PHE B 366 -3.05 -25.52 -17.21
CA PHE B 366 -2.14 -25.58 -18.33
C PHE B 366 -0.72 -25.58 -17.80
N PRO B 367 0.23 -26.18 -18.53
CA PRO B 367 1.61 -26.28 -18.00
C PRO B 367 2.32 -24.93 -17.94
N ASN B 368 2.25 -24.28 -16.78
CA ASN B 368 2.72 -22.90 -16.65
C ASN B 368 4.24 -22.82 -16.59
N LEU B 369 4.88 -23.72 -15.85
CA LEU B 369 6.33 -23.67 -15.66
C LEU B 369 7.06 -23.53 -16.99
N LEU B 370 6.77 -24.43 -17.93
CA LEU B 370 7.41 -24.37 -19.23
C LEU B 370 6.80 -23.28 -20.11
N ALA B 371 5.52 -22.95 -19.91
CA ALA B 371 4.88 -21.96 -20.75
C ALA B 371 5.54 -20.60 -20.58
N ASN B 372 5.71 -20.16 -19.33
CA ASN B 372 6.30 -18.86 -19.07
C ASN B 372 7.75 -18.95 -18.60
N GLY B 373 8.23 -20.13 -18.27
CA GLY B 373 9.60 -20.29 -17.79
C GLY B 373 9.78 -19.66 -16.44
N ALA B 374 11.01 -19.75 -15.95
CA ALA B 374 11.36 -19.21 -14.64
C ALA B 374 12.81 -18.79 -14.64
N SER B 375 13.22 -18.13 -13.56
CA SER B 375 14.60 -17.73 -13.37
C SER B 375 14.79 -17.22 -11.96
N GLY B 376 15.53 -17.96 -11.13
CA GLY B 376 15.67 -17.60 -9.74
C GLY B 376 17.06 -17.84 -9.20
N ILE B 377 17.52 -16.95 -8.33
CA ILE B 377 18.83 -17.05 -7.69
C ILE B 377 18.57 -17.39 -6.23
N ALA B 378 18.79 -18.65 -5.87
CA ALA B 378 18.57 -19.09 -4.50
C ALA B 378 19.89 -19.11 -3.74
N VAL B 379 20.03 -20.03 -2.80
CA VAL B 379 21.26 -20.22 -2.04
C VAL B 379 21.78 -21.60 -2.40
N GLY B 380 23.06 -21.66 -2.79
CA GLY B 380 23.67 -22.91 -3.19
C GLY B 380 23.18 -23.47 -4.50
N MET B 381 22.29 -22.76 -5.20
CA MET B 381 21.76 -23.23 -6.47
C MET B 381 20.92 -22.13 -7.06
N ALA B 382 20.53 -22.31 -8.32
CA ALA B 382 19.71 -21.36 -9.05
C ALA B 382 18.91 -22.13 -10.08
N THR B 383 18.09 -21.39 -10.84
CA THR B 383 17.22 -22.01 -11.83
C THR B 383 17.06 -21.05 -13.00
N ASN B 384 16.96 -21.60 -14.20
CA ASN B 384 16.75 -20.82 -15.42
C ASN B 384 16.03 -21.70 -16.42
N ILE B 385 14.74 -21.46 -16.59
CA ILE B 385 13.89 -22.24 -17.49
C ILE B 385 13.34 -21.30 -18.54
N PRO B 386 13.49 -21.59 -19.83
CA PRO B 386 12.96 -20.71 -20.87
C PRO B 386 11.47 -20.94 -21.08
N PRO B 387 10.78 -19.99 -21.69
CA PRO B 387 9.37 -20.20 -22.05
C PRO B 387 9.25 -21.14 -23.25
N HIS B 388 8.02 -21.55 -23.51
CA HIS B 388 7.71 -22.46 -24.62
C HIS B 388 6.36 -22.09 -25.21
N ASN B 389 6.04 -22.73 -26.33
CA ASN B 389 4.76 -22.53 -26.99
C ASN B 389 3.71 -23.42 -26.31
N LEU B 390 2.57 -22.82 -25.97
CA LEU B 390 1.54 -23.55 -25.23
C LEU B 390 0.95 -24.69 -26.06
N THR B 391 0.72 -24.46 -27.35
CA THR B 391 0.22 -25.52 -28.21
C THR B 391 1.16 -26.71 -28.21
N GLU B 392 2.45 -26.47 -28.44
CA GLU B 392 3.43 -27.55 -28.46
C GLU B 392 3.50 -28.26 -27.12
N LEU B 393 3.50 -27.49 -26.02
CA LEU B 393 3.53 -28.10 -24.70
C LEU B 393 2.34 -29.03 -24.51
N ILE B 394 1.13 -28.55 -24.79
CA ILE B 394 -0.06 -29.36 -24.58
C ILE B 394 -0.01 -30.60 -25.47
N ASN B 395 0.38 -30.44 -26.73
CA ASN B 395 0.52 -31.60 -27.61
C ASN B 395 1.48 -32.62 -27.01
N GLY B 396 2.55 -32.14 -26.37
CA GLY B 396 3.48 -33.06 -25.72
C GLY B 396 2.86 -33.77 -24.53
N VAL B 397 2.05 -33.06 -23.74
CA VAL B 397 1.36 -33.69 -22.62
C VAL B 397 0.39 -34.75 -23.12
N LEU B 398 -0.35 -34.43 -24.18
CA LEU B 398 -1.29 -35.40 -24.75
C LEU B 398 -0.57 -36.64 -25.26
N SER B 399 0.57 -36.44 -25.95
CA SER B 399 1.36 -37.57 -26.40
C SER B 399 1.84 -38.42 -25.23
N LEU B 400 2.22 -37.76 -24.13
CA LEU B 400 2.68 -38.48 -22.95
C LEU B 400 1.55 -39.26 -22.29
N SER B 401 0.33 -38.71 -22.31
CA SER B 401 -0.81 -39.39 -21.70
C SER B 401 -1.18 -40.67 -22.46
N LYS B 402 -0.85 -40.75 -23.75
CA LYS B 402 -1.13 -41.93 -24.54
C LYS B 402 0.04 -42.91 -24.58
N ASN B 403 1.15 -42.59 -23.92
CA ASN B 403 2.37 -43.39 -23.97
C ASN B 403 3.29 -43.02 -22.81
N PRO B 404 3.16 -43.67 -21.65
CA PRO B 404 4.10 -43.38 -20.55
C PRO B 404 5.55 -43.62 -20.91
N ASP B 405 5.82 -44.43 -21.92
CA ASP B 405 7.19 -44.77 -22.29
C ASP B 405 7.76 -43.85 -23.37
N ILE B 406 7.10 -42.72 -23.66
CA ILE B 406 7.58 -41.82 -24.70
C ILE B 406 8.96 -41.30 -24.34
N SER B 407 9.79 -41.09 -25.36
CA SER B 407 11.16 -40.62 -25.17
C SER B 407 11.25 -39.11 -25.42
N ILE B 408 12.43 -38.56 -25.14
CA ILE B 408 12.62 -37.12 -25.26
C ILE B 408 12.50 -36.68 -26.72
N ALA B 409 13.07 -37.46 -27.64
CA ALA B 409 13.02 -37.08 -29.06
C ALA B 409 11.59 -37.04 -29.56
N GLU B 410 10.77 -38.03 -29.18
CA GLU B 410 9.38 -38.02 -29.59
C GLU B 410 8.67 -36.78 -29.05
N LEU B 411 8.89 -36.47 -27.77
CA LEU B 411 8.35 -35.24 -27.22
C LEU B 411 8.79 -34.04 -28.05
N MET B 412 10.06 -34.02 -28.47
CA MET B 412 10.56 -32.91 -29.27
C MET B 412 9.94 -32.85 -30.66
N GLU B 413 9.36 -33.96 -31.13
CA GLU B 413 8.56 -33.86 -32.36
C GLU B 413 7.45 -32.83 -32.18
N ASP B 414 6.93 -32.68 -30.97
CA ASP B 414 5.93 -31.66 -30.67
C ASP B 414 6.60 -30.39 -30.14
N ILE B 415 7.43 -30.53 -29.12
CA ILE B 415 8.06 -29.38 -28.45
C ILE B 415 9.39 -29.14 -29.18
N GLU B 416 9.33 -28.34 -30.25
CA GLU B 416 10.52 -28.08 -31.05
C GLU B 416 11.61 -27.44 -30.20
N GLY B 417 11.25 -26.54 -29.31
CA GLY B 417 12.21 -25.86 -28.48
C GLY B 417 11.59 -24.66 -27.78
N PRO B 418 12.42 -23.88 -27.08
CA PRO B 418 11.91 -22.67 -26.44
C PRO B 418 11.19 -21.77 -27.43
N ASP B 419 10.26 -20.97 -26.91
CA ASP B 419 9.51 -20.00 -27.71
C ASP B 419 9.41 -18.73 -26.88
N PHE B 420 10.27 -17.73 -27.18
CA PHE B 420 10.36 -16.53 -26.37
C PHE B 420 9.31 -15.51 -26.78
N PRO B 421 8.80 -14.72 -25.84
CA PRO B 421 7.83 -13.68 -26.22
C PRO B 421 8.40 -12.65 -27.16
N THR B 422 9.72 -12.41 -27.10
CA THR B 422 10.40 -11.46 -27.97
C THR B 422 10.78 -12.05 -29.32
N ALA B 423 10.24 -13.22 -29.67
CA ALA B 423 10.53 -13.88 -30.95
C ALA B 423 12.02 -14.15 -31.01
N GLY B 424 12.73 -13.77 -32.06
CA GLY B 424 14.15 -14.03 -32.17
C GLY B 424 14.44 -15.31 -32.90
N LEU B 425 15.73 -15.69 -32.86
CA LEU B 425 16.22 -16.87 -33.54
C LEU B 425 17.01 -17.74 -32.56
N ILE B 426 17.04 -19.04 -32.84
CA ILE B 426 17.86 -19.98 -32.10
C ILE B 426 18.70 -20.76 -33.11
N LEU B 427 20.00 -20.90 -32.83
CA LEU B 427 20.94 -21.57 -33.71
C LEU B 427 21.14 -23.00 -33.24
N GLY B 428 20.68 -23.96 -34.06
CA GLY B 428 20.91 -25.36 -33.80
C GLY B 428 20.05 -25.93 -32.69
N LYS B 429 19.81 -27.23 -32.76
CA LYS B 429 19.06 -27.96 -31.74
C LYS B 429 19.95 -28.70 -30.75
N SER B 430 21.27 -28.55 -30.85
N SER B 430 21.27 -28.55 -30.85
CA SER B 430 22.17 -29.25 -29.94
CA SER B 430 22.16 -29.26 -29.93
C SER B 430 21.92 -28.83 -28.50
C SER B 430 21.92 -28.84 -28.49
N GLY B 431 21.99 -27.53 -28.23
CA GLY B 431 21.77 -27.04 -26.88
C GLY B 431 20.36 -27.37 -26.39
N ILE B 432 19.36 -27.20 -27.25
CA ILE B 432 18.01 -27.61 -26.90
C ILE B 432 18.00 -29.07 -26.51
N ARG B 433 18.52 -29.94 -27.39
N ARG B 433 18.52 -29.94 -27.38
CA ARG B 433 18.47 -31.38 -27.15
CA ARG B 433 18.46 -31.38 -27.15
C ARG B 433 19.10 -31.74 -25.81
C ARG B 433 19.10 -31.74 -25.81
N ARG B 434 20.32 -31.24 -25.57
CA ARG B 434 21.00 -31.57 -24.32
C ARG B 434 20.24 -31.02 -23.12
N ALA B 435 19.62 -29.85 -23.27
CA ALA B 435 18.89 -29.26 -22.15
C ALA B 435 17.65 -30.09 -21.80
N TYR B 436 16.91 -30.53 -22.83
CA TYR B 436 15.73 -31.37 -22.59
C TYR B 436 16.11 -32.77 -22.13
N GLU B 437 17.32 -33.24 -22.44
N GLU B 437 17.32 -33.24 -22.45
CA GLU B 437 17.73 -34.58 -22.02
CA GLU B 437 17.76 -34.56 -22.03
C GLU B 437 18.38 -34.61 -20.64
C GLU B 437 18.35 -34.59 -20.63
N THR B 438 18.94 -33.49 -20.17
CA THR B 438 19.61 -33.44 -18.88
C THR B 438 19.16 -32.29 -17.98
N GLY B 439 18.50 -31.26 -18.52
CA GLY B 439 18.12 -30.13 -17.72
C GLY B 439 19.13 -29.00 -17.71
N ARG B 440 20.23 -29.13 -18.45
CA ARG B 440 21.24 -28.09 -18.52
C ARG B 440 21.75 -27.97 -19.94
N GLY B 441 21.89 -26.74 -20.43
CA GLY B 441 22.41 -26.56 -21.77
C GLY B 441 22.33 -25.15 -22.29
N SER B 442 23.36 -24.70 -23.00
CA SER B 442 23.39 -23.36 -23.54
C SER B 442 22.67 -23.32 -24.89
N ILE B 443 21.83 -22.30 -25.07
CA ILE B 443 21.06 -22.11 -26.29
C ILE B 443 21.42 -20.76 -26.88
N GLN B 444 21.87 -20.76 -28.12
CA GLN B 444 22.34 -19.52 -28.75
C GLN B 444 21.14 -18.79 -29.35
N MET B 445 20.78 -17.67 -28.74
CA MET B 445 19.74 -16.79 -29.25
C MET B 445 20.36 -15.68 -30.08
N ARG B 446 19.72 -15.36 -31.20
CA ARG B 446 20.19 -14.31 -32.09
C ARG B 446 19.02 -13.38 -32.45
N SER B 447 19.32 -12.08 -32.49
CA SER B 447 18.34 -11.12 -32.95
C SER B 447 17.94 -11.42 -34.40
N ARG B 448 16.79 -10.91 -34.80
CA ARG B 448 16.37 -10.96 -36.20
C ARG B 448 16.85 -9.68 -36.87
N ALA B 449 17.94 -9.79 -37.62
CA ALA B 449 18.52 -8.65 -38.33
C ALA B 449 18.53 -8.93 -39.82
N VAL B 450 18.49 -7.86 -40.62
CA VAL B 450 18.55 -7.96 -42.07
C VAL B 450 19.40 -6.82 -42.60
N ILE B 451 19.80 -6.96 -43.86
CA ILE B 451 20.59 -5.94 -44.55
C ILE B 451 19.81 -5.52 -45.77
N GLU B 452 19.62 -4.20 -45.90
CA GLU B 452 18.83 -3.64 -46.99
C GLU B 452 19.48 -2.36 -47.47
N GLU B 453 19.06 -1.93 -48.66
CA GLU B 453 19.54 -0.68 -49.24
C GLU B 453 18.79 0.50 -48.60
N ARG B 454 19.42 1.67 -48.68
CA ARG B 454 18.80 2.90 -48.19
C ARG B 454 19.02 4.08 -49.12
N GLY B 455 19.41 3.83 -50.37
CA GLY B 455 19.57 4.89 -51.34
C GLY B 455 21.01 5.32 -51.53
N GLY B 456 21.44 5.43 -52.79
CA GLY B 456 22.78 5.89 -53.09
C GLY B 456 23.86 4.86 -52.86
N GLY B 457 23.57 3.60 -53.13
CA GLY B 457 24.56 2.55 -52.94
C GLY B 457 24.95 2.29 -51.51
N ARG B 458 24.26 2.87 -50.54
CA ARG B 458 24.53 2.65 -49.14
C ARG B 458 23.56 1.63 -48.56
N GLN B 459 23.97 1.01 -47.46
CA GLN B 459 23.21 -0.07 -46.84
C GLN B 459 23.02 0.21 -45.36
N ARG B 460 22.09 -0.54 -44.75
CA ARG B 460 21.85 -0.44 -43.33
C ARG B 460 21.47 -1.82 -42.79
N ILE B 461 21.56 -1.96 -41.48
CA ILE B 461 21.16 -3.18 -40.78
C ILE B 461 19.94 -2.83 -39.95
N VAL B 462 18.85 -3.55 -40.17
CA VAL B 462 17.58 -3.34 -39.47
C VAL B 462 17.38 -4.50 -38.51
N VAL B 463 17.22 -4.18 -37.23
CA VAL B 463 16.93 -5.16 -36.18
C VAL B 463 15.46 -4.99 -35.79
N THR B 464 14.68 -6.07 -35.92
CA THR B 464 13.26 -6.04 -35.60
C THR B 464 12.89 -6.91 -34.40
N GLU B 465 13.77 -7.79 -33.95
CA GLU B 465 13.52 -8.64 -32.80
C GLU B 465 14.82 -8.82 -32.03
N ILE B 466 14.76 -8.63 -30.72
CA ILE B 466 15.95 -8.72 -29.87
C ILE B 466 15.86 -10.01 -29.05
N PRO B 467 16.95 -10.46 -28.43
CA PRO B 467 16.89 -11.69 -27.65
C PRO B 467 16.10 -11.51 -26.36
N PHE B 468 15.79 -12.65 -25.75
CA PHE B 468 15.00 -12.66 -24.53
C PHE B 468 15.81 -12.09 -23.37
N GLN B 469 15.15 -11.26 -22.55
CA GLN B 469 15.74 -10.66 -21.35
C GLN B 469 16.87 -9.69 -21.68
N VAL B 470 16.84 -9.07 -22.85
CA VAL B 470 17.85 -8.10 -23.26
C VAL B 470 17.27 -6.70 -23.16
N ASN B 471 18.03 -5.78 -22.58
CA ASN B 471 17.63 -4.38 -22.51
C ASN B 471 18.00 -3.67 -23.80
N LYS B 472 16.99 -3.22 -24.55
CA LYS B 472 17.23 -2.64 -25.86
C LYS B 472 18.09 -1.39 -25.76
N ALA B 473 17.72 -0.48 -24.84
CA ALA B 473 18.47 0.76 -24.69
C ALA B 473 19.92 0.49 -24.31
N ARG B 474 20.15 -0.49 -23.42
CA ARG B 474 21.52 -0.82 -23.04
C ARG B 474 22.30 -1.39 -24.22
N MET B 475 21.66 -2.23 -25.03
CA MET B 475 22.31 -2.73 -26.23
C MET B 475 22.73 -1.59 -27.15
N ILE B 476 21.80 -0.69 -27.46
CA ILE B 476 22.11 0.43 -28.34
C ILE B 476 23.23 1.28 -27.74
N GLU B 477 23.21 1.47 -26.42
CA GLU B 477 24.29 2.20 -25.74
C GLU B 477 25.62 1.49 -25.94
N LYS B 478 25.65 0.17 -25.79
CA LYS B 478 26.87 -0.60 -26.00
C LYS B 478 27.40 -0.40 -27.41
N ILE B 479 26.51 -0.50 -28.41
CA ILE B 479 26.94 -0.26 -29.79
C ILE B 479 27.53 1.14 -29.92
N ALA B 480 26.87 2.13 -29.33
CA ALA B 480 27.39 3.50 -29.38
C ALA B 480 28.79 3.57 -28.79
N GLU B 481 29.05 2.80 -27.74
CA GLU B 481 30.40 2.75 -27.17
C GLU B 481 31.39 2.13 -28.14
N LEU B 482 31.04 0.98 -28.71
CA LEU B 482 31.95 0.34 -29.66
C LEU B 482 32.26 1.25 -30.83
N VAL B 483 31.29 2.06 -31.25
CA VAL B 483 31.52 3.00 -32.34
C VAL B 483 32.44 4.12 -31.88
N ARG B 484 32.19 4.66 -30.68
CA ARG B 484 33.01 5.76 -30.20
C ARG B 484 34.46 5.34 -30.03
N ASP B 485 34.68 4.20 -29.37
CA ASP B 485 36.03 3.69 -29.13
C ASP B 485 36.65 3.06 -30.37
N LYS B 486 35.97 3.10 -31.51
CA LYS B 486 36.50 2.54 -32.76
C LYS B 486 36.81 1.05 -32.63
N LYS B 487 36.07 0.35 -31.76
CA LYS B 487 36.21 -1.10 -31.62
C LYS B 487 35.43 -1.86 -32.68
N ILE B 488 34.69 -1.16 -33.54
CA ILE B 488 34.00 -1.76 -34.68
C ILE B 488 33.92 -0.71 -35.76
N ASP B 489 34.25 -1.10 -36.99
CA ASP B 489 34.32 -0.18 -38.11
C ASP B 489 33.21 -0.48 -39.11
N GLY B 490 32.77 0.57 -39.80
CA GLY B 490 31.75 0.47 -40.84
C GLY B 490 30.42 1.09 -40.48
N ILE B 491 30.20 1.41 -39.21
CA ILE B 491 28.92 1.98 -38.77
C ILE B 491 29.03 3.50 -38.80
N THR B 492 28.04 4.14 -39.42
CA THR B 492 28.01 5.59 -39.53
C THR B 492 26.94 6.24 -38.66
N ASP B 493 25.80 5.59 -38.49
CA ASP B 493 24.71 6.13 -37.69
C ASP B 493 24.03 4.98 -36.97
N LEU B 494 23.30 5.31 -35.89
CA LEU B 494 22.66 4.30 -35.05
C LEU B 494 21.40 4.92 -34.44
N ARG B 495 20.25 4.65 -35.07
CA ARG B 495 18.97 5.19 -34.65
C ARG B 495 18.08 4.09 -34.09
N ASP B 496 17.09 4.51 -33.29
CA ASP B 496 16.10 3.61 -32.73
C ASP B 496 14.72 4.13 -33.14
N GLU B 497 14.22 3.64 -34.27
CA GLU B 497 12.94 4.06 -34.81
C GLU B 497 11.77 3.25 -34.25
N THR B 498 11.97 2.59 -33.11
CA THR B 498 10.92 1.79 -32.51
C THR B 498 9.68 2.66 -32.21
N SER B 499 8.52 2.04 -32.32
CA SER B 499 7.25 2.70 -32.01
C SER B 499 6.18 1.63 -31.87
N LEU B 500 5.05 2.03 -31.29
CA LEU B 500 3.94 1.11 -31.11
C LEU B 500 3.30 0.73 -32.45
N ARG B 501 3.34 1.63 -33.43
CA ARG B 501 2.73 1.38 -34.71
C ARG B 501 3.62 0.59 -35.67
N THR B 502 4.83 0.21 -35.24
CA THR B 502 5.72 -0.55 -36.11
C THR B 502 6.38 -1.68 -35.33
N GLY B 503 6.60 -1.47 -34.04
CA GLY B 503 7.34 -2.42 -33.23
C GLY B 503 8.81 -2.10 -33.15
N VAL B 504 9.57 -3.06 -32.60
CA VAL B 504 11.02 -2.90 -32.48
C VAL B 504 11.60 -2.66 -33.87
N ARG B 505 12.40 -1.58 -33.99
CA ARG B 505 13.04 -1.25 -35.25
C ARG B 505 14.28 -0.41 -34.92
N VAL B 506 15.44 -1.06 -34.88
CA VAL B 506 16.72 -0.39 -34.65
C VAL B 506 17.47 -0.36 -35.97
N VAL B 507 17.88 0.84 -36.39
CA VAL B 507 18.56 1.05 -37.67
C VAL B 507 20.03 1.33 -37.41
N ILE B 508 20.89 0.69 -38.20
CA ILE B 508 22.33 0.80 -38.07
C ILE B 508 22.87 1.12 -39.46
N ASP B 509 23.11 2.40 -39.74
CA ASP B 509 23.63 2.79 -41.04
C ASP B 509 25.04 2.23 -41.24
N VAL B 510 25.32 1.79 -42.46
CA VAL B 510 26.62 1.23 -42.82
C VAL B 510 27.31 2.20 -43.77
N ARG B 511 28.64 2.29 -43.64
CA ARG B 511 29.40 3.16 -44.53
C ARG B 511 29.44 2.57 -45.93
N LYS B 512 29.34 3.46 -46.92
CA LYS B 512 29.35 3.03 -48.31
C LYS B 512 30.57 2.16 -48.62
N ASP B 513 30.36 1.17 -49.49
CA ASP B 513 31.39 0.25 -49.96
C ASP B 513 31.91 -0.66 -48.85
N ALA B 514 31.26 -0.69 -47.68
CA ALA B 514 31.66 -1.56 -46.59
C ALA B 514 30.75 -2.78 -46.56
N ASN B 515 31.34 -3.95 -46.29
CA ASN B 515 30.55 -5.18 -46.24
C ASN B 515 29.70 -5.18 -44.96
N ALA B 516 28.38 -5.17 -45.14
CA ALA B 516 27.47 -5.11 -43.99
C ALA B 516 27.35 -6.46 -43.28
N SER B 517 27.55 -7.57 -43.98
CA SER B 517 27.51 -8.87 -43.33
C SER B 517 28.64 -9.01 -42.31
N VAL B 518 29.84 -8.53 -42.65
CA VAL B 518 30.95 -8.59 -41.70
C VAL B 518 30.62 -7.75 -40.47
N ILE B 519 30.15 -6.53 -40.68
CA ILE B 519 29.75 -5.69 -39.55
C ILE B 519 28.72 -6.40 -38.70
N LEU B 520 27.76 -7.06 -39.33
CA LEU B 520 26.70 -7.75 -38.58
C LEU B 520 27.29 -8.88 -37.73
N ASN B 521 28.15 -9.70 -38.33
CA ASN B 521 28.80 -10.75 -37.55
C ASN B 521 29.58 -10.17 -36.38
N ASN B 522 30.27 -9.04 -36.61
CA ASN B 522 30.97 -8.37 -35.52
C ASN B 522 30.00 -7.96 -34.41
N LEU B 523 28.82 -7.43 -34.79
CA LEU B 523 27.82 -7.07 -33.79
C LEU B 523 27.37 -8.29 -33.01
N TYR B 524 27.18 -9.42 -33.69
CA TYR B 524 26.83 -10.65 -33.00
C TYR B 524 27.93 -11.09 -32.04
N LYS B 525 29.19 -10.80 -32.37
CA LYS B 525 30.29 -11.24 -31.51
C LYS B 525 30.53 -10.29 -30.34
N GLN B 526 30.17 -9.02 -30.48
CA GLN B 526 30.61 -8.01 -29.53
C GLN B 526 29.47 -7.33 -28.78
N THR B 527 28.21 -7.67 -29.06
CA THR B 527 27.09 -7.01 -28.41
C THR B 527 26.04 -8.02 -27.99
N PRO B 528 25.06 -7.62 -27.17
CA PRO B 528 23.96 -8.53 -26.83
C PRO B 528 23.06 -8.89 -28.00
N LEU B 529 23.33 -8.37 -29.20
CA LEU B 529 22.56 -8.77 -30.37
C LEU B 529 22.49 -10.29 -30.50
N GLN B 530 23.51 -10.99 -30.00
CA GLN B 530 23.47 -12.44 -29.81
C GLN B 530 23.76 -12.73 -28.35
N THR B 531 22.87 -13.51 -27.72
CA THR B 531 23.00 -13.81 -26.30
C THR B 531 22.72 -15.29 -26.09
N SER B 532 23.37 -15.87 -25.09
CA SER B 532 23.18 -17.27 -24.75
C SER B 532 22.20 -17.38 -23.59
N PHE B 533 21.32 -18.39 -23.66
CA PHE B 533 20.43 -18.73 -22.57
C PHE B 533 20.91 -20.05 -21.96
N GLY B 534 21.41 -19.98 -20.73
CA GLY B 534 21.89 -21.17 -20.05
C GLY B 534 20.79 -21.91 -19.32
N VAL B 535 20.11 -22.80 -20.03
CA VAL B 535 19.05 -23.60 -19.43
C VAL B 535 19.63 -24.37 -18.25
N ASN B 536 18.94 -24.29 -17.10
CA ASN B 536 19.32 -24.94 -15.85
C ASN B 536 18.02 -25.24 -15.09
N MET B 537 17.28 -26.24 -15.55
CA MET B 537 15.91 -26.48 -15.10
C MET B 537 15.89 -27.16 -13.74
N ILE B 538 16.02 -26.35 -12.69
CA ILE B 538 15.82 -26.81 -11.32
C ILE B 538 14.48 -26.29 -10.84
N ALA B 539 13.71 -27.15 -10.19
CA ALA B 539 12.40 -26.79 -9.69
C ALA B 539 12.10 -27.62 -8.46
N LEU B 540 11.08 -27.19 -7.70
CA LEU B 540 10.68 -27.90 -6.50
C LEU B 540 9.79 -29.08 -6.88
N VAL B 541 10.21 -30.28 -6.49
CA VAL B 541 9.44 -31.50 -6.63
C VAL B 541 9.27 -32.10 -5.24
N ASN B 542 8.01 -32.30 -4.83
CA ASN B 542 7.70 -32.74 -3.47
C ASN B 542 8.33 -31.81 -2.45
N GLY B 543 8.34 -30.52 -2.78
CA GLY B 543 8.93 -29.53 -1.92
C GLY B 543 10.42 -29.66 -1.75
N ARG B 544 11.11 -30.21 -2.75
CA ARG B 544 12.55 -30.39 -2.66
C ARG B 544 13.19 -29.88 -3.96
N PRO B 545 14.27 -29.13 -3.90
CA PRO B 545 14.92 -28.70 -5.15
C PRO B 545 15.44 -29.89 -5.93
N LYS B 546 15.18 -29.90 -7.23
CA LYS B 546 15.61 -31.01 -8.06
C LYS B 546 15.84 -30.52 -9.49
N LEU B 547 16.93 -30.99 -10.08
CA LEU B 547 17.19 -30.76 -11.49
C LEU B 547 16.41 -31.77 -12.31
N ILE B 548 15.56 -31.28 -13.23
CA ILE B 548 14.65 -32.14 -13.97
C ILE B 548 14.82 -31.89 -15.47
N ASN B 549 14.46 -32.89 -16.26
CA ASN B 549 14.43 -32.79 -17.71
C ASN B 549 13.01 -32.49 -18.17
N LEU B 550 12.84 -32.42 -19.48
CA LEU B 550 11.53 -32.11 -20.05
C LEU B 550 10.50 -33.16 -19.67
N LYS B 551 10.83 -34.44 -19.87
CA LYS B 551 9.86 -35.48 -19.61
C LYS B 551 9.42 -35.49 -18.15
N GLU B 552 10.35 -35.32 -17.22
CA GLU B 552 9.97 -35.31 -15.81
C GLU B 552 9.00 -34.17 -15.51
N ALA B 553 9.30 -32.98 -16.02
CA ALA B 553 8.41 -31.84 -15.83
C ALA B 553 7.01 -32.14 -16.35
N LEU B 554 6.90 -32.58 -17.60
CA LEU B 554 5.60 -32.92 -18.17
C LEU B 554 4.91 -34.00 -17.35
N VAL B 555 5.66 -34.95 -16.81
CA VAL B 555 5.08 -36.05 -16.04
C VAL B 555 4.48 -35.52 -14.75
N HIS B 556 5.27 -34.81 -13.96
CA HIS B 556 4.77 -34.24 -12.71
C HIS B 556 3.55 -33.36 -12.97
N TYR B 557 3.58 -32.59 -14.06
CA TYR B 557 2.42 -31.76 -14.38
C TYR B 557 1.20 -32.63 -14.65
N LEU B 558 1.35 -33.67 -15.47
CA LEU B 558 0.23 -34.52 -15.82
C LEU B 558 -0.35 -35.19 -14.58
N GLU B 559 0.51 -35.73 -13.71
N GLU B 559 0.51 -35.72 -13.70
CA GLU B 559 0.04 -36.28 -12.45
CA GLU B 559 0.03 -36.29 -12.45
C GLU B 559 -0.75 -35.24 -11.65
C GLU B 559 -0.74 -35.25 -11.65
N HIS B 560 -0.23 -34.02 -11.58
CA HIS B 560 -0.95 -32.95 -10.89
C HIS B 560 -2.33 -32.76 -11.49
N GLN B 561 -2.45 -32.83 -12.82
CA GLN B 561 -3.76 -32.70 -13.44
C GLN B 561 -4.68 -33.86 -13.05
N LYS B 562 -4.17 -35.09 -13.11
CA LYS B 562 -4.99 -36.22 -12.70
C LYS B 562 -5.53 -36.01 -11.29
N THR B 563 -4.65 -35.66 -10.34
CA THR B 563 -5.09 -35.42 -8.97
C THR B 563 -6.11 -34.29 -8.90
N VAL B 564 -5.88 -33.21 -9.64
CA VAL B 564 -6.81 -32.08 -9.61
C VAL B 564 -8.20 -32.51 -10.06
N VAL B 565 -8.30 -33.07 -11.26
CA VAL B 565 -9.61 -33.43 -11.80
C VAL B 565 -10.27 -34.48 -10.92
N ARG B 566 -9.48 -35.41 -10.40
CA ARG B 566 -10.00 -36.44 -9.50
C ARG B 566 -10.67 -35.80 -8.29
N ARG B 567 -9.91 -35.00 -7.55
CA ARG B 567 -10.45 -34.35 -6.35
C ARG B 567 -11.63 -33.45 -6.69
N ARG B 568 -11.62 -32.81 -7.86
CA ARG B 568 -12.75 -32.00 -8.28
C ARG B 568 -14.00 -32.86 -8.43
N THR B 569 -13.88 -33.99 -9.11
CA THR B 569 -15.02 -34.89 -9.28
C THR B 569 -15.53 -35.37 -7.94
N GLN B 570 -14.62 -35.71 -7.03
CA GLN B 570 -15.05 -36.14 -5.70
C GLN B 570 -15.82 -35.02 -4.99
N TYR B 571 -15.28 -33.80 -5.01
CA TYR B 571 -15.94 -32.67 -4.38
C TYR B 571 -17.34 -32.46 -4.96
N ASN B 572 -17.45 -32.34 -6.29
CA ASN B 572 -18.74 -32.17 -6.92
C ASN B 572 -19.68 -33.31 -6.59
N LEU B 573 -19.15 -34.50 -6.36
CA LEU B 573 -20.00 -35.63 -6.00
C LEU B 573 -20.58 -35.46 -4.61
N ARG B 574 -19.74 -35.18 -3.61
CA ARG B 574 -20.24 -34.96 -2.25
C ARG B 574 -21.24 -33.81 -2.22
N LYS B 575 -20.92 -32.71 -2.88
CA LYS B 575 -21.84 -31.58 -2.94
C LYS B 575 -23.16 -32.00 -3.56
N ALA B 576 -23.10 -32.65 -4.72
CA ALA B 576 -24.32 -33.04 -5.41
C ALA B 576 -25.17 -33.97 -4.55
N LYS B 577 -24.54 -34.88 -3.81
CA LYS B 577 -25.28 -35.79 -2.96
C LYS B 577 -25.95 -35.04 -1.81
N ASP B 578 -25.25 -34.12 -1.17
CA ASP B 578 -25.86 -33.33 -0.10
C ASP B 578 -27.07 -32.56 -0.62
N ARG B 579 -26.90 -31.86 -1.75
CA ARG B 579 -28.01 -31.13 -2.32
C ARG B 579 -29.15 -32.05 -2.70
N ALA B 580 -28.83 -33.27 -3.15
CA ALA B 580 -29.86 -34.24 -3.46
C ALA B 580 -30.64 -34.62 -2.23
N HIS B 581 -29.96 -34.81 -1.10
N HIS B 581 -29.95 -34.81 -1.11
CA HIS B 581 -30.67 -35.13 0.14
CA HIS B 581 -30.63 -35.12 0.15
C HIS B 581 -31.60 -34.00 0.56
C HIS B 581 -31.59 -34.01 0.55
N ILE B 582 -31.09 -32.77 0.59
CA ILE B 582 -31.94 -31.63 0.93
C ILE B 582 -33.14 -31.57 0.01
N LEU B 583 -32.91 -31.73 -1.29
CA LEU B 583 -34.01 -31.67 -2.24
C LEU B 583 -35.02 -32.79 -2.00
N GLU B 584 -34.54 -33.95 -1.55
CA GLU B 584 -35.47 -35.01 -1.15
C GLU B 584 -36.33 -34.56 0.02
N GLY B 585 -35.70 -33.98 1.05
CA GLY B 585 -36.48 -33.45 2.16
C GLY B 585 -37.54 -32.47 1.71
N LEU B 586 -37.17 -31.54 0.82
CA LEU B 586 -38.13 -30.53 0.38
C LEU B 586 -39.24 -31.15 -0.46
N ARG B 587 -38.91 -32.14 -1.30
CA ARG B 587 -39.94 -32.82 -2.08
C ARG B 587 -40.92 -33.54 -1.17
N ILE B 588 -40.43 -34.16 -0.09
CA ILE B 588 -41.34 -34.72 0.91
C ILE B 588 -42.25 -33.62 1.46
N ALA B 589 -41.66 -32.50 1.86
CA ALA B 589 -42.46 -31.40 2.39
C ALA B 589 -43.57 -31.00 1.43
N LEU B 590 -43.25 -30.92 0.13
CA LEU B 590 -44.26 -30.55 -0.85
C LEU B 590 -45.30 -31.64 -1.04
N ASP B 591 -44.92 -32.91 -0.86
CA ASP B 591 -45.88 -33.99 -0.95
C ASP B 591 -46.83 -34.04 0.24
N HIS B 592 -46.45 -33.45 1.37
CA HIS B 592 -47.29 -33.46 2.55
C HIS B 592 -47.33 -32.08 3.19
N ILE B 593 -47.56 -31.04 2.38
CA ILE B 593 -47.43 -29.68 2.87
C ILE B 593 -48.37 -29.45 4.05
N ASP B 594 -49.60 -29.97 3.97
CA ASP B 594 -50.55 -29.79 5.06
C ASP B 594 -50.04 -30.43 6.35
N GLU B 595 -49.59 -31.68 6.28
CA GLU B 595 -49.02 -32.32 7.45
C GLU B 595 -47.86 -31.51 8.01
N ILE B 596 -46.99 -30.99 7.13
CA ILE B 596 -45.84 -30.20 7.58
C ILE B 596 -46.32 -28.98 8.35
N ILE B 597 -47.16 -28.16 7.71
CA ILE B 597 -47.66 -26.96 8.37
C ILE B 597 -48.25 -27.32 9.73
N SER B 598 -49.09 -28.36 9.77
CA SER B 598 -49.71 -28.75 11.02
C SER B 598 -48.64 -29.09 12.06
N THR B 599 -47.63 -29.86 11.66
CA THR B 599 -46.58 -30.24 12.59
C THR B 599 -45.89 -29.01 13.16
N ILE B 600 -45.64 -28.01 12.32
CA ILE B 600 -44.92 -26.82 12.77
C ILE B 600 -45.80 -25.99 13.71
N ARG B 601 -47.03 -25.67 13.27
CA ARG B 601 -47.88 -24.77 14.03
C ARG B 601 -48.10 -25.26 15.45
N GLU B 602 -48.31 -26.56 15.63
CA GLU B 602 -48.59 -27.12 16.95
C GLU B 602 -47.34 -27.24 17.82
N SER B 603 -46.17 -26.92 17.29
CA SER B 603 -44.92 -26.99 18.06
C SER B 603 -44.62 -25.61 18.63
N ASP B 604 -44.27 -25.56 19.91
CA ASP B 604 -44.01 -24.28 20.56
C ASP B 604 -42.71 -23.66 20.05
N THR B 605 -41.64 -24.44 20.04
CA THR B 605 -40.32 -23.96 19.65
C THR B 605 -39.91 -24.58 18.32
N ASP B 606 -38.85 -24.01 17.73
CA ASP B 606 -38.32 -24.53 16.48
C ASP B 606 -37.60 -25.86 16.70
N LYS B 607 -37.07 -26.08 17.91
CA LYS B 607 -36.45 -27.36 18.22
C LYS B 607 -37.50 -28.47 18.25
N VAL B 608 -38.65 -28.21 18.87
CA VAL B 608 -39.75 -29.18 18.85
C VAL B 608 -40.17 -29.45 17.42
N ALA B 609 -40.27 -28.41 16.59
CA ALA B 609 -40.60 -28.61 15.19
C ALA B 609 -39.58 -29.51 14.50
N MET B 610 -38.29 -29.28 14.78
CA MET B 610 -37.23 -30.14 14.28
C MET B 610 -37.50 -31.60 14.63
N GLU B 611 -37.62 -31.88 15.94
CA GLU B 611 -37.80 -33.25 16.38
C GLU B 611 -39.05 -33.89 15.77
N SER B 612 -40.16 -33.17 15.80
CA SER B 612 -41.42 -33.73 15.29
C SER B 612 -41.32 -34.03 13.80
N LEU B 613 -40.76 -33.10 13.02
CA LEU B 613 -40.59 -33.34 11.59
C LEU B 613 -39.69 -34.55 11.34
N GLN B 614 -38.53 -34.60 12.00
CA GLN B 614 -37.61 -35.71 11.80
C GLN B 614 -38.29 -37.04 12.11
N GLN B 615 -38.99 -37.11 13.24
CA GLN B 615 -39.57 -38.38 13.67
C GLN B 615 -40.77 -38.77 12.80
N ARG B 616 -41.54 -37.78 12.33
CA ARG B 616 -42.76 -38.06 11.60
C ARG B 616 -42.54 -38.26 10.11
N PHE B 617 -41.40 -37.83 9.57
CA PHE B 617 -41.14 -37.96 8.14
C PHE B 617 -39.81 -38.63 7.85
N LYS B 618 -39.18 -39.26 8.85
CA LYS B 618 -37.91 -39.96 8.67
C LYS B 618 -36.90 -39.05 7.99
N LEU B 619 -36.79 -37.82 8.50
CA LEU B 619 -35.91 -36.80 7.94
C LEU B 619 -34.68 -36.63 8.83
N SER B 620 -33.55 -36.33 8.19
CA SER B 620 -32.33 -36.04 8.93
C SER B 620 -32.41 -34.64 9.52
N GLU B 621 -31.44 -34.33 10.39
CA GLU B 621 -31.37 -32.99 10.98
C GLU B 621 -31.36 -31.92 9.89
N LYS B 622 -30.46 -32.06 8.91
CA LYS B 622 -30.29 -31.02 7.90
C LYS B 622 -31.51 -30.91 6.98
N GLN B 623 -32.27 -32.00 6.82
CA GLN B 623 -33.46 -31.93 5.98
C GLN B 623 -34.57 -31.17 6.69
N ALA B 624 -34.87 -31.52 7.94
CA ALA B 624 -35.84 -30.77 8.71
C ALA B 624 -35.42 -29.30 8.82
N GLN B 625 -34.12 -29.05 8.98
CA GLN B 625 -33.63 -27.68 9.02
C GLN B 625 -33.91 -26.97 7.71
N ALA B 626 -33.65 -27.63 6.58
CA ALA B 626 -33.92 -27.01 5.30
C ALA B 626 -35.41 -26.75 5.09
N ILE B 627 -36.26 -27.59 5.66
CA ILE B 627 -37.71 -27.36 5.55
C ILE B 627 -38.12 -26.17 6.41
N LEU B 628 -37.57 -26.07 7.63
CA LEU B 628 -37.88 -24.93 8.48
C LEU B 628 -37.41 -23.61 7.87
N ASP B 629 -36.41 -23.64 6.99
CA ASP B 629 -35.88 -22.43 6.38
C ASP B 629 -36.52 -22.15 5.02
N MET B 630 -37.64 -22.79 4.70
CA MET B 630 -38.27 -22.64 3.40
C MET B 630 -39.19 -21.42 3.43
N ARG B 631 -39.08 -20.56 2.42
CA ARG B 631 -39.92 -19.39 2.30
C ARG B 631 -41.23 -19.77 1.61
N LEU B 632 -42.32 -19.13 2.03
CA LEU B 632 -43.62 -19.48 1.49
C LEU B 632 -43.67 -19.31 -0.03
N ARG B 633 -42.90 -18.37 -0.57
CA ARG B 633 -42.90 -18.18 -2.02
C ARG B 633 -42.52 -19.45 -2.77
N ARG B 634 -41.79 -20.37 -2.12
CA ARG B 634 -41.39 -21.60 -2.79
C ARG B 634 -42.54 -22.58 -2.97
N LEU B 635 -43.73 -22.27 -2.46
CA LEU B 635 -44.89 -23.13 -2.67
C LEU B 635 -45.65 -22.78 -3.95
N THR B 636 -45.32 -21.67 -4.61
CA THR B 636 -45.88 -21.37 -5.91
C THR B 636 -45.48 -22.44 -6.91
N GLY B 637 -46.29 -22.60 -7.95
CA GLY B 637 -46.07 -23.67 -8.91
C GLY B 637 -44.68 -23.70 -9.49
N LEU B 638 -44.23 -22.58 -10.08
CA LEU B 638 -42.94 -22.59 -10.76
C LEU B 638 -41.81 -22.95 -9.81
N GLU B 639 -41.93 -22.61 -8.52
CA GLU B 639 -40.88 -22.96 -7.57
C GLU B 639 -40.81 -24.46 -7.35
N ARG B 640 -41.97 -25.12 -7.25
CA ARG B 640 -42.00 -26.57 -7.16
C ARG B 640 -41.39 -27.19 -8.41
N ASP B 641 -41.76 -26.67 -9.58
CA ASP B 641 -41.16 -27.16 -10.82
C ASP B 641 -39.65 -27.03 -10.77
N LYS B 642 -39.15 -25.87 -10.34
CA LYS B 642 -37.71 -25.66 -10.22
C LYS B 642 -37.08 -26.70 -9.32
N ILE B 643 -37.71 -27.01 -8.18
CA ILE B 643 -37.16 -28.01 -7.27
C ILE B 643 -37.08 -29.37 -7.95
N GLU B 644 -38.17 -29.80 -8.58
CA GLU B 644 -38.18 -31.10 -9.27
C GLU B 644 -37.09 -31.14 -10.33
N ALA B 645 -37.06 -30.16 -11.23
CA ALA B 645 -36.06 -30.13 -12.30
C ALA B 645 -34.66 -30.20 -11.73
N GLU B 646 -34.34 -29.32 -10.77
CA GLU B 646 -33.02 -29.34 -10.16
C GLU B 646 -32.68 -30.71 -9.62
N TYR B 647 -33.68 -31.42 -9.06
CA TYR B 647 -33.42 -32.74 -8.50
C TYR B 647 -33.09 -33.76 -9.59
N ASN B 648 -33.87 -33.76 -10.67
CA ASN B 648 -33.62 -34.72 -11.75
C ASN B 648 -32.27 -34.47 -12.40
N GLU B 649 -32.05 -33.23 -12.87
CA GLU B 649 -30.76 -32.87 -13.43
C GLU B 649 -29.63 -33.24 -12.48
N LEU B 650 -29.85 -33.05 -11.17
CA LEU B 650 -28.81 -33.38 -10.19
C LEU B 650 -28.56 -34.88 -10.15
N LEU B 651 -29.60 -35.70 -10.30
CA LEU B 651 -29.41 -37.14 -10.36
C LEU B 651 -28.58 -37.52 -11.57
N ASN B 652 -28.88 -36.92 -12.72
N ASN B 652 -28.87 -36.92 -12.72
CA ASN B 652 -28.08 -37.17 -13.92
CA ASN B 652 -28.06 -37.18 -13.91
C ASN B 652 -26.61 -36.79 -13.67
C ASN B 652 -26.61 -36.79 -13.67
N TYR B 653 -26.38 -35.58 -13.17
CA TYR B 653 -25.02 -35.12 -12.91
C TYR B 653 -24.29 -36.10 -11.99
N ILE B 654 -24.95 -36.53 -10.92
CA ILE B 654 -24.35 -37.50 -10.02
C ILE B 654 -23.96 -38.76 -10.78
N SER B 655 -24.85 -39.27 -11.61
CA SER B 655 -24.52 -40.48 -12.37
C SER B 655 -23.27 -40.25 -13.22
N GLU B 656 -23.18 -39.10 -13.88
CA GLU B 656 -22.02 -38.81 -14.71
C GLU B 656 -20.74 -38.80 -13.88
N LEU B 657 -20.79 -38.13 -12.72
CA LEU B 657 -19.62 -38.09 -11.84
C LEU B 657 -19.19 -39.50 -11.44
N GLU B 658 -20.12 -40.30 -10.93
CA GLU B 658 -19.78 -41.65 -10.53
C GLU B 658 -19.17 -42.43 -11.70
N THR B 659 -19.67 -42.18 -12.91
CA THR B 659 -19.07 -42.77 -14.11
C THR B 659 -17.61 -42.37 -14.22
N ILE B 660 -17.31 -41.08 -14.03
CA ILE B 660 -15.93 -40.63 -14.11
C ILE B 660 -15.06 -41.33 -13.08
N LEU B 661 -15.55 -41.44 -11.85
CA LEU B 661 -14.74 -42.07 -10.80
C LEU B 661 -14.68 -43.58 -10.92
N ALA B 662 -15.48 -44.19 -11.79
CA ALA B 662 -15.47 -45.64 -11.91
C ALA B 662 -14.25 -46.13 -12.71
N ASP B 663 -14.00 -45.51 -13.86
CA ASP B 663 -12.93 -45.93 -14.76
C ASP B 663 -11.89 -44.82 -14.86
N GLU B 664 -10.61 -45.19 -14.67
CA GLU B 664 -9.53 -44.21 -14.77
C GLU B 664 -9.29 -43.75 -16.20
N GLU B 665 -9.66 -44.55 -17.20
CA GLU B 665 -9.47 -44.13 -18.58
C GLU B 665 -10.41 -42.99 -18.94
N VAL B 666 -11.63 -42.97 -18.38
CA VAL B 666 -12.55 -41.87 -18.64
C VAL B 666 -12.03 -40.59 -17.98
N LEU B 667 -11.48 -40.71 -16.78
CA LEU B 667 -10.85 -39.57 -16.12
C LEU B 667 -9.71 -39.01 -16.97
N LEU B 668 -8.75 -39.87 -17.32
CA LEU B 668 -7.62 -39.43 -18.12
C LEU B 668 -8.08 -38.80 -19.42
N GLN B 669 -9.06 -39.42 -20.09
CA GLN B 669 -9.57 -38.84 -21.33
C GLN B 669 -10.24 -37.50 -21.08
N LEU B 670 -10.79 -37.31 -19.88
CA LEU B 670 -11.37 -36.00 -19.54
C LEU B 670 -10.28 -34.95 -19.38
N VAL B 671 -9.17 -35.30 -18.72
CA VAL B 671 -8.01 -34.41 -18.68
C VAL B 671 -7.55 -34.07 -20.10
N ARG B 672 -7.53 -35.06 -20.99
CA ARG B 672 -7.17 -34.81 -22.38
C ARG B 672 -8.14 -33.82 -23.03
N ASP B 673 -9.44 -34.00 -22.76
CA ASP B 673 -10.44 -33.13 -23.36
C ASP B 673 -10.27 -31.69 -22.89
N GLU B 674 -10.10 -31.50 -21.58
CA GLU B 674 -9.98 -30.14 -21.06
C GLU B 674 -8.68 -29.49 -21.53
N LEU B 675 -7.57 -30.24 -21.51
CA LEU B 675 -6.32 -29.71 -22.03
C LEU B 675 -6.46 -29.32 -23.50
N THR B 676 -7.17 -30.12 -24.29
CA THR B 676 -7.41 -29.76 -25.68
C THR B 676 -8.23 -28.49 -25.78
N GLU B 677 -9.22 -28.33 -24.90
CA GLU B 677 -10.00 -27.10 -24.91
C GLU B 677 -9.11 -25.89 -24.65
N ILE B 678 -8.28 -25.95 -23.61
CA ILE B 678 -7.35 -24.86 -23.33
C ILE B 678 -6.45 -24.60 -24.53
N ARG B 679 -5.96 -25.66 -25.17
CA ARG B 679 -5.09 -25.49 -26.33
C ARG B 679 -5.80 -24.75 -27.45
N ASP B 680 -7.03 -25.15 -27.75
CA ASP B 680 -7.77 -24.52 -28.84
C ASP B 680 -8.15 -23.08 -28.51
N ARG B 681 -8.29 -22.76 -27.22
CA ARG B 681 -8.72 -21.42 -26.84
C ARG B 681 -7.56 -20.44 -26.70
N PHE B 682 -6.45 -20.87 -26.11
CA PHE B 682 -5.33 -19.97 -25.81
C PHE B 682 -4.07 -20.27 -26.61
N GLY B 683 -4.01 -21.39 -27.32
CA GLY B 683 -2.85 -21.68 -28.14
C GLY B 683 -2.59 -20.59 -29.16
N ASP B 684 -1.32 -20.41 -29.50
CA ASP B 684 -0.90 -19.40 -30.47
C ASP B 684 0.27 -19.93 -31.28
N ASP B 685 0.59 -19.21 -32.35
CA ASP B 685 1.68 -19.62 -33.22
C ASP B 685 3.02 -19.40 -32.52
N ARG B 686 4.02 -20.14 -33.00
CA ARG B 686 5.37 -19.98 -32.50
C ARG B 686 5.92 -18.61 -32.92
N ARG B 687 6.73 -18.02 -32.04
CA ARG B 687 7.35 -16.73 -32.30
C ARG B 687 8.83 -16.83 -32.61
N THR B 688 9.56 -17.64 -31.85
CA THR B 688 11.00 -17.79 -32.04
C THR B 688 11.29 -18.86 -33.10
N GLU B 689 12.06 -18.48 -34.10
CA GLU B 689 12.46 -19.41 -35.15
C GLU B 689 13.70 -20.20 -34.74
N ILE B 690 13.71 -21.48 -35.07
CA ILE B 690 14.82 -22.38 -34.77
C ILE B 690 15.44 -22.79 -36.09
N GLN B 691 16.68 -22.36 -36.32
CA GLN B 691 17.39 -22.66 -37.55
C GLN B 691 18.24 -23.91 -37.39
N LEU B 692 18.35 -24.69 -38.48
CA LEU B 692 19.09 -25.93 -38.47
C LEU B 692 20.56 -25.67 -38.78
CL CL E . -14.73 15.28 2.00
MN MN F . 1.46 13.62 -10.48
CL CL G . -33.24 -18.62 0.56
CL CL H . 20.40 -29.56 -5.81
S SO4 I . 3.85 -21.28 -0.17
O1 SO4 I . 4.74 -20.53 0.71
O2 SO4 I . 3.15 -22.28 0.63
O3 SO4 I . 4.62 -21.96 -1.20
O4 SO4 I . 2.87 -20.37 -0.79
MN MN J . 13.74 -6.60 8.45
C02 Y1W K . 13.65 5.79 0.81
C02 Y1W K . 13.05 7.05 -3.89
C03 Y1W K . 12.93 5.67 -0.34
C03 Y1W K . 12.58 6.59 -2.70
C04 Y1W K . 11.62 4.86 -0.35
C04 Y1W K . 11.13 6.10 -2.64
C06 Y1W K . 10.39 5.76 -0.49
C06 Y1W K . 10.99 4.61 -2.29
C07 Y1W K . 9.16 5.00 -0.79
C07 Y1W K . 9.65 4.09 -2.61
C09 Y1W K . 8.55 2.76 -0.21
C09 Y1W K . 7.40 4.59 -2.05
C10 Y1W K . 7.68 2.75 -1.40
C10 Y1W K . 7.39 3.72 -0.86
C12 Y1W K . 5.33 2.97 -2.12
C12 Y1W K . 5.86 2.21 0.34
C13 Y1W K . 3.96 2.40 -1.71
C13 Y1W K . 4.52 1.47 0.31
C14 Y1W K . 3.87 1.28 -0.89
C14 Y1W K . 3.45 1.98 -0.43
C15 Y1W K . 2.58 0.77 -0.52
C15 Y1W K . 2.20 1.28 -0.45
C17 Y1W K . 1.33 -1.09 0.31
C17 Y1W K . -0.18 1.47 -0.75
C18 Y1W K . 0.07 -0.23 0.18
C18 Y1W K . -0.27 0.31 0.25
C20 Y1W K . 1.45 1.35 -0.98
C20 Y1W K . 2.05 0.12 0.25
C21 Y1W K . 1.55 2.50 -1.83
C21 Y1W K . 3.14 -0.39 1.02
C22 Y1W K . 2.79 3.01 -2.18
C22 Y1W K . 4.36 0.29 1.04
C23 Y1W K . 8.13 3.70 -2.44
C23 Y1W K . 8.66 2.97 -0.70
C25 Y1W K . 13.40 6.29 -1.51
C25 Y1W K . 13.43 6.61 -1.57
C26 Y1W K . 12.69 6.19 -2.75
C26 Y1W K . 12.98 6.14 -0.29
C27 Y1W K . 13.17 6.82 -3.90
C27 Y1W K . 13.84 6.16 0.80
C29 Y1W K . 11.12 6.42 -5.06
C29 Y1W K . 12.35 4.79 2.08
C30 Y1W K . 14.36 7.55 -3.84
C30 Y1W K . 15.14 6.64 0.65
C31 Y1W K . 15.07 7.65 -2.64
C31 Y1W K . 15.58 7.10 -0.58
C32 Y1W K . 14.56 7.01 -1.47
C32 Y1W K . 14.70 7.07 -1.71
C34 Y1W K . 14.83 6.54 0.83
C34 Y1W K . 14.36 7.53 -4.01
F01 Y1W K . 13.22 5.21 1.97
F01 Y1W K . 12.24 7.05 -4.99
N11 Y1W K . 6.24 3.07 -0.98
N11 Y1W K . 6.22 2.73 -0.97
N33 Y1W K . 15.28 7.13 -0.29
N33 Y1W K . 15.17 7.53 -2.92
O05 Y1W K . 11.51 4.13 0.84
O05 Y1W K . 10.57 6.29 -3.91
O08 Y1W K . 8.90 4.03 0.28
O08 Y1W K . 8.66 5.14 -2.28
O16 Y1W K . 2.56 -0.38 0.34
O16 Y1W K . 1.12 1.81 -1.22
O19 Y1W K . 0.17 0.89 -0.64
O19 Y1W K . 0.82 -0.56 0.24
O24 Y1W K . 9.32 4.36 -2.09
O24 Y1W K . 9.42 2.84 -1.87
O28 Y1W K . 12.49 6.72 -5.11
O28 Y1W K . 13.42 5.71 2.07
H041 Y1W K . 11.64 4.23 -1.10
H041 Y1W K . 10.64 6.62 -2.00
H062 Y1W K . 10.55 6.40 -1.19
H062 Y1W K . 11.16 4.49 -1.34
H061 Y1W K . 10.26 6.23 0.35
H061 Y1W K . 11.66 4.10 -2.79
H071 Y1W K . 8.42 5.63 -0.84
H071 Y1W K . 9.60 3.91 -3.56
H091 Y1W K . 8.10 2.27 0.50
H091 Y1W K . 7.14 4.06 -2.82
H092 Y1W K . 9.38 2.28 -0.43
H092 Y1W K . 6.76 5.31 -1.92
H101 Y1W K . 7.70 1.86 -1.79
H101 Y1W K . 7.26 4.27 -0.07
H121 Y1W K . 5.73 2.38 -2.77
H121 Y1W K . 5.80 2.95 0.97
H122 Y1W K . 5.21 3.85 -2.51
H122 Y1W K . 6.55 1.60 0.65
H141 Y1W K . 4.65 0.88 -0.57
H141 Y1W K . 3.55 2.76 -0.92
H171 Y1W K . 1.27 -1.60 1.14
H171 Y1W K . -0.73 1.24 -1.52
H172 Y1W K . 1.35 -1.72 -0.43
H172 Y1W K . -0.56 2.25 -0.34
H182 Y1W K . -0.15 0.09 1.08
H182 Y1W K . -1.06 -0.21 0.03
H181 Y1W K . -0.63 -0.79 -0.16
H181 Y1W K . -0.33 0.69 1.13
H211 Y1W K . 0.78 2.91 -2.14
H211 Y1W K . 3.03 -1.18 1.51
H221 Y1W K . 2.85 3.76 -2.74
H221 Y1W K . 5.07 -0.04 1.54
H231 Y1W K . 7.43 4.36 -2.58
H231 Y1W K . 8.44 2.08 -0.38
H232 Y1W K . 8.27 3.21 -3.27
H232 Y1W K . 9.19 3.42 -0.03
H261 Y1W K . 11.89 5.71 -2.79
H261 Y1W K . 12.12 5.82 -0.20
H291 Y1W K . 10.75 6.42 -5.95
H291 Y1W K . 12.17 4.53 3.00
H292 Y1W K . 10.67 7.09 -4.52
H292 Y1W K . 12.59 4.02 1.56
H293 Y1W K . 11.00 5.55 -4.65
H293 Y1W K . 11.56 5.21 1.70
H301 Y1W K . 14.69 7.96 -4.61
H301 Y1W K . 15.72 6.65 1.39
H311 Y1W K . 15.86 8.14 -2.61
H311 Y1W K . 16.45 7.42 -0.67
H341 Y1W K . 15.32 6.62 1.63
H341 Y1W K . 14.68 7.84 -4.82
H111 Y1W K . 6.20 3.90 -0.65
H111 Y1W K . 6.45 2.05 -1.50
H051 Y1W K . 11.28 4.66 1.46
H051 Y1W K . 9.73 6.40 -3.83
#